data_1K47
#
_entry.id   1K47
#
_cell.length_a   231.606
_cell.length_b   231.606
_cell.length_c   88.587
_cell.angle_alpha   90.00
_cell.angle_beta   90.00
_cell.angle_gamma   120.00
#
_symmetry.space_group_name_H-M   'P 63'
#
loop_
_entity.id
_entity.type
_entity.pdbx_description
1 polymer 'phosphomevalonate kinase'
2 water water
#
_entity_poly.entity_id   1
_entity_poly.type   'polypeptide(L)'
_entity_poly.pdbx_seq_one_letter_code
;H(MSE)(MSE)IAVKTCGKLYWAGEYAILEPGQLALIKDIPIY(MSE)RAEIAFSDSYRIYSD(MSE)FDFAVDLRPNPD
YSLIQETIAL(MSE)GDFLAVRGQNLRPFSLAIYGK(MSE)EREGKKFGLGSSGSVVVLVVKALLALYNLSVDQNLLFKL
TSAVLLKRGDNGS(MSE)GDLACIAAEDLVLYQSFDRQKVAAWLEEENLATVLERDWGFSISQVKPTLECDFLVGWTKEV
AVSSH(MSE)VQQIKQNINQNFLTSSKETVVSLVEALEQGKSEKIIEQVEVASKLLEGLSTDIYTPLLRQLKEASQDLQA
VAKSSGAGGGDCGIALSFDAQSTKTLKNRWADLGIELLYQERIGHDDKS
;
_entity_poly.pdbx_strand_id   A,B,C,D,E,F
#
# COMPACT_ATOMS: atom_id res chain seq x y z
N HIS A 1 -19.56 -28.94 -10.35
CA HIS A 1 -18.56 -28.19 -9.51
C HIS A 1 -18.91 -26.72 -9.60
N ILE A 4 -22.19 -21.94 -4.65
CA ILE A 4 -23.47 -21.35 -4.30
C ILE A 4 -23.32 -19.85 -4.08
N ALA A 5 -24.27 -19.06 -4.60
CA ALA A 5 -24.24 -17.60 -4.46
C ALA A 5 -25.40 -17.06 -3.63
N VAL A 6 -25.10 -16.15 -2.70
CA VAL A 6 -26.14 -15.52 -1.89
C VAL A 6 -25.88 -14.02 -1.85
N LYS A 7 -26.89 -13.26 -1.42
CA LYS A 7 -26.78 -11.80 -1.33
C LYS A 7 -27.46 -11.32 -0.05
N THR A 8 -27.03 -10.16 0.43
CA THR A 8 -27.62 -9.56 1.62
C THR A 8 -27.74 -8.06 1.34
N CYS A 9 -28.85 -7.47 1.78
CA CYS A 9 -29.10 -6.05 1.55
C CYS A 9 -28.62 -5.20 2.73
N GLY A 10 -28.97 -3.92 2.66
CA GLY A 10 -28.62 -2.97 3.71
C GLY A 10 -29.89 -2.52 4.42
N LYS A 11 -29.77 -1.52 5.29
CA LYS A 11 -30.93 -1.06 6.02
C LYS A 11 -30.79 0.38 6.46
N LEU A 12 -31.93 1.03 6.67
CA LEU A 12 -31.98 2.40 7.15
C LEU A 12 -33.20 2.52 8.04
N TYR A 13 -33.03 3.14 9.21
CA TYR A 13 -34.13 3.34 10.12
C TYR A 13 -35.04 4.44 9.59
N TRP A 14 -36.33 4.32 9.88
CA TRP A 14 -37.32 5.32 9.46
C TRP A 14 -37.81 6.00 10.72
N ALA A 15 -37.80 5.26 11.83
CA ALA A 15 -38.24 5.81 13.10
C ALA A 15 -37.95 4.80 14.21
N GLY A 16 -37.71 5.29 15.42
CA GLY A 16 -37.43 4.42 16.55
C GLY A 16 -35.99 4.49 17.02
N GLU A 17 -35.15 5.23 16.32
CA GLU A 17 -33.75 5.32 16.70
C GLU A 17 -33.58 5.59 18.19
N TYR A 18 -32.56 4.99 18.79
CA TYR A 18 -32.24 5.13 20.21
C TYR A 18 -33.25 4.56 21.17
N ALA A 19 -34.53 4.85 20.93
CA ALA A 19 -35.60 4.33 21.78
C ALA A 19 -35.60 2.81 21.70
N ILE A 20 -35.25 2.29 20.53
CA ILE A 20 -35.23 0.85 20.27
C ILE A 20 -34.21 0.10 21.14
N LEU A 21 -33.27 0.83 21.71
CA LEU A 21 -32.25 0.22 22.58
C LEU A 21 -32.87 -0.31 23.86
N GLU A 22 -34.06 0.20 24.20
CA GLU A 22 -34.78 -0.22 25.41
C GLU A 22 -35.72 -1.36 25.02
N PRO A 23 -35.54 -2.54 25.64
CA PRO A 23 -36.36 -3.71 25.37
C PRO A 23 -37.86 -3.43 25.34
N GLY A 24 -38.54 -3.94 24.33
CA GLY A 24 -39.97 -3.73 24.22
C GLY A 24 -40.31 -2.52 23.39
N GLN A 25 -39.29 -1.72 23.06
CA GLN A 25 -39.53 -0.53 22.25
C GLN A 25 -39.74 -0.95 20.80
N LEU A 26 -40.21 -0.01 19.99
CA LEU A 26 -40.49 -0.27 18.58
C LEU A 26 -39.66 0.61 17.62
N ALA A 27 -39.40 0.08 16.43
CA ALA A 27 -38.65 0.82 15.42
C ALA A 27 -39.19 0.43 14.05
N LEU A 28 -39.08 1.34 13.09
CA LEU A 28 -39.53 1.09 11.72
C LEU A 28 -38.24 1.09 10.90
N ILE A 29 -37.87 -0.05 10.32
CA ILE A 29 -36.61 -0.13 9.56
C ILE A 29 -36.78 -0.59 8.11
N LYS A 30 -36.20 0.16 7.18
CA LYS A 30 -36.30 -0.14 5.76
C LYS A 30 -35.09 -0.86 5.19
N ASP A 31 -35.34 -1.87 4.35
CA ASP A 31 -34.27 -2.62 3.71
C ASP A 31 -33.89 -1.91 2.41
N ILE A 32 -32.59 -1.86 2.13
CA ILE A 32 -32.08 -1.20 0.92
C ILE A 32 -31.45 -2.23 -0.02
N PRO A 33 -31.89 -2.26 -1.29
CA PRO A 33 -31.39 -3.17 -2.33
C PRO A 33 -29.99 -2.88 -2.86
N ILE A 34 -29.06 -2.58 -1.97
CA ILE A 34 -27.66 -2.35 -2.37
C ILE A 34 -27.07 -3.59 -1.69
N TYR A 35 -26.68 -4.56 -2.49
CA TYR A 35 -26.21 -5.81 -1.94
C TYR A 35 -24.76 -6.13 -1.72
N ARG A 37 -22.40 -9.52 -1.69
CA ARG A 37 -22.50 -10.86 -2.25
C ARG A 37 -21.38 -11.81 -1.83
N ALA A 38 -21.66 -13.10 -1.91
CA ALA A 38 -20.67 -14.11 -1.57
C ALA A 38 -20.91 -15.33 -2.41
N GLU A 39 -19.86 -16.11 -2.62
CA GLU A 39 -19.93 -17.36 -3.36
C GLU A 39 -19.30 -18.36 -2.38
N ILE A 40 -19.84 -19.56 -2.28
CA ILE A 40 -19.28 -20.52 -1.35
C ILE A 40 -19.26 -21.92 -1.92
N ALA A 41 -18.28 -22.71 -1.51
CA ALA A 41 -18.18 -24.08 -1.98
C ALA A 41 -17.16 -24.82 -1.15
N PHE A 42 -17.27 -26.13 -1.10
CA PHE A 42 -16.34 -26.95 -0.36
C PHE A 42 -15.02 -26.96 -1.12
N SER A 43 -13.91 -27.13 -0.40
CA SER A 43 -12.59 -27.17 -1.03
C SER A 43 -11.61 -27.95 -0.15
N ASP A 44 -10.34 -28.02 -0.56
CA ASP A 44 -9.33 -28.76 0.20
C ASP A 44 -8.97 -28.14 1.54
N SER A 45 -9.03 -26.82 1.64
CA SER A 45 -8.70 -26.12 2.89
C SER A 45 -9.64 -24.93 3.05
N TYR A 46 -9.69 -24.34 4.24
CA TYR A 46 -10.54 -23.18 4.48
C TYR A 46 -9.90 -21.91 3.92
N ARG A 47 -10.67 -21.15 3.16
CA ARG A 47 -10.16 -19.91 2.58
C ARG A 47 -11.25 -18.86 2.45
N ILE A 48 -10.87 -17.61 2.64
CA ILE A 48 -11.79 -16.49 2.50
C ILE A 48 -11.17 -15.66 1.39
N TYR A 49 -11.98 -15.25 0.43
CA TYR A 49 -11.49 -14.49 -0.72
C TYR A 49 -12.06 -13.11 -0.99
N SER A 50 -11.36 -12.42 -1.87
CA SER A 50 -11.67 -11.08 -2.35
C SER A 50 -10.96 -11.03 -3.72
N ASP A 51 -11.58 -10.34 -4.67
CA ASP A 51 -11.00 -10.25 -6.01
C ASP A 51 -9.53 -9.84 -6.00
N ASN A 62 -11.18 -7.54 3.54
CA ASN A 62 -11.74 -6.20 3.69
C ASN A 62 -12.70 -6.14 4.89
N PRO A 63 -13.86 -6.82 4.82
CA PRO A 63 -14.78 -6.76 5.96
C PRO A 63 -14.06 -7.27 7.21
N ASP A 64 -14.63 -7.02 8.38
CA ASP A 64 -13.97 -7.47 9.60
C ASP A 64 -13.72 -8.97 9.53
N TYR A 65 -12.44 -9.33 9.50
CA TYR A 65 -12.01 -10.72 9.41
C TYR A 65 -12.43 -11.56 10.61
N SER A 66 -12.26 -11.01 11.82
CA SER A 66 -12.64 -11.76 13.01
C SER A 66 -14.16 -11.95 13.10
N LEU A 67 -14.90 -11.02 12.52
CA LEU A 67 -16.35 -11.09 12.52
C LEU A 67 -16.81 -12.28 11.68
N ILE A 68 -16.18 -12.44 10.52
CA ILE A 68 -16.50 -13.55 9.62
C ILE A 68 -16.14 -14.89 10.27
N GLN A 69 -14.99 -14.93 10.94
CA GLN A 69 -14.49 -16.12 11.62
C GLN A 69 -15.37 -16.55 12.79
N GLU A 70 -15.87 -15.57 13.53
CA GLU A 70 -16.74 -15.84 14.67
C GLU A 70 -18.08 -16.38 14.19
N THR A 71 -18.52 -15.91 13.04
CA THR A 71 -19.79 -16.34 12.48
C THR A 71 -19.63 -17.78 12.01
N ILE A 72 -18.51 -18.06 11.37
CA ILE A 72 -18.24 -19.40 10.89
C ILE A 72 -18.18 -20.35 12.09
N ALA A 73 -17.49 -19.94 13.15
CA ALA A 73 -17.38 -20.77 14.34
C ALA A 73 -18.76 -21.08 14.92
N LEU A 74 -19.59 -20.05 15.08
CA LEU A 74 -20.92 -20.27 15.62
C LEU A 74 -21.72 -21.19 14.72
N GLY A 76 -20.53 -23.54 12.94
CA GLY A 76 -20.01 -24.89 13.10
C GLY A 76 -20.68 -25.54 14.30
N ASP A 77 -21.02 -24.72 15.29
CA ASP A 77 -21.69 -25.21 16.50
C ASP A 77 -23.13 -25.58 16.14
N PHE A 78 -23.80 -24.69 15.44
CA PHE A 78 -25.18 -24.92 15.04
C PHE A 78 -25.29 -26.15 14.13
N LEU A 79 -24.34 -26.31 13.21
CA LEU A 79 -24.38 -27.46 12.31
C LEU A 79 -24.15 -28.74 13.08
N ALA A 80 -23.29 -28.67 14.10
CA ALA A 80 -22.98 -29.80 14.95
C ALA A 80 -24.27 -30.26 15.62
N VAL A 81 -25.05 -29.30 16.10
CA VAL A 81 -26.32 -29.58 16.75
C VAL A 81 -27.27 -30.24 15.73
N ARG A 82 -27.16 -29.85 14.47
CA ARG A 82 -28.00 -30.39 13.40
C ARG A 82 -27.48 -31.73 12.89
N GLY A 83 -26.49 -32.30 13.57
CA GLY A 83 -25.96 -33.58 13.15
C GLY A 83 -25.06 -33.53 11.92
N GLN A 84 -24.46 -32.37 11.66
CA GLN A 84 -23.57 -32.23 10.52
C GLN A 84 -22.23 -31.65 10.95
N ASN A 85 -21.19 -31.88 10.16
CA ASN A 85 -19.87 -31.37 10.50
C ASN A 85 -19.32 -30.35 9.51
N LEU A 86 -18.68 -29.33 10.04
CA LEU A 86 -18.08 -28.28 9.24
C LEU A 86 -16.84 -28.91 8.57
N ARG A 87 -16.69 -28.68 7.26
CA ARG A 87 -15.55 -29.21 6.52
C ARG A 87 -14.92 -28.08 5.75
N PRO A 88 -13.68 -28.26 5.26
CA PRO A 88 -13.03 -27.18 4.51
C PRO A 88 -13.92 -26.62 3.40
N PHE A 89 -14.07 -25.31 3.35
CA PHE A 89 -14.87 -24.68 2.31
C PHE A 89 -14.25 -23.32 2.01
N SER A 90 -14.56 -22.78 0.85
CA SER A 90 -14.04 -21.48 0.45
C SER A 90 -15.16 -20.46 0.29
N LEU A 91 -14.94 -19.28 0.84
CA LEU A 91 -15.92 -18.20 0.81
C LEU A 91 -15.34 -16.94 0.17
N ALA A 92 -16.04 -16.41 -0.81
CA ALA A 92 -15.62 -15.19 -1.49
C ALA A 92 -16.71 -14.15 -1.22
N ILE A 93 -16.29 -12.94 -0.83
CA ILE A 93 -17.21 -11.87 -0.51
C ILE A 93 -16.95 -10.66 -1.40
N TYR A 94 -18.01 -10.12 -1.99
CA TYR A 94 -17.86 -8.97 -2.87
C TYR A 94 -19.17 -8.20 -2.97
N GLY A 95 -19.32 -7.39 -4.01
CA GLY A 95 -20.54 -6.62 -4.16
C GLY A 95 -20.40 -5.15 -3.80
N LYS A 96 -21.31 -4.32 -4.29
CA LYS A 96 -21.30 -2.88 -4.05
C LYS A 96 -21.13 -2.53 -2.57
N GLU A 98 -19.62 -4.22 -0.48
CA GLU A 98 -18.23 -4.56 -0.20
C GLU A 98 -17.20 -3.63 -0.80
N ARG A 99 -17.40 -3.22 -2.05
CA ARG A 99 -16.45 -2.34 -2.72
C ARG A 99 -16.03 -1.14 -1.87
N GLU A 100 -16.98 -0.41 -1.31
CA GLU A 100 -16.64 0.73 -0.47
C GLU A 100 -17.09 0.57 0.98
N GLY A 101 -16.19 -0.01 1.78
CA GLY A 101 -16.40 -0.26 3.19
C GLY A 101 -17.67 0.15 3.89
N LYS A 102 -17.53 1.04 4.87
CA LYS A 102 -18.66 1.52 5.66
C LYS A 102 -19.05 2.99 5.41
N LYS A 103 -18.84 3.47 4.19
CA LYS A 103 -19.17 4.85 3.84
C LYS A 103 -20.60 5.25 4.18
N PHE A 104 -21.53 4.66 3.46
CA PHE A 104 -22.97 4.91 3.52
C PHE A 104 -23.74 4.80 4.84
N GLY A 105 -23.36 3.87 5.71
CA GLY A 105 -24.07 3.70 6.98
C GLY A 105 -25.24 2.75 6.81
N LEU A 106 -25.13 1.84 5.86
CA LEU A 106 -26.19 0.89 5.58
C LEU A 106 -26.10 -0.40 6.39
N GLY A 107 -25.19 -0.44 7.36
CA GLY A 107 -25.05 -1.62 8.20
C GLY A 107 -24.21 -2.72 7.59
N SER A 108 -23.01 -2.37 7.12
CA SER A 108 -22.08 -3.31 6.50
C SER A 108 -21.80 -4.50 7.40
N SER A 109 -21.38 -4.21 8.63
CA SER A 109 -21.05 -5.24 9.59
C SER A 109 -22.18 -6.25 9.78
N GLY A 110 -23.41 -5.74 9.93
CA GLY A 110 -24.54 -6.62 10.11
C GLY A 110 -24.82 -7.46 8.88
N SER A 111 -24.64 -6.86 7.71
CA SER A 111 -24.89 -7.58 6.46
C SER A 111 -23.88 -8.70 6.19
N VAL A 112 -22.67 -8.58 6.71
CA VAL A 112 -21.66 -9.62 6.52
C VAL A 112 -22.04 -10.88 7.34
N VAL A 113 -22.48 -10.66 8.57
CA VAL A 113 -22.86 -11.76 9.47
C VAL A 113 -24.01 -12.55 8.85
N VAL A 114 -25.05 -11.85 8.42
CA VAL A 114 -26.20 -12.51 7.80
C VAL A 114 -25.77 -13.23 6.52
N LEU A 115 -24.86 -12.60 5.80
CA LEU A 115 -24.33 -13.14 4.56
C LEU A 115 -23.61 -14.48 4.77
N VAL A 116 -22.69 -14.52 5.74
CA VAL A 116 -21.94 -15.74 6.02
C VAL A 116 -22.88 -16.86 6.49
N VAL A 117 -23.88 -16.51 7.30
CA VAL A 117 -24.84 -17.48 7.82
C VAL A 117 -25.69 -18.04 6.69
N LYS A 118 -26.16 -17.18 5.79
CA LYS A 118 -26.97 -17.64 4.66
C LYS A 118 -26.10 -18.53 3.80
N ALA A 119 -24.83 -18.14 3.64
CA ALA A 119 -23.88 -18.90 2.84
C ALA A 119 -23.67 -20.31 3.39
N LEU A 120 -23.33 -20.42 4.68
CA LEU A 120 -23.12 -21.74 5.26
C LEU A 120 -24.37 -22.60 5.33
N LEU A 121 -25.52 -22.00 5.63
CA LEU A 121 -26.77 -22.76 5.69
C LEU A 121 -27.02 -23.33 4.29
N ALA A 122 -26.90 -22.50 3.27
CA ALA A 122 -27.12 -22.97 1.90
C ALA A 122 -26.16 -24.12 1.54
N LEU A 123 -24.89 -23.94 1.83
CA LEU A 123 -23.91 -24.98 1.53
C LEU A 123 -24.35 -26.30 2.17
N TYR A 124 -25.05 -26.22 3.31
CA TYR A 124 -25.51 -27.42 3.99
C TYR A 124 -26.98 -27.79 3.79
N ASN A 125 -27.59 -27.28 2.72
CA ASN A 125 -28.97 -27.60 2.41
C ASN A 125 -29.98 -27.26 3.49
N LEU A 126 -29.75 -26.12 4.13
CA LEU A 126 -30.64 -25.64 5.19
C LEU A 126 -31.25 -24.32 4.73
N SER A 127 -32.47 -24.07 5.16
CA SER A 127 -33.15 -22.85 4.79
C SER A 127 -34.07 -22.55 5.97
N VAL A 128 -33.56 -21.78 6.92
CA VAL A 128 -34.29 -21.46 8.14
C VAL A 128 -35.23 -20.28 7.98
N ASP A 129 -36.11 -20.07 8.95
CA ASP A 129 -37.04 -18.97 8.86
C ASP A 129 -36.46 -17.67 9.44
N GLN A 130 -37.13 -16.58 9.10
CA GLN A 130 -36.77 -15.24 9.54
C GLN A 130 -36.26 -15.19 10.99
N ASN A 131 -37.08 -15.65 11.92
CA ASN A 131 -36.67 -15.60 13.32
C ASN A 131 -35.41 -16.39 13.65
N LEU A 132 -35.24 -17.58 13.08
CA LEU A 132 -34.05 -18.36 13.37
C LEU A 132 -32.81 -17.68 12.77
N LEU A 133 -32.95 -17.13 11.57
CA LEU A 133 -31.84 -16.45 10.92
C LEU A 133 -31.44 -15.25 11.76
N PHE A 134 -32.45 -14.60 12.35
CA PHE A 134 -32.22 -13.44 13.20
C PHE A 134 -31.53 -13.90 14.48
N LYS A 135 -31.92 -15.08 14.97
CA LYS A 135 -31.31 -15.60 16.19
C LYS A 135 -29.88 -16.06 15.99
N LEU A 136 -29.58 -16.67 14.85
CA LEU A 136 -28.22 -17.12 14.61
C LEU A 136 -27.29 -15.93 14.46
N THR A 137 -27.71 -14.95 13.66
CA THR A 137 -26.89 -13.76 13.44
C THR A 137 -26.77 -12.94 14.72
N SER A 138 -27.87 -12.65 15.41
CA SER A 138 -27.75 -11.88 16.65
C SER A 138 -26.82 -12.60 17.63
N ALA A 139 -26.88 -13.92 17.66
CA ALA A 139 -26.05 -14.68 18.58
C ALA A 139 -24.56 -14.37 18.45
N VAL A 140 -24.09 -14.23 17.21
CA VAL A 140 -22.68 -13.94 16.99
C VAL A 140 -22.30 -12.60 17.61
N LEU A 141 -23.14 -11.61 17.40
CA LEU A 141 -22.90 -10.28 17.93
C LEU A 141 -23.02 -10.29 19.45
N LEU A 142 -24.01 -11.01 19.97
CA LEU A 142 -24.17 -11.08 21.41
C LEU A 142 -22.93 -11.68 22.07
N LYS A 143 -22.42 -12.78 21.50
CA LYS A 143 -21.23 -13.41 22.04
C LYS A 143 -20.06 -12.44 21.97
N ARG A 144 -20.16 -11.49 21.05
CA ARG A 144 -19.12 -10.48 20.84
C ARG A 144 -19.16 -9.32 21.84
N GLY A 145 -20.20 -9.27 22.66
CA GLY A 145 -20.33 -8.21 23.63
C GLY A 145 -21.21 -7.07 23.14
N ASP A 146 -21.59 -7.13 21.86
CA ASP A 146 -22.43 -6.10 21.28
C ASP A 146 -23.76 -5.98 22.04
N ASN A 147 -24.27 -4.76 22.16
CA ASN A 147 -25.52 -4.51 22.87
C ASN A 147 -26.50 -3.64 22.10
N GLY A 148 -26.21 -3.39 20.83
CA GLY A 148 -27.10 -2.59 20.00
C GLY A 148 -28.47 -3.25 19.99
N SER A 149 -29.45 -2.57 19.41
CA SER A 149 -30.81 -3.10 19.37
C SER A 149 -31.00 -4.38 18.53
N GLY A 151 -31.73 -4.23 15.42
CA GLY A 151 -32.78 -3.93 14.46
C GLY A 151 -32.28 -4.07 13.03
N ASP A 152 -31.01 -3.78 12.82
CA ASP A 152 -30.44 -3.90 11.48
C ASP A 152 -30.56 -5.35 11.00
N LEU A 153 -30.15 -6.31 11.82
CA LEU A 153 -30.25 -7.71 11.44
C LEU A 153 -31.70 -8.11 11.18
N ALA A 154 -32.63 -7.57 11.98
CA ALA A 154 -34.05 -7.89 11.79
C ALA A 154 -34.48 -7.47 10.39
N CYS A 155 -34.14 -6.26 10.03
CA CYS A 155 -34.50 -5.75 8.71
C CYS A 155 -33.80 -6.53 7.60
N ILE A 156 -32.52 -6.82 7.79
CA ILE A 156 -31.72 -7.55 6.81
C ILE A 156 -32.09 -9.03 6.66
N ALA A 157 -32.50 -9.65 7.76
CA ALA A 157 -32.89 -11.05 7.70
C ALA A 157 -34.24 -11.21 7.02
N ALA A 158 -35.03 -10.14 7.04
CA ALA A 158 -36.37 -10.16 6.44
C ALA A 158 -36.46 -9.48 5.07
N GLU A 159 -35.51 -8.60 4.77
CA GLU A 159 -35.53 -7.89 3.48
C GLU A 159 -36.90 -7.27 3.16
N ASP A 160 -37.48 -6.59 4.14
CA ASP A 160 -38.77 -5.91 3.99
C ASP A 160 -38.76 -4.69 4.89
N LEU A 161 -39.72 -3.78 4.69
CA LEU A 161 -39.84 -2.65 5.59
C LEU A 161 -40.43 -3.42 6.75
N VAL A 162 -39.82 -3.35 7.92
CA VAL A 162 -40.35 -4.11 9.04
C VAL A 162 -40.53 -3.29 10.29
N LEU A 163 -41.44 -3.76 11.13
CA LEU A 163 -41.72 -3.15 12.43
C LEU A 163 -40.96 -4.11 13.36
N TYR A 164 -40.07 -3.56 14.17
CA TYR A 164 -39.27 -4.40 15.04
C TYR A 164 -39.49 -4.06 16.49
N GLN A 165 -39.64 -5.09 17.31
CA GLN A 165 -39.80 -4.90 18.75
C GLN A 165 -38.56 -5.58 19.32
N SER A 166 -37.68 -4.78 19.91
CA SER A 166 -36.43 -5.28 20.46
C SER A 166 -36.61 -6.25 21.63
N PHE A 167 -35.49 -6.79 22.10
CA PHE A 167 -35.50 -7.73 23.21
C PHE A 167 -34.37 -7.36 24.16
N ASP A 168 -34.28 -8.06 25.29
CA ASP A 168 -33.23 -7.78 26.24
C ASP A 168 -31.98 -8.57 25.83
N ARG A 169 -30.96 -7.87 25.35
CA ARG A 169 -29.72 -8.52 24.91
C ARG A 169 -28.90 -9.08 26.04
N GLN A 170 -28.75 -8.32 27.13
CA GLN A 170 -27.99 -8.79 28.28
C GLN A 170 -28.51 -10.16 28.68
N LYS A 171 -29.83 -10.28 28.75
CA LYS A 171 -30.48 -11.52 29.14
C LYS A 171 -30.03 -12.65 28.21
N VAL A 172 -30.30 -12.51 26.93
CA VAL A 172 -29.94 -13.54 25.97
C VAL A 172 -28.42 -13.78 25.91
N ALA A 173 -27.65 -12.72 26.11
CA ALA A 173 -26.20 -12.82 26.07
C ALA A 173 -25.69 -13.67 27.25
N ALA A 174 -26.38 -13.58 28.37
CA ALA A 174 -26.02 -14.36 29.55
C ALA A 174 -26.39 -15.82 29.28
N TRP A 175 -27.52 -16.02 28.61
CA TRP A 175 -27.97 -17.36 28.26
C TRP A 175 -26.91 -18.08 27.43
N LEU A 176 -26.32 -17.37 26.47
CA LEU A 176 -25.30 -17.94 25.58
C LEU A 176 -24.02 -18.37 26.27
N GLU A 177 -23.76 -17.85 27.46
CA GLU A 177 -22.54 -18.23 28.18
C GLU A 177 -22.87 -19.27 29.26
N GLU A 178 -24.16 -19.55 29.44
CA GLU A 178 -24.61 -20.49 30.46
C GLU A 178 -25.24 -21.76 29.88
N GLU A 179 -25.94 -21.61 28.77
CA GLU A 179 -26.59 -22.75 28.14
C GLU A 179 -25.92 -23.07 26.83
N ASN A 180 -26.27 -24.20 26.24
CA ASN A 180 -25.71 -24.60 24.96
C ASN A 180 -26.60 -24.02 23.86
N LEU A 181 -25.98 -23.66 22.75
CA LEU A 181 -26.69 -23.06 21.62
C LEU A 181 -28.10 -23.59 21.37
N ALA A 182 -28.24 -24.90 21.28
CA ALA A 182 -29.56 -25.49 21.03
C ALA A 182 -30.59 -25.00 22.06
N THR A 183 -30.17 -24.91 23.31
CA THR A 183 -31.07 -24.47 24.36
C THR A 183 -31.49 -23.01 24.20
N VAL A 184 -30.55 -22.16 23.79
CA VAL A 184 -30.84 -20.75 23.64
C VAL A 184 -31.76 -20.48 22.45
N LEU A 185 -31.49 -21.17 21.34
CA LEU A 185 -32.27 -21.03 20.11
C LEU A 185 -33.72 -21.47 20.24
N GLU A 186 -33.97 -22.35 21.20
CA GLU A 186 -35.32 -22.86 21.45
C GLU A 186 -36.15 -21.87 22.28
N ARG A 187 -35.53 -21.25 23.28
CA ARG A 187 -36.23 -20.31 24.14
C ARG A 187 -36.87 -19.14 23.39
N ASP A 188 -37.65 -18.37 24.13
CA ASP A 188 -38.33 -17.20 23.59
C ASP A 188 -37.52 -15.97 23.99
N TRP A 189 -37.00 -15.26 23.00
CA TRP A 189 -36.17 -14.08 23.27
C TRP A 189 -36.99 -12.83 23.57
N GLY A 190 -38.21 -12.78 23.03
CA GLY A 190 -39.08 -11.65 23.31
C GLY A 190 -39.04 -10.54 22.28
N PHE A 191 -38.58 -10.86 21.07
CA PHE A 191 -38.50 -9.88 20.01
C PHE A 191 -39.63 -10.18 19.04
N SER A 192 -39.89 -9.25 18.13
CA SER A 192 -40.94 -9.42 17.17
C SER A 192 -40.55 -8.72 15.89
N ILE A 193 -40.77 -9.40 14.76
CA ILE A 193 -40.46 -8.84 13.44
C ILE A 193 -41.66 -9.01 12.52
N SER A 194 -42.25 -7.90 12.07
CA SER A 194 -43.40 -8.00 11.17
C SER A 194 -43.30 -6.98 10.04
N GLN A 195 -43.63 -7.42 8.83
CA GLN A 195 -43.57 -6.57 7.66
C GLN A 195 -44.64 -5.47 7.72
N VAL A 196 -44.34 -4.33 7.09
CA VAL A 196 -45.28 -3.20 7.03
C VAL A 196 -45.47 -2.88 5.56
N LYS A 197 -46.72 -2.91 5.10
CA LYS A 197 -47.04 -2.64 3.70
C LYS A 197 -47.82 -1.34 3.49
N PRO A 198 -47.12 -0.26 3.09
CA PRO A 198 -47.81 1.01 2.88
C PRO A 198 -48.83 0.85 1.74
N THR A 199 -49.95 1.54 1.85
CA THR A 199 -50.99 1.46 0.82
C THR A 199 -51.04 2.72 -0.03
N LEU A 200 -49.90 3.39 -0.17
CA LEU A 200 -49.80 4.61 -0.98
C LEU A 200 -48.60 4.50 -1.89
N GLU A 201 -48.60 5.28 -2.96
CA GLU A 201 -47.48 5.26 -3.89
C GLU A 201 -46.74 6.58 -3.80
N CYS A 202 -45.51 6.53 -3.32
CA CYS A 202 -44.69 7.73 -3.19
C CYS A 202 -43.25 7.37 -3.45
N ASP A 203 -42.42 8.40 -3.57
CA ASP A 203 -40.99 8.19 -3.83
C ASP A 203 -40.20 8.23 -2.53
N PHE A 204 -39.33 7.24 -2.35
CA PHE A 204 -38.48 7.17 -1.17
C PHE A 204 -37.07 7.51 -1.68
N LEU A 205 -36.46 8.51 -1.05
CA LEU A 205 -35.13 8.97 -1.43
C LEU A 205 -34.16 8.92 -0.25
N VAL A 206 -32.91 8.56 -0.54
CA VAL A 206 -31.87 8.51 0.48
C VAL A 206 -30.80 9.52 0.10
N GLY A 207 -30.58 10.50 0.96
CA GLY A 207 -29.56 11.51 0.70
C GLY A 207 -28.35 11.26 1.57
N TRP A 208 -27.19 11.08 0.96
CA TRP A 208 -25.98 10.84 1.73
C TRP A 208 -25.19 12.13 1.90
N THR A 209 -24.98 12.54 3.15
CA THR A 209 -24.25 13.78 3.46
C THR A 209 -22.75 13.66 3.32
N LYS A 210 -22.24 12.46 3.08
CA LYS A 210 -20.81 12.26 2.92
C LYS A 210 -20.06 12.55 4.22
N GLU A 211 -20.79 12.62 5.33
CA GLU A 211 -20.16 12.90 6.61
C GLU A 211 -20.10 11.68 7.53
N VAL A 212 -19.04 11.62 8.33
CA VAL A 212 -18.84 10.51 9.27
C VAL A 212 -19.90 10.61 10.35
N ALA A 213 -20.40 9.46 10.80
CA ALA A 213 -21.44 9.44 11.82
C ALA A 213 -20.85 9.63 13.22
N VAL A 214 -21.72 9.93 14.18
CA VAL A 214 -21.29 10.13 15.56
C VAL A 214 -20.49 8.93 16.08
N SER A 215 -19.45 9.22 16.85
CA SER A 215 -18.58 8.18 17.40
C SER A 215 -19.20 7.54 18.63
N SER A 216 -18.36 6.85 19.42
CA SER A 216 -18.80 6.18 20.64
C SER A 216 -19.13 7.17 21.76
N HIS A 217 -18.21 8.10 22.03
CA HIS A 217 -18.43 9.08 23.08
C HIS A 217 -19.72 9.85 22.89
N VAL A 219 -22.14 8.97 21.17
CA VAL A 219 -23.24 8.00 21.21
C VAL A 219 -23.71 7.78 22.64
N GLN A 220 -22.78 7.41 23.52
CA GLN A 220 -23.12 7.19 24.92
C GLN A 220 -23.82 8.42 25.46
N GLN A 221 -23.20 9.58 25.24
CA GLN A 221 -23.73 10.85 25.72
C GLN A 221 -25.20 11.00 25.33
N ILE A 222 -25.54 10.66 24.09
CA ILE A 222 -26.91 10.78 23.59
C ILE A 222 -27.90 9.88 24.32
N LYS A 223 -27.63 8.58 24.36
CA LYS A 223 -28.53 7.66 25.03
C LYS A 223 -28.72 8.03 26.50
N GLN A 224 -27.68 8.58 27.12
CA GLN A 224 -27.78 8.97 28.52
C GLN A 224 -28.90 9.99 28.68
N ASN A 225 -29.25 10.66 27.59
CA ASN A 225 -30.32 11.66 27.60
C ASN A 225 -31.69 11.00 27.47
N ILE A 226 -31.72 9.72 27.12
CA ILE A 226 -32.98 9.01 26.96
C ILE A 226 -33.72 8.98 28.29
N ASN A 227 -35.00 9.33 28.26
CA ASN A 227 -35.83 9.33 29.45
C ASN A 227 -37.23 8.86 29.05
N GLN A 228 -38.07 8.56 30.05
CA GLN A 228 -39.41 8.06 29.79
C GLN A 228 -40.32 8.78 28.79
N ASN A 229 -40.32 10.11 28.78
CA ASN A 229 -41.19 10.80 27.83
C ASN A 229 -40.77 10.44 26.41
N PHE A 230 -39.46 10.38 26.18
CA PHE A 230 -38.91 10.03 24.87
C PHE A 230 -39.42 8.66 24.43
N LEU A 231 -39.15 7.65 25.26
CA LEU A 231 -39.56 6.28 24.98
C LEU A 231 -41.06 6.16 24.71
N THR A 232 -41.86 6.76 25.59
CA THR A 232 -43.32 6.72 25.44
C THR A 232 -43.79 7.40 24.15
N SER A 233 -43.32 8.62 23.89
CA SER A 233 -43.71 9.33 22.67
C SER A 233 -43.16 8.65 21.42
N SER A 234 -41.91 8.18 21.50
CA SER A 234 -41.28 7.51 20.38
C SER A 234 -42.10 6.30 19.96
N LYS A 235 -42.46 5.46 20.93
CA LYS A 235 -43.24 4.25 20.70
C LYS A 235 -44.61 4.59 20.08
N GLU A 236 -45.22 5.66 20.56
CA GLU A 236 -46.52 6.09 20.05
C GLU A 236 -46.40 6.59 18.61
N THR A 237 -45.32 7.33 18.35
CA THR A 237 -45.09 7.86 17.01
C THR A 237 -44.93 6.72 16.01
N VAL A 238 -44.15 5.70 16.38
CA VAL A 238 -43.95 4.57 15.48
C VAL A 238 -45.29 3.89 15.19
N VAL A 239 -46.12 3.74 16.22
CA VAL A 239 -47.43 3.12 16.02
C VAL A 239 -48.24 3.94 15.03
N SER A 240 -48.24 5.27 15.20
CA SER A 240 -48.99 6.16 14.31
C SER A 240 -48.46 6.16 12.88
N LEU A 241 -47.14 6.18 12.73
CA LEU A 241 -46.53 6.19 11.41
C LEU A 241 -46.93 4.92 10.66
N VAL A 242 -46.89 3.79 11.38
CA VAL A 242 -47.26 2.51 10.79
C VAL A 242 -48.73 2.52 10.36
N GLU A 243 -49.60 3.01 11.24
CA GLU A 243 -51.02 3.10 10.92
C GLU A 243 -51.19 3.97 9.68
N ALA A 244 -50.60 5.16 9.72
CA ALA A 244 -50.67 6.09 8.60
C ALA A 244 -50.20 5.45 7.30
N LEU A 245 -49.17 4.61 7.38
CA LEU A 245 -48.63 3.95 6.19
C LEU A 245 -49.60 2.90 5.63
N GLU A 246 -50.11 2.04 6.51
CA GLU A 246 -51.05 1.00 6.11
C GLU A 246 -52.40 1.59 5.73
N GLN A 247 -52.77 2.68 6.37
CA GLN A 247 -54.03 3.36 6.07
C GLN A 247 -53.87 4.34 4.92
N GLY A 248 -52.61 4.63 4.58
CA GLY A 248 -52.32 5.52 3.47
C GLY A 248 -52.70 6.99 3.51
N LYS A 249 -52.60 7.63 4.67
CA LYS A 249 -52.91 9.05 4.77
C LYS A 249 -51.59 9.83 4.63
N SER A 250 -51.30 10.30 3.42
CA SER A 250 -50.05 11.02 3.19
C SER A 250 -49.85 12.20 4.14
N GLU A 251 -50.91 12.93 4.43
CA GLU A 251 -50.78 14.06 5.34
C GLU A 251 -50.45 13.52 6.74
N LYS A 252 -50.86 12.29 7.01
CA LYS A 252 -50.63 11.69 8.32
C LYS A 252 -49.19 11.16 8.45
N ILE A 253 -48.64 10.63 7.37
CA ILE A 253 -47.29 10.11 7.39
C ILE A 253 -46.33 11.29 7.60
N ILE A 254 -46.62 12.39 6.92
CA ILE A 254 -45.80 13.60 7.01
C ILE A 254 -45.71 14.16 8.42
N GLU A 255 -46.83 14.17 9.14
CA GLU A 255 -46.86 14.70 10.52
C GLU A 255 -46.02 13.86 11.47
N GLN A 256 -46.29 12.55 11.50
CA GLN A 256 -45.57 11.65 12.39
C GLN A 256 -44.05 11.66 12.14
N VAL A 257 -43.63 11.60 10.88
CA VAL A 257 -42.19 11.62 10.57
C VAL A 257 -41.59 12.90 11.17
N GLU A 258 -42.31 14.02 11.05
CA GLU A 258 -41.85 15.29 11.59
C GLU A 258 -41.77 15.20 13.11
N VAL A 259 -42.78 14.57 13.70
CA VAL A 259 -42.82 14.38 15.15
C VAL A 259 -41.56 13.62 15.52
N ALA A 260 -41.35 12.48 14.87
CA ALA A 260 -40.17 11.65 15.12
C ALA A 260 -38.88 12.46 15.02
N SER A 261 -38.75 13.23 13.95
CA SER A 261 -37.58 14.06 13.75
C SER A 261 -37.35 15.01 14.92
N LYS A 262 -38.43 15.63 15.40
CA LYS A 262 -38.34 16.56 16.52
C LYS A 262 -38.00 15.85 17.82
N LEU A 263 -38.50 14.63 17.99
CA LEU A 263 -38.21 13.87 19.21
C LEU A 263 -36.70 13.57 19.28
N LEU A 264 -36.05 13.48 18.11
CA LEU A 264 -34.62 13.20 18.05
C LEU A 264 -33.80 14.44 18.36
N GLU A 265 -34.22 15.58 17.83
CA GLU A 265 -33.52 16.82 18.08
C GLU A 265 -33.57 17.10 19.57
N GLY A 266 -34.65 16.69 20.21
CA GLY A 266 -34.80 16.91 21.64
C GLY A 266 -33.86 16.01 22.43
N LEU A 267 -33.46 14.90 21.84
CA LEU A 267 -32.58 13.97 22.53
C LEU A 267 -31.15 14.49 22.55
N SER A 268 -30.72 15.09 21.46
CA SER A 268 -29.37 15.63 21.38
C SER A 268 -29.14 16.38 20.07
N THR A 269 -28.61 17.60 20.20
CA THR A 269 -28.34 18.43 19.02
C THR A 269 -27.26 17.82 18.12
N ASP A 270 -26.58 16.79 18.61
CA ASP A 270 -25.54 16.12 17.83
C ASP A 270 -26.06 15.23 16.71
N ILE A 271 -27.27 14.72 16.85
CA ILE A 271 -27.83 13.85 15.83
C ILE A 271 -27.93 14.60 14.51
N TYR A 272 -28.42 15.84 14.58
CA TYR A 272 -28.53 16.66 13.38
C TYR A 272 -27.31 17.55 13.20
N THR A 273 -26.66 17.41 12.04
CA THR A 273 -25.49 18.20 11.70
C THR A 273 -25.92 19.25 10.69
N PRO A 274 -25.04 20.23 10.40
CA PRO A 274 -25.39 21.27 9.42
C PRO A 274 -25.97 20.73 8.13
N LEU A 275 -25.31 19.75 7.53
CA LEU A 275 -25.81 19.18 6.28
C LEU A 275 -27.14 18.46 6.48
N LEU A 276 -27.28 17.72 7.57
CA LEU A 276 -28.53 17.01 7.85
C LEU A 276 -29.69 18.00 7.98
N ARG A 277 -29.50 19.07 8.75
CA ARG A 277 -30.57 20.07 8.90
C ARG A 277 -30.97 20.52 7.51
N GLN A 278 -29.95 20.86 6.71
CA GLN A 278 -30.15 21.31 5.35
C GLN A 278 -30.90 20.27 4.54
N LEU A 279 -30.53 19.02 4.70
CA LEU A 279 -31.18 17.94 3.97
C LEU A 279 -32.66 17.95 4.33
N LYS A 280 -32.95 18.23 5.61
CA LYS A 280 -34.31 18.26 6.11
C LYS A 280 -35.08 19.52 5.67
N GLU A 281 -34.45 20.68 5.81
CA GLU A 281 -35.08 21.94 5.43
C GLU A 281 -35.55 21.95 3.98
N ALA A 282 -34.80 21.31 3.08
CA ALA A 282 -35.14 21.27 1.66
C ALA A 282 -36.52 20.66 1.42
N SER A 283 -37.10 20.10 2.47
CA SER A 283 -38.39 19.47 2.39
C SER A 283 -39.49 20.53 2.51
N GLN A 284 -39.09 21.69 3.05
CA GLN A 284 -39.99 22.82 3.25
C GLN A 284 -40.86 23.20 2.06
N ASP A 285 -42.15 23.35 2.35
CA ASP A 285 -43.12 23.75 1.34
C ASP A 285 -43.27 22.77 0.19
N LEU A 286 -42.87 21.52 0.44
CA LEU A 286 -42.99 20.48 -0.56
C LEU A 286 -43.94 19.43 -0.01
N GLN A 287 -44.61 18.69 -0.88
CA GLN A 287 -45.51 17.66 -0.41
C GLN A 287 -44.63 16.44 -0.15
N ALA A 288 -43.65 16.63 0.73
CA ALA A 288 -42.69 15.60 1.10
C ALA A 288 -42.22 15.82 2.52
N VAL A 289 -41.44 14.88 3.04
CA VAL A 289 -40.92 14.98 4.38
C VAL A 289 -39.56 14.28 4.43
N ALA A 290 -38.60 14.89 5.12
CA ALA A 290 -37.26 14.32 5.22
C ALA A 290 -36.86 14.23 6.69
N LYS A 291 -35.81 13.46 6.96
CA LYS A 291 -35.39 13.26 8.32
C LYS A 291 -34.07 12.50 8.38
N SER A 292 -33.40 12.59 9.52
CA SER A 292 -32.13 11.88 9.71
C SER A 292 -32.42 10.39 9.89
N SER A 293 -31.44 9.55 9.56
CA SER A 293 -31.61 8.11 9.70
C SER A 293 -30.39 7.46 10.30
N GLY A 294 -30.56 6.80 11.45
CA GLY A 294 -29.44 6.13 12.08
C GLY A 294 -28.92 6.79 13.35
N ALA A 295 -27.70 6.42 13.74
CA ALA A 295 -27.07 6.97 14.94
C ALA A 295 -27.04 8.48 14.82
N GLY A 296 -27.13 8.95 13.57
CA GLY A 296 -27.12 10.38 13.30
C GLY A 296 -25.71 10.91 13.25
N GLY A 297 -25.58 12.23 13.27
CA GLY A 297 -24.27 12.86 13.23
C GLY A 297 -23.65 12.82 11.85
N GLY A 298 -24.32 12.14 10.92
CA GLY A 298 -23.79 12.05 9.57
C GLY A 298 -24.49 11.01 8.73
N ASP A 299 -23.73 10.38 7.84
CA ASP A 299 -24.25 9.36 6.95
C ASP A 299 -25.46 9.84 6.13
N CYS A 300 -26.52 9.05 6.16
CA CYS A 300 -27.72 9.34 5.38
C CYS A 300 -28.91 10.01 6.04
N GLY A 301 -29.76 10.56 5.18
CA GLY A 301 -31.00 11.19 5.57
C GLY A 301 -32.01 10.55 4.63
N ILE A 302 -33.28 10.49 5.04
CA ILE A 302 -34.31 9.90 4.19
C ILE A 302 -35.45 10.87 3.88
N ALA A 303 -36.18 10.57 2.82
CA ALA A 303 -37.30 11.42 2.43
C ALA A 303 -38.39 10.65 1.69
N LEU A 304 -39.62 11.07 1.91
CA LEU A 304 -40.79 10.50 1.27
C LEU A 304 -41.46 11.66 0.56
N SER A 305 -41.60 11.55 -0.76
CA SER A 305 -42.20 12.59 -1.57
C SER A 305 -43.56 12.09 -2.09
N PHE A 306 -44.60 12.92 -1.98
CA PHE A 306 -45.92 12.50 -2.44
C PHE A 306 -46.50 13.10 -3.70
N ASP A 307 -45.64 13.38 -4.68
CA ASP A 307 -46.07 13.91 -5.97
C ASP A 307 -44.83 14.17 -6.80
N ALA A 308 -44.94 13.89 -8.09
CA ALA A 308 -43.82 14.04 -9.00
C ALA A 308 -43.13 15.38 -8.89
N GLN A 309 -43.89 16.44 -8.65
CA GLN A 309 -43.28 17.76 -8.57
C GLN A 309 -42.40 17.92 -7.33
N SER A 310 -42.94 17.61 -6.17
CA SER A 310 -42.18 17.71 -4.93
C SER A 310 -40.88 16.89 -5.04
N THR A 311 -40.97 15.73 -5.70
CA THR A 311 -39.82 14.85 -5.86
C THR A 311 -38.71 15.49 -6.70
N LYS A 312 -39.09 16.06 -7.83
CA LYS A 312 -38.12 16.69 -8.72
C LYS A 312 -37.42 17.86 -8.03
N THR A 313 -38.17 18.63 -7.24
CA THR A 313 -37.61 19.77 -6.55
C THR A 313 -36.74 19.37 -5.35
N LEU A 314 -37.08 18.27 -4.67
CA LEU A 314 -36.29 17.81 -3.53
C LEU A 314 -34.92 17.40 -4.06
N LYS A 315 -34.92 16.70 -5.19
CA LYS A 315 -33.68 16.26 -5.81
C LYS A 315 -32.77 17.43 -6.17
N ASN A 316 -33.28 18.36 -6.97
CA ASN A 316 -32.48 19.52 -7.37
C ASN A 316 -31.90 20.24 -6.18
N ARG A 317 -32.72 20.43 -5.16
CA ARG A 317 -32.26 21.11 -3.95
C ARG A 317 -31.16 20.34 -3.25
N TRP A 318 -31.29 19.02 -3.20
CA TRP A 318 -30.27 18.20 -2.56
C TRP A 318 -28.94 18.31 -3.31
N ALA A 319 -29.01 18.20 -4.62
CA ALA A 319 -27.81 18.30 -5.45
C ALA A 319 -27.11 19.65 -5.21
N ASP A 320 -27.87 20.73 -5.26
CA ASP A 320 -27.28 22.05 -5.05
C ASP A 320 -26.62 22.17 -3.68
N LEU A 321 -27.19 21.49 -2.68
CA LEU A 321 -26.66 21.50 -1.32
C LEU A 321 -25.45 20.61 -1.16
N GLY A 322 -25.10 19.87 -2.22
CA GLY A 322 -23.96 18.98 -2.15
C GLY A 322 -24.31 17.63 -1.53
N ILE A 323 -25.59 17.32 -1.48
CA ILE A 323 -26.06 16.05 -0.94
C ILE A 323 -26.24 15.07 -2.09
N GLU A 324 -25.59 13.91 -1.98
CA GLU A 324 -25.62 12.90 -3.02
C GLU A 324 -26.80 11.93 -2.95
N LEU A 325 -27.58 11.88 -4.02
CA LEU A 325 -28.73 10.97 -4.08
C LEU A 325 -28.16 9.56 -4.12
N LEU A 326 -28.32 8.84 -3.02
CA LEU A 326 -27.79 7.50 -2.91
C LEU A 326 -28.73 6.44 -3.47
N TYR A 327 -30.02 6.59 -3.21
CA TYR A 327 -30.98 5.58 -3.64
C TYR A 327 -32.37 6.18 -3.86
N GLN A 328 -33.18 5.48 -4.64
CA GLN A 328 -34.52 5.95 -4.95
C GLN A 328 -35.42 4.75 -5.22
N GLU A 329 -36.62 4.78 -4.69
CA GLU A 329 -37.53 3.67 -4.87
C GLU A 329 -38.99 4.08 -4.81
N ARG A 330 -39.79 3.41 -5.62
CA ARG A 330 -41.22 3.69 -5.67
C ARG A 330 -41.93 2.82 -4.64
N ILE A 331 -42.08 3.33 -3.42
CA ILE A 331 -42.76 2.56 -2.38
C ILE A 331 -44.11 2.07 -2.87
N HIS B 1 34.59 -5.02 11.04
CA HIS B 1 33.21 -4.41 11.10
C HIS B 1 32.19 -5.49 10.81
N ILE B 4 26.42 -8.52 15.12
CA ILE B 4 26.15 -9.68 15.92
C ILE B 4 24.77 -10.21 15.54
N ALA B 5 24.61 -11.52 15.54
CA ALA B 5 23.32 -12.12 15.18
C ALA B 5 22.74 -12.90 16.35
N VAL B 6 21.44 -12.79 16.57
CA VAL B 6 20.80 -13.53 17.65
C VAL B 6 19.45 -14.10 17.20
N LYS B 7 18.98 -15.12 17.90
CA LYS B 7 17.70 -15.77 17.59
C LYS B 7 16.87 -15.85 18.86
N THR B 8 15.56 -15.97 18.67
CA THR B 8 14.61 -16.14 19.75
C THR B 8 13.53 -17.07 19.19
N CYS B 9 13.07 -18.01 19.99
CA CYS B 9 12.08 -18.97 19.52
C CYS B 9 10.68 -18.54 19.91
N GLY B 10 9.72 -19.44 19.62
CA GLY B 10 8.32 -19.22 19.95
C GLY B 10 7.90 -20.19 21.05
N LYS B 11 6.62 -20.25 21.37
CA LYS B 11 6.15 -21.12 22.46
C LYS B 11 4.68 -21.53 22.31
N LEU B 12 4.35 -22.68 22.91
CA LEU B 12 2.98 -23.22 22.92
C LEU B 12 2.74 -23.86 24.29
N TYR B 13 1.65 -23.48 24.95
CA TYR B 13 1.30 -24.05 26.24
C TYR B 13 0.91 -25.51 26.08
N TRP B 14 1.30 -26.36 27.02
CA TRP B 14 0.92 -27.77 26.98
C TRP B 14 -0.16 -27.98 28.03
N ALA B 15 -0.13 -27.17 29.08
CA ALA B 15 -1.12 -27.29 30.14
C ALA B 15 -0.97 -26.15 31.13
N GLY B 16 -2.10 -25.77 31.74
CA GLY B 16 -2.09 -24.71 32.72
C GLY B 16 -2.73 -23.43 32.24
N GLU B 17 -3.26 -23.43 31.03
CA GLU B 17 -3.88 -22.23 30.51
C GLU B 17 -4.95 -21.66 31.44
N TYR B 18 -4.98 -20.34 31.57
CA TYR B 18 -5.94 -19.63 32.41
C TYR B 18 -5.70 -19.75 33.91
N ALA B 19 -5.54 -20.98 34.39
CA ALA B 19 -5.26 -21.17 35.81
C ALA B 19 -3.99 -20.36 36.11
N ILE B 20 -3.01 -20.45 35.20
CA ILE B 20 -1.74 -19.76 35.34
C ILE B 20 -1.83 -18.25 35.61
N LEU B 21 -2.97 -17.64 35.28
CA LEU B 21 -3.14 -16.20 35.51
C LEU B 21 -3.22 -15.90 37.02
N GLU B 22 -3.34 -16.95 37.82
CA GLU B 22 -3.43 -16.82 39.27
C GLU B 22 -2.05 -16.99 39.91
N PRO B 23 -1.57 -15.98 40.63
CA PRO B 23 -0.25 -16.11 41.26
C PRO B 23 -0.09 -17.47 41.96
N GLY B 24 1.05 -18.12 41.73
CA GLY B 24 1.30 -19.39 42.39
C GLY B 24 0.84 -20.63 41.65
N GLN B 25 0.16 -20.45 40.53
CA GLN B 25 -0.30 -21.61 39.76
C GLN B 25 0.83 -22.16 38.90
N LEU B 26 0.55 -23.29 38.26
CA LEU B 26 1.53 -23.97 37.43
C LEU B 26 1.10 -24.13 35.97
N ALA B 27 2.07 -24.23 35.07
CA ALA B 27 1.80 -24.38 33.65
C ALA B 27 2.96 -25.08 32.96
N LEU B 28 2.67 -25.91 31.97
CA LEU B 28 3.71 -26.61 31.22
C LEU B 28 3.77 -25.89 29.87
N ILE B 29 4.91 -25.29 29.54
CA ILE B 29 5.04 -24.53 28.30
C ILE B 29 6.21 -25.01 27.44
N LYS B 30 5.93 -25.27 26.16
CA LYS B 30 6.94 -25.79 25.23
C LYS B 30 7.50 -24.75 24.26
N ASP B 31 8.82 -24.79 24.07
CA ASP B 31 9.50 -23.88 23.16
C ASP B 31 9.41 -24.43 21.73
N ILE B 32 9.13 -23.56 20.76
CA ILE B 32 9.01 -23.98 19.36
C ILE B 32 10.10 -23.37 18.50
N PRO B 33 10.98 -24.21 17.93
CA PRO B 33 12.12 -23.86 17.08
C PRO B 33 11.81 -23.07 15.80
N ILE B 34 10.93 -22.08 15.88
CA ILE B 34 10.64 -21.23 14.73
C ILE B 34 11.17 -19.90 15.21
N TYR B 35 12.15 -19.36 14.48
CA TYR B 35 12.81 -18.14 14.93
C TYR B 35 12.58 -16.75 14.39
N ARG B 37 14.75 -13.41 14.11
CA ARG B 37 16.19 -13.17 14.08
C ARG B 37 16.51 -11.70 14.11
N ALA B 38 17.75 -11.36 14.41
CA ALA B 38 18.15 -9.97 14.46
C ALA B 38 19.64 -9.85 14.24
N GLU B 39 20.04 -8.69 13.75
CA GLU B 39 21.44 -8.39 13.54
C GLU B 39 21.53 -7.03 14.22
N ILE B 40 22.59 -6.80 14.98
CA ILE B 40 22.73 -5.52 15.66
C ILE B 40 24.18 -5.06 15.62
N ALA B 41 24.38 -3.74 15.67
CA ALA B 41 25.72 -3.16 15.64
C ALA B 41 25.61 -1.68 15.91
N PHE B 42 26.66 -1.10 16.47
CA PHE B 42 26.67 0.33 16.74
C PHE B 42 26.71 1.04 15.39
N SER B 43 26.37 2.33 15.38
CA SER B 43 26.38 3.10 14.14
C SER B 43 26.25 4.58 14.46
N ASP B 44 26.20 5.42 13.43
CA ASP B 44 26.09 6.87 13.63
C ASP B 44 24.79 7.37 14.26
N SER B 45 23.67 6.77 13.89
CA SER B 45 22.36 7.17 14.42
C SER B 45 21.54 5.93 14.75
N TYR B 46 20.52 6.08 15.60
CA TYR B 46 19.68 4.95 15.96
C TYR B 46 18.75 4.57 14.81
N ARG B 47 18.79 3.31 14.39
CA ARG B 47 17.92 2.89 13.32
C ARG B 47 17.40 1.48 13.53
N ILE B 48 16.26 1.20 12.91
CA ILE B 48 15.64 -0.10 12.97
C ILE B 48 15.44 -0.43 11.50
N TYR B 49 15.77 -1.66 11.11
CA TYR B 49 15.68 -2.04 9.72
C TYR B 49 14.79 -3.24 9.42
N SER B 50 14.51 -3.38 8.13
CA SER B 50 13.71 -4.47 7.61
C SER B 50 14.21 -4.62 6.17
N ASP B 51 14.10 -5.82 5.61
CA ASP B 51 14.55 -6.02 4.23
C ASP B 51 13.94 -4.93 3.36
N ASN B 62 7.08 -3.75 10.26
CA ASN B 62 6.11 -4.83 10.37
C ASN B 62 5.81 -5.13 11.85
N PRO B 63 6.84 -5.44 12.66
CA PRO B 63 6.65 -5.74 14.08
C PRO B 63 6.17 -4.50 14.85
N ASP B 64 5.59 -4.73 16.02
CA ASP B 64 5.08 -3.64 16.86
C ASP B 64 6.23 -2.66 17.14
N TYR B 65 6.19 -1.54 16.43
CA TYR B 65 7.21 -0.51 16.54
C TYR B 65 7.37 0.06 17.96
N SER B 66 6.27 0.27 18.66
CA SER B 66 6.36 0.84 20.00
C SER B 66 6.85 -0.17 21.03
N LEU B 67 6.54 -1.45 20.83
CA LEU B 67 6.99 -2.48 21.76
C LEU B 67 8.52 -2.54 21.71
N ILE B 68 9.08 -2.41 20.51
CA ILE B 68 10.52 -2.43 20.34
C ILE B 68 11.16 -1.22 20.98
N GLN B 69 10.57 -0.04 20.77
CA GLN B 69 11.11 1.19 21.35
C GLN B 69 11.08 1.09 22.87
N GLU B 70 9.98 0.57 23.40
CA GLU B 70 9.84 0.43 24.83
C GLU B 70 10.87 -0.51 25.43
N THR B 71 11.25 -1.54 24.67
CA THR B 71 12.24 -2.51 25.13
C THR B 71 13.61 -1.85 25.16
N ILE B 72 13.92 -1.09 24.12
CA ILE B 72 15.20 -0.39 24.03
C ILE B 72 15.33 0.62 25.15
N ALA B 73 14.24 1.31 25.46
CA ALA B 73 14.26 2.31 26.52
C ALA B 73 14.53 1.64 27.86
N LEU B 74 13.88 0.50 28.12
CA LEU B 74 14.11 -0.18 29.38
C LEU B 74 15.55 -0.67 29.43
N GLY B 76 18.00 0.65 28.06
CA GLY B 76 18.86 1.81 28.24
C GLY B 76 18.93 2.11 29.73
N ASP B 77 17.86 1.80 30.44
CA ASP B 77 17.83 2.02 31.88
C ASP B 77 18.67 0.95 32.56
N PHE B 78 18.54 -0.29 32.10
CA PHE B 78 19.30 -1.38 32.68
C PHE B 78 20.80 -1.13 32.55
N LEU B 79 21.22 -0.60 31.40
CA LEU B 79 22.63 -0.29 31.18
C LEU B 79 23.06 0.76 32.20
N ALA B 80 22.18 1.73 32.45
CA ALA B 80 22.49 2.78 33.42
C ALA B 80 22.70 2.17 34.80
N VAL B 81 22.00 1.07 35.07
CA VAL B 81 22.15 0.39 36.37
C VAL B 81 23.53 -0.27 36.44
N ARG B 82 24.07 -0.62 35.29
CA ARG B 82 25.37 -1.27 35.23
C ARG B 82 26.47 -0.24 35.05
N GLY B 83 26.07 1.04 35.02
CA GLY B 83 27.05 2.09 34.86
C GLY B 83 27.46 2.31 33.40
N GLN B 84 26.56 2.07 32.47
CA GLN B 84 26.87 2.27 31.06
C GLN B 84 25.84 3.17 30.37
N ASN B 85 26.08 3.46 29.09
CA ASN B 85 25.19 4.32 28.33
C ASN B 85 24.78 3.77 26.98
N LEU B 86 23.50 3.87 26.69
CA LEU B 86 22.97 3.45 25.41
C LEU B 86 23.64 4.39 24.42
N ARG B 87 23.98 3.90 23.24
CA ARG B 87 24.62 4.71 22.19
C ARG B 87 23.98 4.38 20.86
N PRO B 88 24.06 5.30 19.89
CA PRO B 88 23.44 5.02 18.59
C PRO B 88 23.79 3.61 18.10
N PHE B 89 22.79 2.85 17.69
CA PHE B 89 23.01 1.51 17.19
C PHE B 89 21.91 1.14 16.20
N SER B 90 22.18 0.14 15.37
CA SER B 90 21.21 -0.28 14.37
C SER B 90 20.79 -1.72 14.63
N LEU B 91 19.52 -2.00 14.35
CA LEU B 91 18.95 -3.32 14.57
C LEU B 91 18.05 -3.71 13.41
N ALA B 92 18.32 -4.87 12.84
CA ALA B 92 17.54 -5.38 11.73
C ALA B 92 16.84 -6.61 12.26
N ILE B 93 15.51 -6.66 12.13
CA ILE B 93 14.75 -7.80 12.62
C ILE B 93 14.11 -8.52 11.44
N TYR B 94 14.20 -9.85 11.45
CA TYR B 94 13.63 -10.66 10.39
C TYR B 94 13.35 -12.09 10.86
N GLY B 95 13.35 -13.03 9.93
CA GLY B 95 13.10 -14.41 10.31
C GLY B 95 11.66 -14.85 10.13
N LYS B 96 11.52 -16.12 9.77
CA LYS B 96 10.22 -16.77 9.54
C LYS B 96 9.09 -16.22 10.40
N GLU B 98 8.46 -13.30 11.79
CA GLU B 98 7.90 -12.00 11.44
C GLU B 98 7.60 -11.82 9.95
N ARG B 99 8.08 -12.76 9.14
CA ARG B 99 7.85 -12.69 7.69
C ARG B 99 6.37 -12.73 7.36
N GLU B 100 5.58 -13.36 8.24
CA GLU B 100 4.14 -13.43 8.03
C GLU B 100 3.34 -12.72 9.14
N GLY B 101 3.87 -12.74 10.36
CA GLY B 101 3.18 -12.04 11.45
C GLY B 101 2.87 -12.77 12.75
N LYS B 102 1.64 -12.56 13.22
CA LYS B 102 1.14 -13.15 14.46
C LYS B 102 0.16 -14.28 14.17
N LYS B 103 0.02 -14.63 12.89
CA LYS B 103 -0.87 -15.68 12.46
C LYS B 103 -0.97 -16.86 13.43
N PHE B 104 0.10 -17.65 13.46
CA PHE B 104 0.18 -18.88 14.26
C PHE B 104 -0.08 -18.87 15.77
N GLY B 105 0.20 -17.76 16.45
CA GLY B 105 -0.02 -17.72 17.89
C GLY B 105 1.17 -18.34 18.63
N LEU B 106 2.37 -18.05 18.16
CA LEU B 106 3.58 -18.60 18.76
C LEU B 106 4.27 -17.68 19.77
N GLY B 107 3.61 -16.57 20.12
CA GLY B 107 4.19 -15.64 21.09
C GLY B 107 5.08 -14.61 20.42
N SER B 108 4.62 -14.11 19.29
CA SER B 108 5.34 -13.12 18.50
C SER B 108 5.80 -11.88 19.25
N SER B 109 4.93 -11.26 20.04
CA SER B 109 5.30 -10.05 20.74
C SER B 109 6.28 -10.31 21.89
N GLY B 110 6.24 -11.51 22.45
CA GLY B 110 7.16 -11.84 23.53
C GLY B 110 8.54 -12.10 22.94
N SER B 111 8.56 -12.82 21.83
CA SER B 111 9.81 -13.14 21.16
C SER B 111 10.56 -11.88 20.73
N VAL B 112 9.81 -10.85 20.36
CA VAL B 112 10.41 -9.60 19.92
C VAL B 112 11.08 -8.91 21.12
N VAL B 113 10.44 -9.04 22.27
CA VAL B 113 10.94 -8.44 23.49
C VAL B 113 12.24 -9.12 23.92
N VAL B 114 12.22 -10.45 23.99
CA VAL B 114 13.42 -11.18 24.37
C VAL B 114 14.51 -10.96 23.32
N LEU B 115 14.13 -11.02 22.06
CA LEU B 115 15.06 -10.82 20.96
C LEU B 115 15.85 -9.52 21.12
N VAL B 116 15.13 -8.41 21.30
CA VAL B 116 15.78 -7.12 21.44
C VAL B 116 16.67 -7.09 22.68
N VAL B 117 16.21 -7.65 23.79
CA VAL B 117 17.02 -7.69 25.00
C VAL B 117 18.30 -8.50 24.77
N LYS B 118 18.18 -9.68 24.16
CA LYS B 118 19.36 -10.50 23.88
C LYS B 118 20.36 -9.77 22.98
N ALA B 119 19.84 -9.10 21.96
CA ALA B 119 20.68 -8.37 21.03
C ALA B 119 21.46 -7.27 21.73
N LEU B 120 20.76 -6.41 22.48
CA LEU B 120 21.44 -5.33 23.19
C LEU B 120 22.41 -5.86 24.23
N LEU B 121 22.04 -6.93 24.92
CA LEU B 121 22.95 -7.53 25.92
C LEU B 121 24.21 -8.01 25.21
N ALA B 122 24.03 -8.62 24.04
CA ALA B 122 25.17 -9.12 23.26
C ALA B 122 26.05 -7.99 22.74
N LEU B 123 25.42 -6.88 22.36
CA LEU B 123 26.17 -5.74 21.82
C LEU B 123 27.08 -5.13 22.87
N TYR B 124 26.62 -5.12 24.11
CA TYR B 124 27.40 -4.55 25.22
C TYR B 124 28.19 -5.62 25.99
N ASN B 125 28.38 -6.78 25.39
CA ASN B 125 29.12 -7.86 26.02
C ASN B 125 28.64 -8.12 27.44
N LEU B 126 27.34 -8.07 27.65
CA LEU B 126 26.79 -8.32 28.97
C LEU B 126 26.13 -9.68 29.02
N SER B 127 26.14 -10.28 30.20
CA SER B 127 25.55 -11.59 30.37
C SER B 127 24.60 -11.54 31.56
N VAL B 128 23.47 -12.20 31.44
CA VAL B 128 22.52 -12.24 32.53
C VAL B 128 21.98 -13.66 32.60
N ASP B 129 21.55 -14.11 33.77
CA ASP B 129 21.02 -15.46 33.84
C ASP B 129 19.54 -15.45 33.50
N GLN B 130 18.98 -16.65 33.35
CA GLN B 130 17.58 -16.85 33.01
C GLN B 130 16.58 -16.03 33.83
N ASN B 131 16.72 -16.01 35.15
CA ASN B 131 15.79 -15.25 35.99
C ASN B 131 15.82 -13.76 35.71
N LEU B 132 17.00 -13.23 35.40
CA LEU B 132 17.15 -11.81 35.13
C LEU B 132 16.67 -11.49 33.73
N LEU B 133 16.86 -12.41 32.80
CA LEU B 133 16.40 -12.19 31.45
C LEU B 133 14.87 -12.12 31.54
N PHE B 134 14.28 -13.05 32.29
CA PHE B 134 12.84 -13.08 32.45
C PHE B 134 12.33 -11.78 33.09
N LYS B 135 13.12 -11.22 34.01
CA LYS B 135 12.72 -10.00 34.69
C LYS B 135 12.86 -8.76 33.82
N LEU B 136 13.79 -8.78 32.87
CA LEU B 136 13.97 -7.62 32.00
C LEU B 136 12.89 -7.56 30.94
N THR B 137 12.53 -8.72 30.41
CA THR B 137 11.51 -8.79 29.38
C THR B 137 10.13 -8.61 30.00
N SER B 138 9.93 -9.14 31.21
CA SER B 138 8.63 -8.98 31.88
C SER B 138 8.42 -7.52 32.19
N ALA B 139 9.47 -6.87 32.66
CA ALA B 139 9.42 -5.47 33.02
C ALA B 139 8.86 -4.61 31.90
N VAL B 140 9.20 -4.94 30.66
CA VAL B 140 8.72 -4.16 29.52
C VAL B 140 7.21 -4.29 29.39
N LEU B 141 6.71 -5.52 29.49
CA LEU B 141 5.28 -5.77 29.38
C LEU B 141 4.51 -5.24 30.58
N LEU B 142 5.04 -5.43 31.78
CA LEU B 142 4.34 -4.94 32.97
C LEU B 142 4.20 -3.41 32.92
N LYS B 143 5.27 -2.71 32.59
CA LYS B 143 5.23 -1.26 32.50
C LYS B 143 4.19 -0.80 31.47
N ARG B 144 3.81 -1.72 30.59
CA ARG B 144 2.83 -1.47 29.54
C ARG B 144 1.39 -1.63 30.00
N GLY B 145 1.20 -2.29 31.14
CA GLY B 145 -0.15 -2.50 31.63
C GLY B 145 -0.59 -3.93 31.40
N ASP B 146 0.20 -4.67 30.64
CA ASP B 146 -0.09 -6.08 30.34
C ASP B 146 -0.36 -6.78 31.67
N ASN B 147 -1.15 -7.84 31.64
CA ASN B 147 -1.47 -8.56 32.86
C ASN B 147 -1.41 -10.06 32.65
N GLY B 148 -0.93 -10.47 31.49
CA GLY B 148 -0.81 -11.88 31.19
C GLY B 148 0.03 -12.61 32.24
N SER B 149 0.14 -13.93 32.12
CA SER B 149 0.90 -14.72 33.06
C SER B 149 2.42 -14.58 32.90
N GLY B 151 4.10 -16.43 31.10
CA GLY B 151 4.62 -17.77 30.86
C GLY B 151 5.35 -17.89 29.53
N ASP B 152 4.86 -17.20 28.51
CA ASP B 152 5.51 -17.25 27.20
C ASP B 152 6.94 -16.75 27.29
N LEU B 153 7.18 -15.73 28.11
CA LEU B 153 8.54 -15.21 28.28
C LEU B 153 9.40 -16.26 29.00
N ALA B 154 8.83 -16.88 30.03
CA ALA B 154 9.55 -17.89 30.80
C ALA B 154 10.07 -18.98 29.86
N CYS B 155 9.22 -19.35 28.92
CA CYS B 155 9.56 -20.40 27.97
C CYS B 155 10.56 -19.97 26.88
N ILE B 156 10.33 -18.79 26.31
CA ILE B 156 11.20 -18.27 25.26
C ILE B 156 12.59 -17.88 25.77
N ALA B 157 12.67 -17.49 27.04
CA ALA B 157 13.94 -17.10 27.64
C ALA B 157 14.73 -18.34 28.02
N ALA B 158 14.03 -19.46 28.17
CA ALA B 158 14.66 -20.70 28.54
C ALA B 158 14.90 -21.63 27.35
N GLU B 159 14.15 -21.43 26.27
CA GLU B 159 14.26 -22.27 25.07
C GLU B 159 14.21 -23.75 25.39
N ASP B 160 13.28 -24.11 26.26
CA ASP B 160 13.09 -25.50 26.65
C ASP B 160 11.66 -25.70 27.10
N LEU B 161 11.30 -26.95 27.34
CA LEU B 161 9.98 -27.29 27.86
C LEU B 161 10.13 -26.95 29.34
N VAL B 162 9.33 -26.01 29.84
CA VAL B 162 9.45 -25.61 31.24
C VAL B 162 8.19 -25.70 32.11
N LEU B 163 8.42 -25.78 33.42
CA LEU B 163 7.33 -25.80 34.38
C LEU B 163 7.43 -24.39 34.93
N TYR B 164 6.39 -23.59 34.71
CA TYR B 164 6.40 -22.21 35.18
C TYR B 164 5.35 -21.94 36.26
N GLN B 165 5.78 -21.26 37.31
CA GLN B 165 4.92 -20.89 38.43
C GLN B 165 4.81 -19.37 38.37
N SER B 166 3.64 -18.88 37.98
CA SER B 166 3.40 -17.45 37.83
C SER B 166 3.55 -16.63 39.09
N PHE B 167 3.79 -15.33 38.92
CA PHE B 167 3.95 -14.42 40.04
C PHE B 167 2.84 -13.38 40.04
N ASP B 168 2.85 -12.52 41.05
CA ASP B 168 1.86 -11.46 41.20
C ASP B 168 2.28 -10.27 40.36
N ARG B 169 1.62 -10.08 39.22
CA ARG B 169 1.96 -8.98 38.33
C ARG B 169 1.54 -7.63 38.85
N GLN B 170 0.35 -7.56 39.43
CA GLN B 170 -0.13 -6.30 39.97
C GLN B 170 0.89 -5.81 40.98
N LYS B 171 1.32 -6.73 41.81
CA LYS B 171 2.31 -6.48 42.85
C LYS B 171 3.58 -5.87 42.27
N VAL B 172 4.21 -6.60 41.36
CA VAL B 172 5.45 -6.12 40.75
C VAL B 172 5.30 -4.89 39.88
N ALA B 173 4.17 -4.75 39.20
CA ALA B 173 3.96 -3.56 38.38
C ALA B 173 3.94 -2.37 39.33
N ALA B 174 3.43 -2.59 40.53
CA ALA B 174 3.36 -1.54 41.54
C ALA B 174 4.79 -1.13 41.94
N TRP B 175 5.66 -2.10 42.18
CA TRP B 175 7.03 -1.78 42.55
C TRP B 175 7.74 -0.98 41.45
N LEU B 176 7.51 -1.40 40.20
CA LEU B 176 8.14 -0.74 39.05
C LEU B 176 7.76 0.72 38.92
N GLU B 177 6.68 1.13 39.58
CA GLU B 177 6.26 2.53 39.51
C GLU B 177 6.59 3.30 40.79
N GLU B 178 7.18 2.61 41.76
CA GLU B 178 7.51 3.25 43.02
C GLU B 178 8.99 3.15 43.39
N GLU B 179 9.73 2.34 42.65
CA GLU B 179 11.16 2.16 42.91
C GLU B 179 11.94 2.23 41.62
N ASN B 180 13.24 2.48 41.72
CA ASN B 180 14.07 2.50 40.52
C ASN B 180 14.26 1.07 40.05
N LEU B 181 14.65 0.90 38.79
CA LEU B 181 14.81 -0.43 38.22
C LEU B 181 15.74 -1.33 39.02
N ALA B 182 16.85 -0.77 39.49
CA ALA B 182 17.81 -1.56 40.26
C ALA B 182 17.19 -2.25 41.47
N THR B 183 16.38 -1.50 42.21
CA THR B 183 15.73 -2.05 43.40
C THR B 183 14.76 -3.18 43.06
N VAL B 184 13.97 -2.98 42.01
CA VAL B 184 12.99 -3.98 41.59
C VAL B 184 13.62 -5.27 41.10
N LEU B 185 14.67 -5.14 40.30
CA LEU B 185 15.33 -6.32 39.77
C LEU B 185 15.88 -7.16 40.91
N GLU B 186 16.32 -6.50 41.98
CA GLU B 186 16.89 -7.21 43.11
C GLU B 186 15.86 -7.89 44.01
N ARG B 187 14.63 -7.41 44.00
CA ARG B 187 13.60 -8.01 44.83
C ARG B 187 13.26 -9.41 44.34
N ASP B 188 12.65 -10.19 45.23
CA ASP B 188 12.21 -11.54 44.93
C ASP B 188 10.78 -11.38 44.40
N TRP B 189 10.54 -11.84 43.18
CA TRP B 189 9.23 -11.71 42.55
C TRP B 189 8.29 -12.85 42.89
N GLY B 190 8.86 -13.98 43.29
CA GLY B 190 8.04 -15.13 43.64
C GLY B 190 7.59 -15.94 42.45
N PHE B 191 8.40 -16.00 41.39
CA PHE B 191 8.06 -16.79 40.22
C PHE B 191 9.03 -17.95 40.15
N SER B 192 8.73 -18.97 39.35
CA SER B 192 9.63 -20.10 39.23
C SER B 192 9.66 -20.71 37.84
N ILE B 193 10.87 -21.05 37.39
CA ILE B 193 11.08 -21.66 36.09
C ILE B 193 12.01 -22.85 36.19
N SER B 194 11.52 -24.03 35.81
CA SER B 194 12.33 -25.23 35.88
C SER B 194 12.14 -26.06 34.62
N GLN B 195 13.22 -26.71 34.19
CA GLN B 195 13.25 -27.54 33.01
C GLN B 195 12.57 -28.88 33.26
N VAL B 196 11.97 -29.45 32.20
CA VAL B 196 11.30 -30.74 32.29
C VAL B 196 11.87 -31.61 31.16
N LYS B 197 12.40 -32.79 31.51
CA LYS B 197 12.98 -33.68 30.50
C LYS B 197 12.17 -34.95 30.31
N PRO B 198 11.29 -34.99 29.29
CA PRO B 198 10.49 -36.19 29.07
C PRO B 198 11.47 -37.35 28.91
N THR B 199 11.10 -38.55 29.35
CA THR B 199 12.01 -39.69 29.25
C THR B 199 11.53 -40.79 28.32
N LEU B 200 10.49 -40.52 27.53
CA LEU B 200 9.97 -41.50 26.59
C LEU B 200 9.92 -40.81 25.23
N GLU B 201 10.20 -41.55 24.17
CA GLU B 201 10.17 -40.99 22.83
C GLU B 201 8.74 -40.73 22.37
N CYS B 202 8.51 -39.56 21.77
CA CYS B 202 7.19 -39.19 21.28
C CYS B 202 7.33 -38.39 20.01
N ASP B 203 6.20 -38.22 19.35
CA ASP B 203 6.11 -37.40 18.17
C ASP B 203 5.24 -36.24 18.65
N PHE B 204 5.80 -35.05 18.61
CA PHE B 204 5.09 -33.84 19.04
C PHE B 204 4.64 -33.16 17.76
N LEU B 205 3.34 -32.92 17.63
CA LEU B 205 2.79 -32.28 16.43
C LEU B 205 2.02 -31.01 16.74
N VAL B 206 2.17 -30.02 15.86
CA VAL B 206 1.47 -28.74 16.00
C VAL B 206 0.55 -28.58 14.81
N GLY B 207 -0.74 -28.44 15.09
CA GLY B 207 -1.71 -28.30 14.02
C GLY B 207 -2.33 -26.92 14.06
N TRP B 208 -2.28 -26.22 12.93
CA TRP B 208 -2.82 -24.89 12.84
C TRP B 208 -4.21 -24.80 12.25
N THR B 209 -5.11 -24.18 13.01
CA THR B 209 -6.49 -23.98 12.60
C THR B 209 -6.57 -22.50 12.23
N LYS B 210 -6.02 -22.13 11.07
CA LYS B 210 -5.99 -20.74 10.63
C LYS B 210 -7.18 -19.91 11.10
N GLU B 211 -7.22 -19.60 12.39
CA GLU B 211 -8.33 -18.84 12.93
C GLU B 211 -7.88 -17.94 14.07
N VAL B 212 -8.35 -16.69 14.04
CA VAL B 212 -8.00 -15.73 15.08
C VAL B 212 -8.60 -16.22 16.40
N ALA B 213 -7.75 -16.32 17.41
CA ALA B 213 -8.15 -16.79 18.73
C ALA B 213 -9.02 -15.77 19.47
N VAL B 214 -9.67 -16.24 20.54
CA VAL B 214 -10.53 -15.42 21.38
C VAL B 214 -10.10 -13.95 21.48
N SER B 215 -11.08 -13.05 21.53
CA SER B 215 -10.81 -11.61 21.63
C SER B 215 -10.61 -11.20 23.08
N SER B 216 -10.81 -9.91 23.36
CA SER B 216 -10.65 -9.41 24.71
C SER B 216 -11.93 -9.59 25.52
N HIS B 217 -13.09 -9.42 24.89
CA HIS B 217 -14.35 -9.58 25.60
C HIS B 217 -14.60 -11.04 25.94
N VAL B 219 -12.16 -13.30 26.34
CA VAL B 219 -11.16 -13.70 27.31
C VAL B 219 -11.58 -13.26 28.71
N GLN B 220 -12.01 -12.01 28.82
CA GLN B 220 -12.47 -11.46 30.10
C GLN B 220 -13.60 -12.35 30.61
N GLN B 221 -14.47 -12.74 29.68
CA GLN B 221 -15.60 -13.59 29.98
C GLN B 221 -15.14 -14.96 30.49
N ILE B 222 -14.12 -15.52 29.84
CA ILE B 222 -13.60 -16.83 30.23
C ILE B 222 -12.98 -16.84 31.62
N LYS B 223 -12.15 -15.86 31.92
CA LYS B 223 -11.49 -15.80 33.21
C LYS B 223 -12.47 -15.59 34.36
N GLN B 224 -13.66 -15.07 34.05
CA GLN B 224 -14.69 -14.86 35.07
C GLN B 224 -15.24 -16.20 35.53
N ASN B 225 -14.99 -17.24 34.75
CA ASN B 225 -15.45 -18.59 35.08
C ASN B 225 -14.43 -19.30 35.96
N ILE B 226 -13.27 -18.70 36.13
CA ILE B 226 -12.22 -19.31 36.94
C ILE B 226 -12.64 -19.35 38.40
N ASN B 227 -12.60 -20.54 39.00
CA ASN B 227 -12.96 -20.71 40.41
C ASN B 227 -11.96 -21.65 41.08
N GLN B 228 -12.05 -21.75 42.40
CA GLN B 228 -11.13 -22.61 43.14
C GLN B 228 -11.07 -24.05 42.66
N ASN B 229 -12.22 -24.64 42.31
CA ASN B 229 -12.20 -26.02 41.86
C ASN B 229 -11.35 -26.21 40.61
N PHE B 230 -11.52 -25.33 39.63
CA PHE B 230 -10.74 -25.40 38.39
C PHE B 230 -9.24 -25.20 38.70
N LEU B 231 -8.93 -24.20 39.53
CA LEU B 231 -7.56 -23.91 39.92
C LEU B 231 -6.89 -25.10 40.62
N THR B 232 -7.64 -25.75 41.49
CA THR B 232 -7.13 -26.91 42.23
C THR B 232 -6.82 -28.05 41.27
N SER B 233 -7.79 -28.37 40.42
CA SER B 233 -7.63 -29.46 39.46
C SER B 233 -6.54 -29.19 38.41
N SER B 234 -6.52 -27.97 37.89
CA SER B 234 -5.53 -27.63 36.88
C SER B 234 -4.14 -27.90 37.42
N LYS B 235 -3.86 -27.34 38.59
CA LYS B 235 -2.57 -27.50 39.25
C LYS B 235 -2.17 -28.94 39.48
N GLU B 236 -3.11 -29.77 39.94
CA GLU B 236 -2.83 -31.19 40.18
C GLU B 236 -2.57 -31.88 38.85
N THR B 237 -3.26 -31.42 37.82
CA THR B 237 -3.11 -32.01 36.49
C THR B 237 -1.74 -31.68 35.90
N VAL B 238 -1.32 -30.43 36.03
CA VAL B 238 -0.01 -30.07 35.50
C VAL B 238 1.03 -30.94 36.19
N VAL B 239 0.99 -30.99 37.52
CA VAL B 239 1.94 -31.81 38.30
C VAL B 239 1.99 -33.28 37.87
N SER B 240 0.83 -33.91 37.67
CA SER B 240 0.80 -35.31 37.26
C SER B 240 1.30 -35.49 35.82
N LEU B 241 1.00 -34.52 34.96
CA LEU B 241 1.45 -34.61 33.57
C LEU B 241 2.97 -34.58 33.57
N VAL B 242 3.54 -33.63 34.33
CA VAL B 242 4.99 -33.51 34.46
C VAL B 242 5.56 -34.85 34.95
N GLU B 243 4.99 -35.40 36.01
CA GLU B 243 5.45 -36.68 36.54
C GLU B 243 5.38 -37.74 35.44
N ALA B 244 4.24 -37.83 34.76
CA ALA B 244 4.06 -38.81 33.69
C ALA B 244 5.13 -38.66 32.61
N LEU B 245 5.51 -37.42 32.31
CA LEU B 245 6.52 -37.18 31.30
C LEU B 245 7.90 -37.58 31.80
N GLU B 246 8.19 -37.27 33.06
CA GLU B 246 9.49 -37.62 33.61
C GLU B 246 9.66 -39.13 33.84
N GLN B 247 8.54 -39.85 33.98
CA GLN B 247 8.61 -41.30 34.20
C GLN B 247 8.33 -42.10 32.94
N GLY B 248 8.27 -41.42 31.79
CA GLY B 248 8.02 -42.09 30.52
C GLY B 248 6.82 -43.02 30.46
N LYS B 249 5.72 -42.63 31.12
CA LYS B 249 4.51 -43.43 31.13
C LYS B 249 3.51 -42.91 30.10
N SER B 250 3.49 -43.51 28.91
CA SER B 250 2.60 -43.07 27.84
C SER B 250 1.12 -43.04 28.22
N GLU B 251 0.64 -44.08 28.89
CA GLU B 251 -0.77 -44.12 29.28
C GLU B 251 -1.10 -43.10 30.35
N LYS B 252 -0.08 -42.65 31.08
CA LYS B 252 -0.30 -41.66 32.14
C LYS B 252 -0.29 -40.24 31.55
N ILE B 253 0.41 -40.07 30.44
CA ILE B 253 0.49 -38.79 29.76
C ILE B 253 -0.82 -38.54 29.04
N ILE B 254 -1.31 -39.57 28.35
CA ILE B 254 -2.56 -39.50 27.60
C ILE B 254 -3.72 -39.12 28.52
N GLU B 255 -3.79 -39.76 29.69
CA GLU B 255 -4.88 -39.47 30.63
C GLU B 255 -4.87 -38.03 31.10
N GLN B 256 -3.71 -37.57 31.58
CA GLN B 256 -3.61 -36.19 32.09
C GLN B 256 -3.88 -35.12 31.04
N VAL B 257 -3.45 -35.34 29.81
CA VAL B 257 -3.69 -34.34 28.77
C VAL B 257 -5.19 -34.20 28.55
N GLU B 258 -5.89 -35.34 28.51
CA GLU B 258 -7.34 -35.32 28.32
C GLU B 258 -8.05 -34.65 29.49
N VAL B 259 -7.56 -34.90 30.70
CA VAL B 259 -8.14 -34.28 31.87
C VAL B 259 -7.95 -32.78 31.78
N ALA B 260 -6.76 -32.37 31.39
CA ALA B 260 -6.46 -30.94 31.24
C ALA B 260 -7.38 -30.34 30.16
N SER B 261 -7.76 -31.17 29.20
CA SER B 261 -8.61 -30.71 28.11
C SER B 261 -10.07 -30.57 28.55
N LYS B 262 -10.53 -31.48 29.40
CA LYS B 262 -11.90 -31.40 29.89
C LYS B 262 -12.04 -30.24 30.85
N LEU B 263 -10.93 -29.90 31.52
CA LEU B 263 -10.94 -28.79 32.45
C LEU B 263 -11.16 -27.50 31.65
N LEU B 264 -10.53 -27.44 30.48
CA LEU B 264 -10.67 -26.27 29.63
C LEU B 264 -12.10 -26.15 29.08
N GLU B 265 -12.63 -27.25 28.56
CA GLU B 265 -13.98 -27.29 28.03
C GLU B 265 -14.95 -26.92 29.13
N GLY B 266 -14.68 -27.39 30.34
CA GLY B 266 -15.54 -27.09 31.46
C GLY B 266 -15.49 -25.61 31.85
N LEU B 267 -14.40 -24.95 31.48
CA LEU B 267 -14.22 -23.54 31.81
C LEU B 267 -15.07 -22.65 30.89
N SER B 268 -15.10 -22.99 29.60
CA SER B 268 -15.88 -22.23 28.62
C SER B 268 -15.98 -22.92 27.28
N THR B 269 -17.03 -22.61 26.54
CA THR B 269 -17.28 -23.19 25.20
C THR B 269 -16.49 -22.41 24.15
N ASP B 270 -16.04 -21.22 24.53
CA ASP B 270 -15.26 -20.35 23.64
C ASP B 270 -13.89 -20.91 23.30
N ILE B 271 -13.31 -21.65 24.25
CA ILE B 271 -11.99 -22.23 24.03
C ILE B 271 -11.95 -23.19 22.84
N TYR B 272 -12.76 -24.24 22.86
CA TYR B 272 -12.79 -25.16 21.72
C TYR B 272 -13.79 -24.72 20.64
N THR B 273 -13.26 -24.28 19.51
CA THR B 273 -14.10 -23.87 18.39
C THR B 273 -14.29 -25.13 17.54
N PRO B 274 -15.20 -25.10 16.57
CA PRO B 274 -15.42 -26.29 15.74
C PRO B 274 -14.16 -26.99 15.21
N LEU B 275 -13.22 -26.23 14.67
CA LEU B 275 -12.03 -26.85 14.12
C LEU B 275 -11.09 -27.39 15.23
N LEU B 276 -11.09 -26.76 16.40
CA LEU B 276 -10.27 -27.26 17.49
C LEU B 276 -10.85 -28.58 18.03
N ARG B 277 -12.17 -28.72 18.07
CA ARG B 277 -12.79 -29.97 18.53
C ARG B 277 -12.39 -31.12 17.62
N GLN B 278 -12.45 -30.89 16.31
CA GLN B 278 -12.10 -31.88 15.31
C GLN B 278 -10.63 -32.26 15.38
N LEU B 279 -9.78 -31.26 15.57
CA LEU B 279 -8.35 -31.49 15.67
C LEU B 279 -8.15 -32.48 16.83
N LYS B 280 -8.86 -32.22 17.92
CA LYS B 280 -8.79 -33.07 19.11
C LYS B 280 -9.35 -34.47 18.85
N GLU B 281 -10.58 -34.54 18.33
CA GLU B 281 -11.24 -35.82 18.06
C GLU B 281 -10.43 -36.75 17.15
N ALA B 282 -9.70 -36.17 16.20
CA ALA B 282 -8.91 -36.97 15.28
C ALA B 282 -7.95 -37.91 16.00
N SER B 283 -7.68 -37.62 17.27
CA SER B 283 -6.79 -38.46 18.07
C SER B 283 -7.49 -39.65 18.71
N GLN B 284 -8.71 -39.94 18.24
CA GLN B 284 -9.50 -41.06 18.75
C GLN B 284 -9.09 -42.39 18.11
N ASP B 285 -9.02 -43.44 18.92
CA ASP B 285 -8.65 -44.77 18.45
C ASP B 285 -7.17 -44.90 18.18
N LEU B 286 -6.43 -43.83 18.44
CA LEU B 286 -4.99 -43.84 18.20
C LEU B 286 -4.25 -43.79 19.53
N GLN B 287 -2.98 -44.21 19.51
CA GLN B 287 -2.16 -44.16 20.70
C GLN B 287 -1.52 -42.78 20.68
N ALA B 288 -2.36 -41.77 20.86
CA ALA B 288 -1.95 -40.38 20.85
C ALA B 288 -3.02 -39.56 21.51
N VAL B 289 -2.72 -38.31 21.79
CA VAL B 289 -3.67 -37.42 22.42
C VAL B 289 -3.48 -36.01 21.88
N ALA B 290 -4.58 -35.31 21.65
CA ALA B 290 -4.50 -33.94 21.14
C ALA B 290 -5.22 -32.99 22.07
N LYS B 291 -4.90 -31.71 21.98
CA LYS B 291 -5.52 -30.73 22.86
C LYS B 291 -5.30 -29.31 22.34
N SER B 292 -6.18 -28.39 22.75
CA SER B 292 -6.07 -27.00 22.35
C SER B 292 -4.88 -26.32 23.05
N SER B 293 -4.25 -25.36 22.38
CA SER B 293 -3.10 -24.69 22.97
C SER B 293 -3.24 -23.17 23.06
N GLY B 294 -3.07 -22.65 24.27
CA GLY B 294 -3.15 -21.21 24.47
C GLY B 294 -4.53 -20.68 24.80
N ALA B 295 -4.76 -19.43 24.45
CA ALA B 295 -6.03 -18.75 24.72
C ALA B 295 -7.24 -19.52 24.20
N GLY B 296 -7.07 -20.18 23.07
CA GLY B 296 -8.17 -20.93 22.50
C GLY B 296 -8.92 -20.09 21.50
N GLY B 297 -10.06 -20.59 21.05
CA GLY B 297 -10.86 -19.85 20.08
C GLY B 297 -10.21 -19.89 18.72
N GLY B 298 -9.12 -20.64 18.59
CA GLY B 298 -8.42 -20.73 17.33
C GLY B 298 -6.95 -21.02 17.47
N ASP B 299 -6.18 -20.61 16.43
CA ASP B 299 -4.73 -20.81 16.46
C ASP B 299 -4.39 -22.29 16.56
N CYS B 300 -3.44 -22.71 17.37
CA CYS B 300 -3.03 -24.13 17.29
C CYS B 300 -3.52 -25.09 18.29
N GLY B 301 -3.34 -26.34 17.91
CA GLY B 301 -3.70 -27.46 18.76
C GLY B 301 -2.39 -28.23 18.85
N ILE B 302 -2.20 -28.97 19.93
CA ILE B 302 -0.97 -29.75 20.08
C ILE B 302 -1.32 -31.22 20.20
N ALA B 303 -0.37 -32.07 19.83
CA ALA B 303 -0.59 -33.50 19.90
C ALA B 303 0.68 -34.26 20.22
N LEU B 304 0.51 -35.35 20.97
CA LEU B 304 1.60 -36.25 21.32
C LEU B 304 1.19 -37.63 20.85
N SER B 305 1.95 -38.16 19.90
CA SER B 305 1.68 -39.48 19.34
C SER B 305 2.76 -40.41 19.86
N PHE B 306 2.36 -41.64 20.21
CA PHE B 306 3.33 -42.59 20.73
C PHE B 306 3.69 -43.80 19.86
N ASP B 307 3.51 -43.69 18.54
CA ASP B 307 3.88 -44.77 17.62
C ASP B 307 3.70 -44.40 16.14
N ALA B 308 4.67 -44.81 15.33
CA ALA B 308 4.72 -44.53 13.88
C ALA B 308 3.37 -44.44 13.16
N GLN B 309 2.56 -45.50 13.24
CA GLN B 309 1.27 -45.50 12.54
C GLN B 309 0.29 -44.49 13.13
N SER B 310 0.31 -44.30 14.45
CA SER B 310 -0.59 -43.33 15.06
C SER B 310 -0.26 -41.92 14.55
N THR B 311 1.03 -41.65 14.39
CA THR B 311 1.47 -40.35 13.93
C THR B 311 1.07 -40.14 12.47
N LYS B 312 1.17 -41.23 11.71
CA LYS B 312 0.84 -41.20 10.29
C LYS B 312 -0.67 -41.01 10.10
N THR B 313 -1.48 -41.63 10.95
CA THR B 313 -2.93 -41.51 10.85
C THR B 313 -3.42 -40.15 11.30
N LEU B 314 -2.75 -39.59 12.31
CA LEU B 314 -3.12 -38.28 12.84
C LEU B 314 -2.84 -37.20 11.80
N LYS B 315 -1.72 -37.32 11.10
CA LYS B 315 -1.36 -36.35 10.06
C LYS B 315 -2.36 -36.39 8.92
N ASN B 316 -2.74 -37.60 8.51
CA ASN B 316 -3.69 -37.76 7.42
C ASN B 316 -5.02 -37.09 7.75
N ARG B 317 -5.57 -37.44 8.90
CA ARG B 317 -6.84 -36.89 9.34
C ARG B 317 -6.83 -35.38 9.38
N TRP B 318 -5.82 -34.81 10.02
CA TRP B 318 -5.69 -33.36 10.13
C TRP B 318 -5.70 -32.71 8.74
N ALA B 319 -4.96 -33.31 7.81
CA ALA B 319 -4.88 -32.81 6.45
C ALA B 319 -6.28 -32.77 5.83
N ASP B 320 -7.02 -33.86 6.00
CA ASP B 320 -8.38 -33.93 5.47
C ASP B 320 -9.28 -32.88 6.10
N LEU B 321 -9.09 -32.65 7.40
CA LEU B 321 -9.87 -31.65 8.13
C LEU B 321 -9.44 -30.22 7.80
N GLY B 322 -8.42 -30.07 6.96
CA GLY B 322 -7.97 -28.74 6.61
C GLY B 322 -7.09 -28.09 7.66
N ILE B 323 -6.61 -28.88 8.61
CA ILE B 323 -5.72 -28.37 9.66
C ILE B 323 -4.30 -28.46 9.15
N GLU B 324 -3.56 -27.35 9.24
CA GLU B 324 -2.19 -27.31 8.75
C GLU B 324 -1.12 -27.69 9.78
N LEU B 325 -0.34 -28.71 9.46
CA LEU B 325 0.74 -29.21 10.33
C LEU B 325 1.87 -28.18 10.31
N LEU B 326 1.91 -27.35 11.34
CA LEU B 326 2.91 -26.29 11.45
C LEU B 326 4.30 -26.78 11.85
N TYR B 327 4.35 -27.68 12.82
CA TYR B 327 5.63 -28.15 13.30
C TYR B 327 5.57 -29.62 13.75
N GLN B 328 6.70 -30.29 13.64
CA GLN B 328 6.82 -31.69 14.04
C GLN B 328 8.16 -31.86 14.71
N GLU B 329 8.17 -32.51 15.87
CA GLU B 329 9.40 -32.70 16.61
C GLU B 329 9.48 -34.08 17.25
N ARG B 330 10.69 -34.59 17.40
CA ARG B 330 10.88 -35.88 18.04
C ARG B 330 11.27 -35.57 19.49
N ILE B 331 10.41 -35.95 20.42
CA ILE B 331 10.66 -35.72 21.84
C ILE B 331 11.32 -36.94 22.46
N HIS C 1 -11.51 33.54 -9.28
CA HIS C 1 -11.38 32.08 -9.03
C HIS C 1 -10.02 31.77 -8.43
N ILE C 4 -8.08 30.31 -1.13
CA ILE C 4 -7.54 31.02 0.01
C ILE C 4 -6.55 30.11 0.73
N ALA C 5 -5.41 30.67 1.12
CA ALA C 5 -4.39 29.89 1.80
C ALA C 5 -4.18 30.31 3.24
N VAL C 6 -4.03 29.34 4.13
CA VAL C 6 -3.77 29.62 5.55
C VAL C 6 -2.79 28.58 6.08
N LYS C 7 -2.17 28.88 7.21
CA LYS C 7 -1.23 27.95 7.81
C LYS C 7 -1.35 27.97 9.33
N THR C 8 -0.89 26.89 9.96
CA THR C 8 -0.92 26.74 11.41
C THR C 8 0.43 26.17 11.82
N CYS C 9 0.99 26.70 12.88
CA CYS C 9 2.29 26.26 13.37
C CYS C 9 2.13 25.06 14.31
N GLY C 10 3.22 24.64 14.93
CA GLY C 10 3.18 23.54 15.87
C GLY C 10 3.41 24.12 17.25
N LYS C 11 3.64 23.26 18.25
CA LYS C 11 3.86 23.75 19.60
C LYS C 11 4.74 22.82 20.45
N LEU C 12 5.37 23.38 21.47
CA LEU C 12 6.20 22.61 22.38
C LEU C 12 6.15 23.27 23.75
N TYR C 13 5.83 22.50 24.79
CA TYR C 13 5.79 23.05 26.15
C TYR C 13 7.20 23.34 26.64
N TRP C 14 7.33 24.36 27.48
CA TRP C 14 8.59 24.76 28.09
C TRP C 14 8.50 24.44 29.58
N ALA C 15 7.31 24.63 30.17
CA ALA C 15 7.11 24.33 31.59
C ALA C 15 5.64 24.25 31.92
N GLY C 16 5.30 23.49 32.96
CA GLY C 16 3.91 23.35 33.39
C GLY C 16 3.25 22.05 32.97
N GLU C 17 4.02 21.13 32.40
CA GLU C 17 3.47 19.85 31.96
C GLU C 17 2.79 19.08 33.09
N TYR C 18 1.69 18.43 32.74
CA TYR C 18 0.88 17.64 33.66
C TYR C 18 0.14 18.48 34.69
N ALA C 19 0.85 19.37 35.37
CA ALA C 19 0.22 20.25 36.34
C ALA C 19 -0.91 21.02 35.66
N ILE C 20 -0.64 21.47 34.43
CA ILE C 20 -1.60 22.25 33.66
C ILE C 20 -2.97 21.59 33.51
N LEU C 21 -3.05 20.29 33.76
CA LEU C 21 -4.31 19.57 33.65
C LEU C 21 -5.26 20.00 34.77
N GLU C 22 -4.72 20.72 35.74
CA GLU C 22 -5.50 21.23 36.86
C GLU C 22 -6.04 22.62 36.55
N PRO C 23 -7.37 22.81 36.62
CA PRO C 23 -7.95 24.13 36.32
C PRO C 23 -7.28 25.20 37.17
N GLY C 24 -6.76 26.24 36.53
CA GLY C 24 -6.10 27.30 37.28
C GLY C 24 -4.58 27.25 37.24
N GLN C 25 -4.03 26.10 36.82
CA GLN C 25 -2.58 25.94 36.74
C GLN C 25 -2.03 26.75 35.58
N LEU C 26 -0.71 26.90 35.54
CA LEU C 26 -0.05 27.68 34.50
C LEU C 26 0.90 26.81 33.68
N ALA C 27 1.17 27.22 32.44
CA ALA C 27 2.08 26.51 31.55
C ALA C 27 2.68 27.49 30.54
N LEU C 28 3.97 27.30 30.24
CA LEU C 28 4.68 28.15 29.28
C LEU C 28 4.77 27.33 28.00
N ILE C 29 4.14 27.79 26.93
CA ILE C 29 4.13 27.04 25.68
C ILE C 29 4.63 27.85 24.48
N LYS C 30 5.56 27.25 23.74
CA LYS C 30 6.19 27.90 22.58
C LYS C 30 5.67 27.38 21.24
N ASP C 31 5.45 28.30 20.31
CA ASP C 31 4.98 27.97 18.98
C ASP C 31 6.18 27.66 18.08
N ILE C 32 6.06 26.63 17.26
CA ILE C 32 7.14 26.23 16.35
C ILE C 32 6.74 26.53 14.90
N PRO C 33 7.58 27.29 14.18
CA PRO C 33 7.36 27.67 12.78
C PRO C 33 7.33 26.54 11.73
N ILE C 34 6.95 25.33 12.14
CA ILE C 34 6.85 24.21 11.20
C ILE C 34 5.35 24.12 10.92
N TYR C 35 4.98 24.35 9.66
CA TYR C 35 3.56 24.45 9.30
C TYR C 35 2.73 23.39 8.62
N ARG C 37 -0.57 23.40 6.20
CA ARG C 37 -1.14 24.38 5.29
C ARG C 37 -2.43 23.89 4.68
N ALA C 38 -3.19 24.83 4.16
CA ALA C 38 -4.45 24.50 3.56
C ALA C 38 -4.82 25.55 2.54
N GLU C 39 -5.64 25.12 1.59
CA GLU C 39 -6.16 25.95 0.53
C GLU C 39 -7.64 25.63 0.56
N ILE C 40 -8.49 26.64 0.43
CA ILE C 40 -9.92 26.38 0.47
C ILE C 40 -10.65 27.28 -0.51
N ALA C 41 -11.80 26.81 -0.97
CA ALA C 41 -12.63 27.56 -1.90
C ALA C 41 -13.95 26.83 -2.08
N PHE C 42 -14.99 27.57 -2.50
CA PHE C 42 -16.29 26.96 -2.73
C PHE C 42 -16.17 26.09 -3.99
N SER C 43 -17.05 25.10 -4.12
CA SER C 43 -17.05 24.21 -5.28
C SER C 43 -18.41 23.53 -5.44
N ASP C 44 -18.51 22.65 -6.44
CA ASP C 44 -19.76 21.92 -6.72
C ASP C 44 -20.21 21.04 -5.55
N SER C 45 -19.26 20.35 -4.93
CA SER C 45 -19.58 19.46 -3.82
C SER C 45 -18.50 19.57 -2.75
N TYR C 46 -18.75 18.94 -1.60
CA TYR C 46 -17.80 18.96 -0.51
C TYR C 46 -16.70 17.95 -0.77
N ARG C 47 -15.46 18.40 -0.69
CA ARG C 47 -14.35 17.51 -0.90
C ARG C 47 -13.17 17.89 -0.04
N ILE C 48 -12.40 16.89 0.37
CA ILE C 48 -11.22 17.11 1.16
C ILE C 48 -10.12 16.48 0.32
N TYR C 49 -9.04 17.21 0.07
CA TYR C 49 -7.98 16.71 -0.78
C TYR C 49 -6.60 16.57 -0.13
N SER C 50 -5.73 15.90 -0.88
CA SER C 50 -4.34 15.65 -0.55
C SER C 50 -3.61 15.59 -1.88
N ASP C 51 -2.29 15.59 -1.87
CA ASP C 51 -1.54 15.53 -3.12
C ASP C 51 -1.81 14.19 -3.80
N ASN C 62 -4.60 11.60 4.74
CA ASN C 62 -3.42 11.33 5.55
C ASN C 62 -3.69 11.55 7.04
N PRO C 63 -4.06 12.79 7.44
CA PRO C 63 -4.35 13.06 8.87
C PRO C 63 -5.62 12.34 9.38
N ASP C 64 -6.16 12.82 10.50
CA ASP C 64 -7.36 12.22 11.08
C ASP C 64 -8.60 12.81 10.41
N TYR C 65 -9.32 11.95 9.70
CA TYR C 65 -10.52 12.34 8.96
C TYR C 65 -11.71 12.82 9.79
N SER C 66 -12.15 12.02 10.75
CA SER C 66 -13.29 12.39 11.58
C SER C 66 -13.10 13.72 12.29
N LEU C 67 -11.87 13.99 12.71
CA LEU C 67 -11.54 15.23 13.40
C LEU C 67 -11.89 16.41 12.50
N ILE C 68 -11.48 16.32 11.24
CA ILE C 68 -11.75 17.35 10.25
C ILE C 68 -13.25 17.50 10.00
N GLN C 69 -13.97 16.38 9.96
CA GLN C 69 -15.40 16.40 9.72
C GLN C 69 -16.17 17.06 10.86
N GLU C 70 -15.68 16.84 12.07
CA GLU C 70 -16.32 17.41 13.26
C GLU C 70 -16.09 18.92 13.33
N THR C 71 -14.89 19.34 12.94
CA THR C 71 -14.55 20.76 12.97
C THR C 71 -15.46 21.51 12.01
N ILE C 72 -15.68 20.94 10.83
CA ILE C 72 -16.51 21.56 9.82
C ILE C 72 -17.95 21.61 10.31
N ALA C 73 -18.39 20.55 10.96
CA ALA C 73 -19.75 20.53 11.47
C ALA C 73 -19.92 21.64 12.50
N LEU C 74 -18.95 21.77 13.40
CA LEU C 74 -19.03 22.82 14.41
C LEU C 74 -19.02 24.18 13.74
N GLY C 76 -20.14 24.80 10.89
CA GLY C 76 -21.41 24.94 10.23
C GLY C 76 -22.38 25.60 11.19
N ASP C 77 -22.34 25.15 12.44
CA ASP C 77 -23.21 25.71 13.47
C ASP C 77 -22.86 27.17 13.77
N PHE C 78 -21.57 27.44 13.97
CA PHE C 78 -21.09 28.78 14.27
C PHE C 78 -21.47 29.76 13.18
N LEU C 79 -21.40 29.32 11.92
CA LEU C 79 -21.75 30.17 10.81
C LEU C 79 -23.25 30.46 10.83
N ALA C 80 -24.04 29.46 11.26
CA ALA C 80 -25.49 29.64 11.33
C ALA C 80 -25.79 30.74 12.34
N VAL C 81 -24.98 30.81 13.39
CA VAL C 81 -25.16 31.85 14.39
C VAL C 81 -24.93 33.20 13.72
N ARG C 82 -23.75 33.37 13.12
CA ARG C 82 -23.41 34.60 12.46
C ARG C 82 -24.27 34.86 11.22
N GLY C 83 -25.32 34.06 11.05
CA GLY C 83 -26.24 34.23 9.93
C GLY C 83 -25.80 33.76 8.55
N GLN C 84 -24.70 33.01 8.47
CA GLN C 84 -24.21 32.48 7.20
C GLN C 84 -24.69 31.04 7.07
N ASN C 85 -24.42 30.43 5.92
CA ASN C 85 -24.81 29.04 5.71
C ASN C 85 -23.68 28.27 5.08
N LEU C 86 -23.49 27.05 5.55
CA LEU C 86 -22.45 26.19 5.02
C LEU C 86 -22.91 25.77 3.62
N ARG C 87 -22.02 25.92 2.64
CA ARG C 87 -22.28 25.53 1.24
C ARG C 87 -21.13 24.61 0.82
N PRO C 88 -21.26 23.95 -0.34
CA PRO C 88 -20.18 23.06 -0.79
C PRO C 88 -18.85 23.78 -0.98
N PHE C 89 -17.78 23.20 -0.45
CA PHE C 89 -16.46 23.79 -0.58
C PHE C 89 -15.40 22.70 -0.58
N SER C 90 -14.23 23.00 -1.15
CA SER C 90 -13.12 22.05 -1.22
C SER C 90 -11.99 22.52 -0.32
N LEU C 91 -11.35 21.57 0.36
CA LEU C 91 -10.28 21.87 1.28
C LEU C 91 -9.10 20.93 1.02
N ALA C 92 -7.92 21.50 0.87
CA ALA C 92 -6.74 20.71 0.63
C ALA C 92 -5.81 20.94 1.81
N ILE C 93 -5.26 19.86 2.33
CA ILE C 93 -4.37 19.96 3.47
C ILE C 93 -3.02 19.41 3.08
N TYR C 94 -1.96 20.14 3.44
CA TYR C 94 -0.60 19.73 3.13
C TYR C 94 0.41 20.47 4.00
N GLY C 95 1.68 20.39 3.61
CA GLY C 95 2.73 21.04 4.37
C GLY C 95 3.62 20.02 5.09
N LYS C 96 4.78 20.49 5.55
CA LYS C 96 5.75 19.65 6.26
C LYS C 96 5.19 19.03 7.54
N GLU C 98 2.12 18.05 7.92
CA GLU C 98 1.26 16.96 7.51
C GLU C 98 2.07 15.78 7.00
N ARG C 99 2.90 16.04 6.00
CA ARG C 99 3.74 15.02 5.38
C ARG C 99 4.29 13.96 6.34
N GLU C 100 4.84 14.38 7.47
CA GLU C 100 5.38 13.42 8.43
C GLU C 100 4.47 13.19 9.65
N GLY C 101 3.18 12.99 9.37
CA GLY C 101 2.17 12.74 10.38
C GLY C 101 2.32 13.36 11.76
N LYS C 102 2.73 12.53 12.72
CA LYS C 102 2.89 12.96 14.10
C LYS C 102 4.23 12.53 14.70
N LYS C 103 5.25 12.44 13.84
CA LYS C 103 6.59 12.08 14.26
C LYS C 103 7.09 12.93 15.42
N PHE C 104 7.49 14.15 15.06
CA PHE C 104 8.05 15.13 15.98
C PHE C 104 7.26 15.37 17.28
N GLY C 105 5.95 15.18 17.23
CA GLY C 105 5.16 15.43 18.43
C GLY C 105 4.93 16.92 18.63
N LEU C 106 4.77 17.64 17.52
CA LEU C 106 4.54 19.08 17.56
C LEU C 106 3.08 19.48 17.73
N GLY C 107 2.26 18.55 18.20
CA GLY C 107 0.84 18.83 18.39
C GLY C 107 0.06 18.83 17.08
N SER C 108 0.49 18.00 16.14
CA SER C 108 -0.13 17.91 14.82
C SER C 108 -1.66 17.82 14.83
N SER C 109 -2.22 17.03 15.74
CA SER C 109 -3.66 16.88 15.78
C SER C 109 -4.36 18.20 16.18
N GLY C 110 -3.68 19.00 17.02
CA GLY C 110 -4.25 20.26 17.43
C GLY C 110 -4.23 21.25 16.28
N SER C 111 -3.15 21.24 15.51
CA SER C 111 -3.03 22.15 14.36
C SER C 111 -4.08 21.94 13.28
N VAL C 112 -4.55 20.72 13.10
CA VAL C 112 -5.55 20.44 12.08
C VAL C 112 -6.86 21.12 12.37
N VAL C 113 -7.28 21.05 13.63
CA VAL C 113 -8.53 21.65 14.04
C VAL C 113 -8.44 23.16 13.88
N VAL C 114 -7.34 23.75 14.34
CA VAL C 114 -7.14 25.20 14.22
C VAL C 114 -7.06 25.60 12.75
N LEU C 115 -6.42 24.76 11.95
CA LEU C 115 -6.26 25.02 10.53
C LEU C 115 -7.62 25.03 9.80
N VAL C 116 -8.47 24.07 10.09
CA VAL C 116 -9.76 24.00 9.44
C VAL C 116 -10.61 25.22 9.81
N VAL C 117 -10.68 25.54 11.10
CA VAL C 117 -11.44 26.72 11.54
C VAL C 117 -10.96 27.98 10.82
N LYS C 118 -9.65 28.22 10.82
CA LYS C 118 -9.13 29.41 10.15
C LYS C 118 -9.51 29.41 8.67
N ALA C 119 -9.37 28.27 8.01
CA ALA C 119 -9.69 28.15 6.60
C ALA C 119 -11.14 28.51 6.36
N LEU C 120 -12.03 28.02 7.22
CA LEU C 120 -13.46 28.31 7.08
C LEU C 120 -13.81 29.76 7.45
N LEU C 121 -13.08 30.34 8.40
CA LEU C 121 -13.34 31.71 8.78
C LEU C 121 -12.94 32.62 7.62
N ALA C 122 -11.78 32.31 7.04
CA ALA C 122 -11.27 33.09 5.91
C ALA C 122 -12.23 33.04 4.72
N LEU C 123 -12.71 31.85 4.38
CA LEU C 123 -13.63 31.65 3.26
C LEU C 123 -14.93 32.44 3.43
N TYR C 124 -15.43 32.54 4.64
CA TYR C 124 -16.65 33.28 4.86
C TYR C 124 -16.40 34.75 5.24
N ASN C 125 -15.15 35.19 5.08
CA ASN C 125 -14.74 36.55 5.38
C ASN C 125 -15.06 37.01 6.80
N LEU C 126 -14.70 36.20 7.77
CA LEU C 126 -14.95 36.55 9.17
C LEU C 126 -13.61 36.55 9.87
N SER C 127 -13.47 37.45 10.83
CA SER C 127 -12.24 37.55 11.60
C SER C 127 -12.67 37.39 13.04
N VAL C 128 -11.87 36.67 13.84
CA VAL C 128 -12.19 36.47 15.23
C VAL C 128 -10.91 36.73 16.00
N ASP C 129 -11.02 37.21 17.24
CA ASP C 129 -9.81 37.45 18.01
C ASP C 129 -9.25 36.09 18.45
N GLN C 130 -8.16 36.13 19.18
CA GLN C 130 -7.52 34.90 19.60
C GLN C 130 -8.27 34.05 20.62
N ASN C 131 -9.08 34.68 21.48
CA ASN C 131 -9.82 33.91 22.47
C ASN C 131 -10.97 33.14 21.84
N LEU C 132 -11.55 33.69 20.77
CA LEU C 132 -12.67 33.02 20.11
C LEU C 132 -12.18 31.84 19.26
N LEU C 133 -11.01 31.98 18.66
CA LEU C 133 -10.42 30.90 17.85
C LEU C 133 -10.13 29.73 18.81
N PHE C 134 -9.55 30.05 19.95
CA PHE C 134 -9.25 29.04 20.95
C PHE C 134 -10.53 28.33 21.36
N LYS C 135 -11.60 29.10 21.53
CA LYS C 135 -12.89 28.53 21.92
C LYS C 135 -13.52 27.62 20.85
N LEU C 136 -13.49 28.06 19.60
CA LEU C 136 -14.08 27.26 18.53
C LEU C 136 -13.37 25.92 18.41
N THR C 137 -12.05 25.99 18.46
CA THR C 137 -11.23 24.79 18.35
C THR C 137 -11.37 23.87 19.57
N SER C 138 -11.31 24.45 20.76
CA SER C 138 -11.46 23.65 21.97
C SER C 138 -12.79 22.91 21.98
N ALA C 139 -13.83 23.61 21.53
CA ALA C 139 -15.18 23.05 21.51
C ALA C 139 -15.27 21.78 20.69
N VAL C 140 -14.49 21.70 19.62
CA VAL C 140 -14.52 20.50 18.79
C VAL C 140 -14.00 19.33 19.62
N LEU C 141 -12.87 19.55 20.29
CA LEU C 141 -12.26 18.51 21.11
C LEU C 141 -13.09 18.21 22.36
N LEU C 142 -13.67 19.22 22.97
CA LEU C 142 -14.50 19.00 24.15
C LEU C 142 -15.68 18.07 23.81
N LYS C 143 -16.29 18.30 22.65
CA LYS C 143 -17.41 17.48 22.20
C LYS C 143 -16.96 16.08 21.79
N ARG C 144 -15.65 15.86 21.77
CA ARG C 144 -15.10 14.56 21.40
C ARG C 144 -14.79 13.73 22.63
N GLY C 145 -14.90 14.35 23.80
CA GLY C 145 -14.63 13.64 25.05
C GLY C 145 -13.26 13.96 25.60
N ASP C 146 -12.45 14.71 24.85
CA ASP C 146 -11.10 15.07 25.26
C ASP C 146 -11.12 15.91 26.53
N ASN C 147 -10.25 15.57 27.49
CA ASN C 147 -10.18 16.31 28.75
C ASN C 147 -8.79 16.89 29.02
N GLY C 148 -7.95 16.92 27.99
CA GLY C 148 -6.62 17.48 28.13
C GLY C 148 -6.71 18.97 28.42
N SER C 149 -5.59 19.57 28.80
CA SER C 149 -5.55 21.00 29.14
C SER C 149 -5.93 22.00 28.05
N GLY C 151 -3.79 23.39 26.20
CA GLY C 151 -2.64 24.27 26.08
C GLY C 151 -2.04 24.38 24.69
N ASP C 152 -2.07 23.30 23.92
CA ASP C 152 -1.51 23.32 22.57
C ASP C 152 -2.35 24.19 21.65
N LEU C 153 -3.66 24.16 21.82
CA LEU C 153 -4.53 24.99 21.01
C LEU C 153 -4.31 26.46 21.37
N ALA C 154 -4.01 26.70 22.64
CA ALA C 154 -3.78 28.06 23.13
C ALA C 154 -2.57 28.67 22.44
N CYS C 155 -1.47 27.93 22.43
CA CYS C 155 -0.24 28.37 21.80
C CYS C 155 -0.36 28.51 20.29
N ILE C 156 -0.99 27.50 19.67
CA ILE C 156 -1.19 27.46 18.23
C ILE C 156 -2.13 28.54 17.69
N ALA C 157 -3.11 28.94 18.51
CA ALA C 157 -4.05 29.98 18.12
C ALA C 157 -3.41 31.37 18.23
N ALA C 158 -2.38 31.49 19.05
CA ALA C 158 -1.71 32.77 19.25
C ALA C 158 -0.41 32.90 18.45
N GLU C 159 0.23 31.78 18.14
CA GLU C 159 1.49 31.78 17.41
C GLU C 159 2.53 32.68 18.08
N ASP C 160 2.76 32.42 19.36
CA ASP C 160 3.73 33.16 20.16
C ASP C 160 4.03 32.32 21.39
N LEU C 161 5.06 32.70 22.14
CA LEU C 161 5.38 32.02 23.37
C LEU C 161 4.30 32.57 24.30
N VAL C 162 3.37 31.71 24.72
CA VAL C 162 2.30 32.19 25.58
C VAL C 162 2.34 31.63 26.98
N LEU C 163 1.73 32.37 27.90
CA LEU C 163 1.59 31.99 29.29
C LEU C 163 0.13 31.53 29.28
N TYR C 164 -0.12 30.29 29.66
CA TYR C 164 -1.48 29.76 29.63
C TYR C 164 -1.95 29.27 30.99
N GLN C 165 -3.19 29.60 31.33
CA GLN C 165 -3.82 29.18 32.57
C GLN C 165 -5.05 28.38 32.12
N SER C 166 -5.07 27.09 32.41
CA SER C 166 -6.16 26.23 31.98
C SER C 166 -7.50 26.49 32.64
N PHE C 167 -8.55 25.96 32.02
CA PHE C 167 -9.92 26.13 32.50
C PHE C 167 -10.51 24.76 32.80
N ASP C 168 -11.65 24.73 33.49
CA ASP C 168 -12.30 23.46 33.82
C ASP C 168 -13.02 22.91 32.59
N ARG C 169 -12.43 21.91 31.94
CA ARG C 169 -13.00 21.31 30.75
C ARG C 169 -14.31 20.54 30.95
N GLN C 170 -14.44 19.84 32.07
CA GLN C 170 -15.66 19.09 32.34
C GLN C 170 -16.82 20.07 32.40
N LYS C 171 -16.54 21.24 32.96
CA LYS C 171 -17.53 22.29 33.11
C LYS C 171 -18.00 22.75 31.75
N VAL C 172 -17.06 23.11 30.87
CA VAL C 172 -17.43 23.60 29.55
C VAL C 172 -18.09 22.53 28.70
N ALA C 173 -17.70 21.27 28.92
CA ALA C 173 -18.27 20.16 28.16
C ALA C 173 -19.74 20.02 28.49
N ALA C 174 -20.09 20.24 29.76
CA ALA C 174 -21.48 20.14 30.16
C ALA C 174 -22.27 21.24 29.45
N TRP C 175 -21.76 22.47 29.52
CA TRP C 175 -22.42 23.58 28.86
C TRP C 175 -22.69 23.24 27.40
N LEU C 176 -21.70 22.66 26.73
CA LEU C 176 -21.84 22.32 25.31
C LEU C 176 -22.91 21.29 25.02
N GLU C 177 -23.24 20.45 26.00
CA GLU C 177 -24.25 19.43 25.79
C GLU C 177 -25.65 19.89 26.24
N GLU C 178 -25.71 21.03 26.95
CA GLU C 178 -26.98 21.57 27.44
C GLU C 178 -27.39 22.86 26.74
N GLU C 179 -26.43 23.73 26.45
CA GLU C 179 -26.71 25.02 25.81
C GLU C 179 -26.43 24.97 24.32
N ASN C 180 -26.81 26.03 23.61
CA ASN C 180 -26.55 26.11 22.19
C ASN C 180 -25.20 26.80 22.00
N LEU C 181 -24.53 26.48 20.90
CA LEU C 181 -23.20 27.00 20.62
C LEU C 181 -22.98 28.48 20.93
N ALA C 182 -23.87 29.35 20.47
CA ALA C 182 -23.71 30.78 20.72
C ALA C 182 -23.58 31.12 22.21
N THR C 183 -24.43 30.51 23.03
CA THR C 183 -24.42 30.75 24.47
C THR C 183 -23.09 30.34 25.09
N VAL C 184 -22.68 29.10 24.83
CA VAL C 184 -21.43 28.60 25.37
C VAL C 184 -20.26 29.46 24.92
N LEU C 185 -20.29 29.92 23.67
CA LEU C 185 -19.20 30.76 23.16
C LEU C 185 -19.22 32.15 23.83
N GLU C 186 -20.41 32.57 24.24
CA GLU C 186 -20.60 33.88 24.88
C GLU C 186 -20.15 33.90 26.35
N ARG C 187 -20.15 32.74 26.99
CA ARG C 187 -19.73 32.67 28.39
C ARG C 187 -18.24 32.72 28.50
N ASP C 188 -17.73 33.16 29.65
CA ASP C 188 -16.30 33.17 29.87
C ASP C 188 -16.03 31.81 30.49
N TRP C 189 -14.93 31.17 30.08
CA TRP C 189 -14.60 29.83 30.54
C TRP C 189 -13.65 29.76 31.72
N GLY C 190 -12.87 30.80 31.94
CA GLY C 190 -11.96 30.76 33.05
C GLY C 190 -10.57 30.32 32.62
N PHE C 191 -10.12 30.87 31.50
CA PHE C 191 -8.79 30.55 31.00
C PHE C 191 -8.13 31.86 30.64
N SER C 192 -6.84 31.82 30.39
CA SER C 192 -6.12 33.02 30.06
C SER C 192 -4.97 32.67 29.15
N ILE C 193 -4.72 33.56 28.19
CA ILE C 193 -3.64 33.39 27.24
C ILE C 193 -2.97 34.74 27.05
N SER C 194 -1.72 34.85 27.44
CA SER C 194 -1.01 36.12 27.26
C SER C 194 0.40 35.83 26.79
N GLN C 195 0.89 36.66 25.88
CA GLN C 195 2.23 36.49 25.34
C GLN C 195 3.33 36.82 26.35
N VAL C 196 4.45 36.11 26.24
CA VAL C 196 5.60 36.33 27.11
C VAL C 196 6.75 36.72 26.18
N LYS C 197 7.36 37.87 26.44
CA LYS C 197 8.45 38.37 25.60
C LYS C 197 9.81 38.37 26.31
N PRO C 198 10.66 37.37 26.03
CA PRO C 198 11.98 37.32 26.67
C PRO C 198 12.81 38.52 26.25
N THR C 199 13.54 39.11 27.18
CA THR C 199 14.36 40.28 26.87
C THR C 199 15.83 40.00 26.53
N LEU C 200 16.32 38.79 26.82
CA LEU C 200 17.71 38.49 26.52
C LEU C 200 17.81 37.59 25.29
N GLU C 201 18.73 37.93 24.38
CA GLU C 201 18.94 37.14 23.18
C GLU C 201 19.53 35.77 23.56
N CYS C 202 18.95 34.71 23.01
CA CYS C 202 19.39 33.34 23.27
C CYS C 202 19.15 32.47 22.05
N ASP C 203 19.55 31.22 22.18
CA ASP C 203 19.35 30.23 21.15
C ASP C 203 18.37 29.19 21.70
N PHE C 204 17.33 28.90 20.92
CA PHE C 204 16.34 27.90 21.29
C PHE C 204 16.59 26.73 20.36
N LEU C 205 16.88 25.57 20.93
CA LEU C 205 17.16 24.38 20.14
C LEU C 205 16.16 23.27 20.47
N VAL C 206 15.73 22.56 19.43
CA VAL C 206 14.80 21.46 19.58
C VAL C 206 15.51 20.17 19.20
N GLY C 207 15.53 19.21 20.12
CA GLY C 207 16.19 17.96 19.84
C GLY C 207 15.22 16.81 19.83
N TRP C 208 15.11 16.16 18.69
CA TRP C 208 14.20 15.03 18.49
C TRP C 208 14.91 13.69 18.74
N THR C 209 14.35 12.91 19.67
CA THR C 209 14.92 11.62 20.02
C THR C 209 14.42 10.49 19.12
N LYS C 210 13.39 10.75 18.31
CA LYS C 210 12.82 9.76 17.41
C LYS C 210 12.18 8.57 18.13
N GLU C 211 11.75 8.79 19.37
CA GLU C 211 11.13 7.72 20.13
C GLU C 211 9.64 8.00 20.28
N VAL C 212 8.81 6.95 20.18
CA VAL C 212 7.37 7.10 20.33
C VAL C 212 7.07 7.62 21.74
N ALA C 213 6.33 8.73 21.81
CA ALA C 213 5.99 9.35 23.09
C ALA C 213 5.31 8.36 24.03
N VAL C 214 5.20 8.74 25.30
CA VAL C 214 4.58 7.90 26.31
C VAL C 214 3.13 7.55 25.93
N SER C 215 2.85 6.24 25.86
CA SER C 215 1.52 5.75 25.51
C SER C 215 0.45 6.28 26.48
N SER C 216 -0.80 5.94 26.22
CA SER C 216 -1.92 6.40 27.05
C SER C 216 -2.01 5.71 28.42
N HIS C 217 -1.62 4.44 28.49
CA HIS C 217 -1.67 3.72 29.75
C HIS C 217 -0.67 4.31 30.74
N VAL C 219 0.30 7.51 30.65
CA VAL C 219 -0.22 8.83 30.98
C VAL C 219 -1.15 8.67 32.17
N GLN C 220 -1.98 7.65 32.11
CA GLN C 220 -2.92 7.35 33.17
C GLN C 220 -2.13 7.23 34.46
N GLN C 221 -1.04 6.48 34.39
CA GLN C 221 -0.19 6.24 35.54
C GLN C 221 0.48 7.50 36.06
N ILE C 222 0.90 8.37 35.14
CA ILE C 222 1.57 9.61 35.53
C ILE C 222 0.65 10.61 36.23
N LYS C 223 -0.54 10.85 35.70
CA LYS C 223 -1.41 11.81 36.35
C LYS C 223 -1.95 11.33 37.70
N GLN C 224 -1.82 10.05 37.98
CA GLN C 224 -2.28 9.53 39.27
C GLN C 224 -1.25 9.89 40.35
N ASN C 225 -0.08 10.33 39.91
CA ASN C 225 0.99 10.72 40.82
C ASN C 225 0.93 12.20 41.21
N ILE C 226 0.11 12.98 40.53
CA ILE C 226 0.00 14.39 40.83
C ILE C 226 -0.49 14.64 42.26
N ASN C 227 0.07 15.65 42.90
CA ASN C 227 -0.31 16.02 44.26
C ASN C 227 -0.10 17.52 44.45
N GLN C 228 -0.77 18.10 45.45
CA GLN C 228 -0.68 19.54 45.69
C GLN C 228 0.72 20.12 45.80
N ASN C 229 1.68 19.32 46.26
CA ASN C 229 3.04 19.81 46.39
C ASN C 229 3.65 20.03 45.01
N PHE C 230 3.36 19.12 44.08
CA PHE C 230 3.86 19.24 42.71
C PHE C 230 3.15 20.42 42.03
N LEU C 231 1.84 20.46 42.18
CA LEU C 231 1.06 21.54 41.58
C LEU C 231 1.59 22.89 42.04
N THR C 232 1.65 23.07 43.36
CA THR C 232 2.12 24.32 43.95
C THR C 232 3.54 24.68 43.51
N SER C 233 4.42 23.67 43.44
CA SER C 233 5.79 23.90 43.03
C SER C 233 5.92 24.14 41.52
N SER C 234 5.05 23.51 40.75
CA SER C 234 5.07 23.66 39.31
C SER C 234 4.59 25.06 38.95
N LYS C 235 3.51 25.49 39.59
CA LYS C 235 2.95 26.81 39.33
C LYS C 235 3.91 27.94 39.72
N GLU C 236 4.56 27.81 40.88
CA GLU C 236 5.51 28.83 41.30
C GLU C 236 6.72 28.83 40.36
N THR C 237 7.05 27.66 39.83
CA THR C 237 8.19 27.55 38.92
C THR C 237 7.91 28.21 37.59
N VAL C 238 6.70 28.04 37.08
CA VAL C 238 6.35 28.67 35.80
C VAL C 238 6.35 30.18 35.98
N VAL C 239 5.80 30.66 37.09
CA VAL C 239 5.78 32.09 37.36
C VAL C 239 7.21 32.65 37.38
N SER C 240 8.09 32.06 38.17
CA SER C 240 9.49 32.54 38.24
C SER C 240 10.19 32.48 36.88
N LEU C 241 9.99 31.38 36.16
CA LEU C 241 10.60 31.21 34.84
C LEU C 241 10.18 32.34 33.93
N VAL C 242 8.89 32.69 33.94
CA VAL C 242 8.40 33.79 33.10
C VAL C 242 9.04 35.11 33.56
N GLU C 243 9.02 35.35 34.87
CA GLU C 243 9.63 36.56 35.42
C GLU C 243 11.07 36.67 34.96
N ALA C 244 11.79 35.56 35.04
CA ALA C 244 13.20 35.49 34.67
C ALA C 244 13.42 35.77 33.17
N LEU C 245 12.50 35.33 32.33
CA LEU C 245 12.65 35.57 30.90
C LEU C 245 12.39 37.04 30.63
N GLU C 246 11.33 37.56 31.25
CA GLU C 246 10.94 38.94 31.08
C GLU C 246 12.03 39.91 31.54
N GLN C 247 12.77 39.52 32.57
CA GLN C 247 13.85 40.35 33.11
C GLN C 247 15.25 39.98 32.59
N GLY C 248 15.30 39.16 31.55
CA GLY C 248 16.56 38.75 30.95
C GLY C 248 17.67 38.19 31.82
N LYS C 249 17.33 37.64 32.99
CA LYS C 249 18.34 37.08 33.88
C LYS C 249 18.68 35.61 33.51
N SER C 250 19.72 35.45 32.71
CA SER C 250 20.14 34.13 32.24
C SER C 250 20.43 33.11 33.34
N GLU C 251 21.12 33.52 34.40
CA GLU C 251 21.43 32.58 35.48
C GLU C 251 20.12 32.08 36.06
N LYS C 252 19.19 33.00 36.28
CA LYS C 252 17.89 32.69 36.84
C LYS C 252 17.08 31.75 35.94
N ILE C 253 17.18 31.93 34.63
CA ILE C 253 16.46 31.07 33.70
C ILE C 253 16.96 29.64 33.78
N ILE C 254 18.28 29.47 33.79
CA ILE C 254 18.86 28.13 33.87
C ILE C 254 18.40 27.41 35.15
N GLU C 255 18.38 28.13 36.26
CA GLU C 255 17.95 27.55 37.54
C GLU C 255 16.52 27.03 37.46
N GLN C 256 15.59 27.91 37.10
CA GLN C 256 14.18 27.55 37.04
C GLN C 256 13.88 26.41 36.07
N VAL C 257 14.54 26.39 34.91
CA VAL C 257 14.32 25.30 33.97
C VAL C 257 14.75 23.97 34.59
N GLU C 258 15.79 24.00 35.41
CA GLU C 258 16.27 22.78 36.06
C GLU C 258 15.30 22.35 37.14
N VAL C 259 14.73 23.32 37.84
CA VAL C 259 13.76 23.01 38.89
C VAL C 259 12.55 22.34 38.24
N ALA C 260 12.20 22.82 37.04
CA ALA C 260 11.07 22.30 36.28
C ALA C 260 11.31 20.85 35.87
N SER C 261 12.55 20.54 35.50
CA SER C 261 12.89 19.19 35.10
C SER C 261 12.86 18.24 36.30
N LYS C 262 13.34 18.72 37.45
CA LYS C 262 13.36 17.91 38.67
C LYS C 262 11.95 17.53 39.13
N LEU C 263 11.01 18.46 39.02
CA LEU C 263 9.62 18.20 39.41
C LEU C 263 9.04 17.04 38.60
N LEU C 264 9.28 17.08 37.28
CA LEU C 264 8.79 16.05 36.38
C LEU C 264 9.43 14.71 36.69
N GLU C 265 10.70 14.74 37.08
CA GLU C 265 11.42 13.52 37.43
C GLU C 265 10.82 12.95 38.71
N GLY C 266 10.45 13.83 39.64
CA GLY C 266 9.86 13.36 40.88
C GLY C 266 8.44 12.86 40.64
N LEU C 267 7.85 13.26 39.52
CA LEU C 267 6.48 12.88 39.17
C LEU C 267 6.36 11.42 38.71
N SER C 268 7.34 10.96 37.95
CA SER C 268 7.36 9.58 37.46
C SER C 268 8.54 9.39 36.53
N THR C 269 9.31 8.35 36.81
CA THR C 269 10.49 8.02 36.03
C THR C 269 10.17 7.75 34.55
N ASP C 270 8.90 7.55 34.24
CA ASP C 270 8.47 7.29 32.87
C ASP C 270 8.68 8.47 31.92
N ILE C 271 8.79 9.68 32.47
CA ILE C 271 8.96 10.85 31.63
C ILE C 271 10.32 10.93 30.93
N TYR C 272 11.40 10.73 31.69
CA TYR C 272 12.73 10.80 31.12
C TYR C 272 13.32 9.46 30.68
N THR C 273 13.06 9.10 29.43
CA THR C 273 13.61 7.88 28.88
C THR C 273 15.14 8.08 28.78
N PRO C 274 15.89 7.03 28.43
CA PRO C 274 17.35 7.15 28.32
C PRO C 274 17.84 8.30 27.43
N LEU C 275 17.35 8.37 26.19
CA LEU C 275 17.80 9.40 25.27
C LEU C 275 17.49 10.82 25.73
N LEU C 276 16.34 11.00 26.39
CA LEU C 276 15.99 12.31 26.90
C LEU C 276 16.99 12.72 27.99
N ARG C 277 17.34 11.79 28.88
CA ARG C 277 18.30 12.10 29.94
C ARG C 277 19.63 12.53 29.33
N GLN C 278 20.01 11.89 28.23
CA GLN C 278 21.26 12.26 27.58
C GLN C 278 21.14 13.61 26.94
N LEU C 279 19.95 13.91 26.42
CA LEU C 279 19.69 15.19 25.79
C LEU C 279 19.90 16.30 26.82
N LYS C 280 19.37 16.08 28.03
CA LYS C 280 19.53 17.05 29.09
C LYS C 280 20.97 17.07 29.61
N GLU C 281 21.55 15.89 29.79
CA GLU C 281 22.92 15.78 30.29
C GLU C 281 23.95 16.50 29.43
N ALA C 282 23.72 16.55 28.11
CA ALA C 282 24.67 17.21 27.21
C ALA C 282 24.79 18.69 27.52
N SER C 283 23.92 19.15 28.41
CA SER C 283 23.89 20.55 28.80
C SER C 283 24.80 20.85 30.00
N GLN C 284 25.45 19.80 30.52
CA GLN C 284 26.35 19.94 31.66
C GLN C 284 27.57 20.82 31.37
N ASP C 285 27.89 21.70 32.32
CA ASP C 285 29.03 22.60 32.18
C ASP C 285 28.99 23.53 30.97
N LEU C 286 27.79 23.93 30.56
CA LEU C 286 27.64 24.84 29.44
C LEU C 286 26.72 25.95 29.92
N GLN C 287 26.82 27.12 29.29
CA GLN C 287 25.96 28.25 29.65
C GLN C 287 24.67 27.97 28.88
N ALA C 288 24.08 26.81 29.17
CA ALA C 288 22.87 26.35 28.53
C ALA C 288 22.12 25.43 29.47
N VAL C 289 20.85 25.18 29.15
CA VAL C 289 20.03 24.29 29.96
C VAL C 289 19.07 23.56 29.02
N ALA C 290 18.69 22.33 29.38
CA ALA C 290 17.81 21.54 28.53
C ALA C 290 16.82 20.76 29.37
N LYS C 291 15.68 20.43 28.76
CA LYS C 291 14.64 19.72 29.48
C LYS C 291 13.74 18.93 28.53
N SER C 292 12.92 18.07 29.12
CA SER C 292 11.98 17.27 28.38
C SER C 292 10.89 18.25 27.91
N SER C 293 10.08 17.84 26.94
CA SER C 293 9.01 18.68 26.44
C SER C 293 7.76 17.85 26.14
N GLY C 294 6.63 18.25 26.71
CA GLY C 294 5.41 17.50 26.47
C GLY C 294 5.19 16.35 27.44
N ALA C 295 4.42 15.36 27.01
CA ALA C 295 4.09 14.20 27.83
C ALA C 295 5.30 13.35 28.23
N GLY C 296 6.38 13.43 27.47
CA GLY C 296 7.57 12.66 27.77
C GLY C 296 7.55 11.24 27.21
N GLY C 297 8.48 10.40 27.66
CA GLY C 297 8.54 9.03 27.18
C GLY C 297 9.05 8.93 25.76
N GLY C 298 9.44 10.07 25.20
CA GLY C 298 9.95 10.10 23.84
C GLY C 298 9.78 11.46 23.19
N ASP C 299 9.78 11.49 21.86
CA ASP C 299 9.63 12.73 21.09
C ASP C 299 10.75 13.76 21.27
N CYS C 300 10.40 15.00 21.60
CA CYS C 300 11.39 16.07 21.71
C CYS C 300 11.85 16.60 23.07
N GLY C 301 13.06 17.15 23.04
CA GLY C 301 13.67 17.79 24.18
C GLY C 301 13.95 19.22 23.72
N ILE C 302 14.06 20.14 24.65
CA ILE C 302 14.33 21.54 24.29
C ILE C 302 15.52 22.07 25.08
N ALA C 303 16.19 23.07 24.52
CA ALA C 303 17.34 23.66 25.19
C ALA C 303 17.44 25.17 24.99
N LEU C 304 18.09 25.83 25.94
CA LEU C 304 18.33 27.27 25.92
C LEU C 304 19.82 27.53 26.19
N SER C 305 20.50 28.07 25.17
CA SER C 305 21.93 28.38 25.23
C SER C 305 22.10 29.90 25.25
N PHE C 306 23.18 30.38 25.86
CA PHE C 306 23.37 31.82 25.95
C PHE C 306 24.71 32.38 25.48
N ASP C 307 25.35 31.71 24.53
CA ASP C 307 26.63 32.15 23.96
C ASP C 307 26.94 31.20 22.81
N ALA C 308 27.64 31.70 21.79
CA ALA C 308 27.97 30.88 20.62
C ALA C 308 28.68 29.56 20.91
N GLN C 309 29.57 29.57 21.89
CA GLN C 309 30.33 28.37 22.24
C GLN C 309 29.43 27.23 22.74
N SER C 310 28.66 27.49 23.79
CA SER C 310 27.76 26.49 24.37
C SER C 310 26.84 25.93 23.31
N THR C 311 26.33 26.80 22.46
CA THR C 311 25.45 26.38 21.39
C THR C 311 26.18 25.46 20.43
N LYS C 312 27.43 25.81 20.14
CA LYS C 312 28.29 25.05 19.24
C LYS C 312 28.49 23.66 19.85
N THR C 313 28.77 23.63 21.16
CA THR C 313 28.99 22.37 21.89
C THR C 313 27.74 21.50 22.05
N LEU C 314 26.61 22.11 22.34
CA LEU C 314 25.37 21.35 22.49
C LEU C 314 25.06 20.60 21.19
N LYS C 315 25.01 21.33 20.09
CA LYS C 315 24.73 20.71 18.81
C LYS C 315 25.67 19.51 18.55
N ASN C 316 26.98 19.72 18.67
CA ASN C 316 27.93 18.65 18.43
C ASN C 316 27.59 17.46 19.32
N ARG C 317 27.49 17.72 20.62
CA ARG C 317 27.16 16.67 21.57
C ARG C 317 25.86 15.94 21.19
N TRP C 318 24.85 16.70 20.76
CA TRP C 318 23.58 16.07 20.39
C TRP C 318 23.73 15.20 19.16
N ALA C 319 24.51 15.66 18.19
CA ALA C 319 24.74 14.92 16.95
C ALA C 319 25.42 13.58 17.22
N ASP C 320 26.35 13.55 18.17
CA ASP C 320 27.05 12.32 18.53
C ASP C 320 26.16 11.36 19.29
N LEU C 321 25.25 11.91 20.08
CA LEU C 321 24.33 11.09 20.87
C LEU C 321 23.18 10.54 20.01
N GLY C 322 23.16 10.87 18.73
CA GLY C 322 22.10 10.39 17.86
C GLY C 322 20.82 11.21 17.92
N ILE C 323 20.93 12.41 18.46
CA ILE C 323 19.77 13.29 18.58
C ILE C 323 19.71 14.23 17.39
N GLU C 324 18.55 14.31 16.74
CA GLU C 324 18.40 15.17 15.58
C GLU C 324 17.95 16.59 15.92
N LEU C 325 18.65 17.58 15.40
CA LEU C 325 18.29 18.98 15.63
C LEU C 325 17.13 19.31 14.69
N LEU C 326 15.93 19.47 15.25
CA LEU C 326 14.74 19.77 14.44
C LEU C 326 14.55 21.25 14.13
N TYR C 327 14.74 22.09 15.13
CA TYR C 327 14.53 23.50 14.94
C TYR C 327 15.53 24.27 15.76
N GLN C 328 15.90 25.45 15.27
CA GLN C 328 16.85 26.31 15.95
C GLN C 328 16.29 27.71 15.76
N GLU C 329 16.20 28.47 16.86
CA GLU C 329 15.64 29.81 16.78
C GLU C 329 16.40 30.80 17.64
N ARG C 330 16.71 31.97 17.08
CA ARG C 330 17.37 33.03 17.83
C ARG C 330 16.22 33.76 18.49
N ILE C 331 16.13 33.70 19.81
CA ILE C 331 15.05 34.34 20.53
C ILE C 331 15.39 35.78 20.91
N HIS D 1 -21.11 -29.15 -5.23
CA HIS D 1 -20.65 -27.82 -4.74
C HIS D 1 -19.26 -27.94 -4.16
N ILE D 4 -12.49 -27.69 -7.57
CA ILE D 4 -11.46 -28.59 -8.06
C ILE D 4 -10.08 -28.02 -7.82
N ALA D 5 -9.16 -28.85 -7.33
CA ALA D 5 -7.80 -28.41 -7.04
C ALA D 5 -6.76 -29.03 -7.98
N VAL D 6 -5.75 -28.24 -8.34
CA VAL D 6 -4.67 -28.74 -9.19
C VAL D 6 -3.36 -28.07 -8.78
N LYS D 7 -2.24 -28.72 -9.10
CA LYS D 7 -0.92 -28.17 -8.76
C LYS D 7 -0.05 -28.21 -10.01
N THR D 8 0.95 -27.35 -10.02
CA THR D 8 1.91 -27.28 -11.10
C THR D 8 3.26 -27.03 -10.42
N CYS D 9 4.30 -27.71 -10.89
CA CYS D 9 5.62 -27.55 -10.28
C CYS D 9 6.46 -26.49 -10.97
N GLY D 10 7.70 -26.36 -10.50
CA GLY D 10 8.63 -25.41 -11.08
C GLY D 10 9.70 -26.16 -11.84
N LYS D 11 10.69 -25.45 -12.37
CA LYS D 11 11.73 -26.13 -13.12
C LYS D 11 13.07 -25.43 -13.05
N LEU D 12 14.13 -26.19 -13.33
CA LEU D 12 15.50 -25.69 -13.36
C LEU D 12 16.25 -26.44 -14.46
N TYR D 13 17.04 -25.72 -15.25
CA TYR D 13 17.81 -26.35 -16.31
C TYR D 13 19.06 -27.01 -15.73
N TRP D 14 19.39 -28.20 -16.22
CA TRP D 14 20.59 -28.89 -15.75
C TRP D 14 21.68 -28.62 -16.79
N ALA D 15 21.29 -28.66 -18.06
CA ALA D 15 22.22 -28.41 -19.16
C ALA D 15 21.43 -27.99 -20.39
N GLY D 16 22.06 -27.24 -21.29
CA GLY D 16 21.38 -26.82 -22.51
C GLY D 16 21.01 -25.36 -22.62
N GLU D 17 21.24 -24.59 -21.57
CA GLU D 17 20.90 -23.17 -21.57
C GLU D 17 21.46 -22.47 -22.80
N TYR D 18 20.65 -21.59 -23.37
CA TYR D 18 21.00 -20.81 -24.55
C TYR D 18 21.09 -21.59 -25.85
N ALA D 19 21.85 -22.69 -25.84
CA ALA D 19 21.96 -23.49 -27.04
C ALA D 19 20.53 -23.89 -27.44
N ILE D 20 19.69 -24.11 -26.43
CA ILE D 20 18.29 -24.51 -26.65
C ILE D 20 17.47 -23.50 -27.43
N LEU D 21 17.90 -22.25 -27.47
CA LEU D 21 17.17 -21.21 -28.21
C LEU D 21 17.21 -21.47 -29.72
N GLU D 22 18.01 -22.46 -30.13
CA GLU D 22 18.15 -22.81 -31.53
C GLU D 22 17.31 -24.04 -31.86
N PRO D 23 16.38 -23.92 -32.82
CA PRO D 23 15.55 -25.08 -33.16
C PRO D 23 16.40 -26.33 -33.40
N GLY D 24 15.97 -27.46 -32.86
CA GLY D 24 16.70 -28.69 -33.04
C GLY D 24 17.65 -29.02 -31.91
N GLN D 25 18.01 -28.02 -31.11
CA GLN D 25 18.93 -28.23 -30.00
C GLN D 25 18.31 -29.01 -28.84
N LEU D 26 19.16 -29.50 -27.95
CA LEU D 26 18.68 -30.29 -26.81
C LEU D 26 18.92 -29.61 -25.45
N ALA D 27 18.13 -30.02 -24.46
CA ALA D 27 18.27 -29.48 -23.12
C ALA D 27 17.81 -30.51 -22.10
N LEU D 28 18.40 -30.46 -20.91
CA LEU D 28 18.06 -31.36 -19.81
C LEU D 28 17.44 -30.44 -18.76
N ILE D 29 16.16 -30.65 -18.47
CA ILE D 29 15.46 -29.79 -17.52
C ILE D 29 14.82 -30.60 -16.41
N LYS D 30 15.09 -30.22 -15.17
CA LYS D 30 14.57 -30.89 -13.98
C LYS D 30 13.37 -30.17 -13.39
N ASP D 31 12.41 -30.95 -12.88
CA ASP D 31 11.19 -30.41 -12.30
C ASP D 31 11.43 -30.25 -10.79
N ILE D 32 10.87 -29.19 -10.21
CA ILE D 32 11.03 -28.94 -8.78
C ILE D 32 9.69 -28.99 -8.03
N PRO D 33 9.60 -29.87 -7.02
CA PRO D 33 8.44 -30.12 -6.14
C PRO D 33 7.98 -28.92 -5.31
N ILE D 34 8.07 -27.72 -5.88
CA ILE D 34 7.60 -26.52 -5.18
C ILE D 34 6.40 -26.15 -6.04
N TYR D 35 5.23 -26.09 -5.44
CA TYR D 35 4.03 -25.86 -6.23
C TYR D 35 3.26 -24.58 -6.27
N ARG D 37 -0.65 -23.60 -6.80
CA ARG D 37 -1.89 -24.32 -6.64
C ARG D 37 -3.07 -23.48 -7.09
N ALA D 38 -4.17 -24.17 -7.42
CA ALA D 38 -5.36 -23.46 -7.84
C ALA D 38 -6.61 -24.25 -7.46
N GLU D 39 -7.68 -23.50 -7.25
CA GLU D 39 -8.99 -24.05 -6.93
C GLU D 39 -9.87 -23.47 -8.02
N ILE D 40 -10.78 -24.25 -8.59
CA ILE D 40 -11.63 -23.70 -9.63
C ILE D 40 -13.02 -24.28 -9.59
N ALA D 41 -14.01 -23.46 -9.91
CA ALA D 41 -15.39 -23.91 -9.94
C ALA D 41 -16.23 -22.91 -10.71
N PHE D 42 -17.38 -23.36 -11.23
CA PHE D 42 -18.28 -22.49 -11.98
C PHE D 42 -18.94 -21.50 -11.02
N SER D 43 -19.36 -20.35 -11.51
CA SER D 43 -20.03 -19.37 -10.64
C SER D 43 -20.89 -18.39 -11.44
N ASP D 44 -21.46 -17.40 -10.76
CA ASP D 44 -22.32 -16.42 -11.40
C ASP D 44 -21.56 -15.47 -12.33
N SER D 45 -20.35 -15.09 -11.94
CA SER D 45 -19.53 -14.19 -12.76
C SER D 45 -18.08 -14.66 -12.81
N TYR D 46 -17.29 -14.07 -13.70
CA TYR D 46 -15.88 -14.45 -13.81
C TYR D 46 -15.04 -13.75 -12.76
N ARG D 47 -14.28 -14.54 -11.99
CA ARG D 47 -13.43 -13.98 -10.96
C ARG D 47 -12.12 -14.73 -10.75
N ILE D 48 -11.09 -13.96 -10.44
CA ILE D 48 -9.77 -14.51 -10.17
C ILE D 48 -9.43 -14.01 -8.79
N TYR D 49 -9.25 -14.94 -7.86
CA TYR D 49 -8.98 -14.60 -6.47
C TYR D 49 -7.59 -14.90 -5.98
N SER D 50 -7.36 -14.39 -4.77
CA SER D 50 -6.12 -14.54 -4.03
C SER D 50 -6.61 -14.52 -2.58
N ASP D 51 -5.75 -14.87 -1.62
CA ASP D 51 -6.16 -14.86 -0.21
C ASP D 51 -6.33 -13.46 0.36
N ASN D 62 -1.85 -11.22 -7.89
CA ASN D 62 -0.41 -11.34 -7.68
C ASN D 62 0.32 -11.78 -8.96
N PRO D 63 0.03 -12.99 -9.49
CA PRO D 63 0.73 -13.41 -10.72
C PRO D 63 0.28 -12.55 -11.93
N ASP D 64 1.02 -12.61 -13.04
CA ASP D 64 0.66 -11.80 -14.21
C ASP D 64 -0.80 -12.01 -14.64
N TYR D 65 -1.61 -11.00 -14.38
CA TYR D 65 -3.02 -11.02 -14.70
C TYR D 65 -3.29 -11.25 -16.17
N SER D 66 -2.67 -10.44 -17.02
CA SER D 66 -2.88 -10.55 -18.46
C SER D 66 -2.46 -11.91 -19.03
N LEU D 67 -1.51 -12.56 -18.37
CA LEU D 67 -1.04 -13.87 -18.82
C LEU D 67 -2.13 -14.91 -18.54
N ILE D 68 -2.84 -14.72 -17.43
CA ILE D 68 -3.91 -15.61 -17.01
C ILE D 68 -5.14 -15.39 -17.90
N GLN D 69 -5.43 -14.13 -18.20
CA GLN D 69 -6.55 -13.77 -19.04
C GLN D 69 -6.35 -14.40 -20.42
N GLU D 70 -5.15 -14.23 -20.97
CA GLU D 70 -4.81 -14.78 -22.29
C GLU D 70 -4.93 -16.31 -22.30
N THR D 71 -4.43 -16.95 -21.25
CA THR D 71 -4.50 -18.40 -21.17
C THR D 71 -5.96 -18.85 -21.23
N ILE D 72 -6.82 -18.11 -20.53
CA ILE D 72 -8.25 -18.44 -20.50
C ILE D 72 -8.86 -18.23 -21.88
N ALA D 73 -8.47 -17.15 -22.55
CA ALA D 73 -8.99 -16.86 -23.88
C ALA D 73 -8.66 -18.02 -24.82
N LEU D 74 -7.41 -18.49 -24.79
CA LEU D 74 -7.04 -19.58 -25.68
C LEU D 74 -7.76 -20.86 -25.28
N GLY D 76 -10.66 -20.93 -24.14
CA GLY D 76 -12.03 -20.75 -24.60
C GLY D 76 -12.12 -21.27 -26.03
N ASP D 77 -11.04 -21.16 -26.78
CA ASP D 77 -11.00 -21.61 -28.16
C ASP D 77 -10.76 -23.11 -28.26
N PHE D 78 -9.96 -23.65 -27.34
CA PHE D 78 -9.73 -25.09 -27.35
C PHE D 78 -11.05 -25.77 -27.04
N LEU D 79 -11.78 -25.24 -26.06
CA LEU D 79 -13.06 -25.79 -25.68
C LEU D 79 -14.04 -25.71 -26.85
N ALA D 80 -14.14 -24.53 -27.47
CA ALA D 80 -15.04 -24.35 -28.60
C ALA D 80 -14.76 -25.40 -29.66
N VAL D 81 -13.50 -25.77 -29.83
CA VAL D 81 -13.15 -26.79 -30.80
C VAL D 81 -13.76 -28.11 -30.32
N ARG D 82 -13.60 -28.38 -29.02
CA ARG D 82 -14.10 -29.59 -28.38
C ARG D 82 -15.62 -29.51 -28.20
N GLY D 83 -16.25 -28.51 -28.79
CA GLY D 83 -17.69 -28.35 -28.70
C GLY D 83 -18.29 -27.70 -27.46
N GLN D 84 -17.45 -27.28 -26.52
CA GLN D 84 -17.94 -26.67 -25.29
C GLN D 84 -17.89 -25.16 -25.29
N ASN D 85 -18.50 -24.55 -24.27
CA ASN D 85 -18.50 -23.10 -24.14
C ASN D 85 -17.99 -22.68 -22.78
N LEU D 86 -17.18 -21.63 -22.81
CA LEU D 86 -16.63 -21.07 -21.59
C LEU D 86 -17.81 -20.41 -20.87
N ARG D 87 -17.94 -20.64 -19.57
CA ARG D 87 -19.01 -20.06 -18.77
C ARG D 87 -18.35 -19.46 -17.54
N PRO D 88 -19.03 -18.49 -16.91
CA PRO D 88 -18.44 -17.86 -15.71
C PRO D 88 -17.90 -18.87 -14.71
N PHE D 89 -16.67 -18.65 -14.24
CA PHE D 89 -16.06 -19.54 -13.27
C PHE D 89 -15.13 -18.72 -12.40
N SER D 90 -14.80 -19.25 -11.23
CA SER D 90 -13.93 -18.58 -10.29
C SER D 90 -12.64 -19.36 -10.12
N LEU D 91 -11.54 -18.64 -10.12
CA LEU D 91 -10.23 -19.25 -10.01
C LEU D 91 -9.45 -18.60 -8.89
N ALA D 92 -8.88 -19.41 -8.02
CA ALA D 92 -8.08 -18.91 -6.90
C ALA D 92 -6.69 -19.55 -7.03
N ILE D 93 -5.66 -18.72 -7.02
CA ILE D 93 -4.28 -19.15 -7.17
C ILE D 93 -3.46 -18.88 -5.91
N TYR D 94 -2.86 -19.93 -5.36
CA TYR D 94 -2.05 -19.78 -4.15
C TYR D 94 -0.82 -20.71 -4.20
N GLY D 95 -0.32 -21.15 -3.04
CA GLY D 95 0.84 -22.03 -3.04
C GLY D 95 2.20 -21.34 -2.92
N LYS D 96 3.19 -22.06 -2.39
CA LYS D 96 4.53 -21.50 -2.22
C LYS D 96 5.06 -20.85 -3.49
N GLU D 98 3.69 -19.24 -5.38
CA GLU D 98 3.09 -17.92 -5.44
C GLU D 98 3.54 -16.93 -4.37
N ARG D 99 3.23 -17.25 -3.11
CA ARG D 99 3.56 -16.39 -1.98
C ARG D 99 4.81 -15.53 -2.07
N GLU D 100 5.82 -16.00 -2.82
CA GLU D 100 7.04 -15.21 -2.96
C GLU D 100 7.37 -14.97 -4.44
N GLY D 101 6.34 -14.53 -5.18
CA GLY D 101 6.46 -14.24 -6.60
C GLY D 101 7.44 -15.09 -7.39
N LYS D 102 8.25 -14.41 -8.19
CA LYS D 102 9.24 -15.09 -9.03
C LYS D 102 10.67 -14.83 -8.55
N LYS D 103 10.86 -14.80 -7.23
CA LYS D 103 12.17 -14.56 -6.64
C LYS D 103 13.18 -15.62 -7.11
N PHE D 104 12.82 -16.87 -6.84
CA PHE D 104 13.64 -18.05 -7.12
C PHE D 104 14.12 -18.36 -8.52
N GLY D 105 13.30 -18.16 -9.53
CA GLY D 105 13.71 -18.46 -10.89
C GLY D 105 13.31 -19.87 -11.29
N LEU D 106 12.27 -20.38 -10.64
CA LEU D 106 11.76 -21.72 -10.90
C LEU D 106 10.74 -21.79 -12.04
N GLY D 107 10.58 -20.71 -12.80
CA GLY D 107 9.64 -20.70 -13.89
C GLY D 107 8.23 -20.41 -13.43
N SER D 108 8.05 -19.23 -12.86
CA SER D 108 6.77 -18.79 -12.34
C SER D 108 5.69 -18.56 -13.40
N SER D 109 6.04 -17.89 -14.49
CA SER D 109 5.07 -17.61 -15.54
C SER D 109 4.68 -18.89 -16.29
N GLY D 110 5.64 -19.76 -16.53
CA GLY D 110 5.33 -21.02 -17.19
C GLY D 110 4.39 -21.81 -16.32
N SER D 111 4.64 -21.84 -15.01
CA SER D 111 3.78 -22.57 -14.10
C SER D 111 2.36 -22.04 -14.09
N VAL D 112 2.20 -20.72 -14.16
CA VAL D 112 0.89 -20.11 -14.17
C VAL D 112 0.06 -20.60 -15.35
N VAL D 113 0.67 -20.55 -16.54
CA VAL D 113 0.00 -20.98 -17.76
C VAL D 113 -0.45 -22.44 -17.68
N VAL D 114 0.49 -23.33 -17.37
CA VAL D 114 0.16 -24.76 -17.25
C VAL D 114 -0.92 -25.01 -16.19
N LEU D 115 -0.95 -24.19 -15.15
CA LEU D 115 -1.94 -24.35 -14.08
C LEU D 115 -3.35 -23.96 -14.53
N VAL D 116 -3.47 -22.78 -15.13
CA VAL D 116 -4.77 -22.32 -15.59
C VAL D 116 -5.35 -23.32 -16.58
N VAL D 117 -4.53 -23.80 -17.51
CA VAL D 117 -4.95 -24.79 -18.50
C VAL D 117 -5.36 -26.09 -17.78
N LYS D 118 -4.54 -26.55 -16.85
CA LYS D 118 -4.86 -27.78 -16.11
C LYS D 118 -6.16 -27.63 -15.35
N ALA D 119 -6.35 -26.43 -14.79
CA ALA D 119 -7.53 -26.11 -14.01
C ALA D 119 -8.79 -26.11 -14.88
N LEU D 120 -8.71 -25.47 -16.03
CA LEU D 120 -9.86 -25.42 -16.94
C LEU D 120 -10.16 -26.78 -17.52
N LEU D 121 -9.12 -27.55 -17.85
CA LEU D 121 -9.33 -28.89 -18.38
C LEU D 121 -10.05 -29.73 -17.34
N ALA D 122 -9.63 -29.61 -16.08
CA ALA D 122 -10.27 -30.38 -15.01
C ALA D 122 -11.71 -29.96 -14.82
N LEU D 123 -11.99 -28.66 -14.91
CA LEU D 123 -13.35 -28.17 -14.71
C LEU D 123 -14.30 -28.69 -15.80
N TYR D 124 -13.83 -28.74 -17.05
CA TYR D 124 -14.67 -29.23 -18.13
C TYR D 124 -14.51 -30.72 -18.37
N ASN D 125 -13.93 -31.41 -17.40
CA ASN D 125 -13.75 -32.85 -17.45
C ASN D 125 -13.05 -33.36 -18.71
N LEU D 126 -12.03 -32.62 -19.17
CA LEU D 126 -11.28 -33.01 -20.36
C LEU D 126 -9.90 -33.47 -19.95
N SER D 127 -9.42 -34.50 -20.64
CA SER D 127 -8.10 -35.05 -20.37
C SER D 127 -7.30 -34.97 -21.66
N VAL D 128 -6.09 -34.42 -21.58
CA VAL D 128 -5.24 -34.30 -22.75
C VAL D 128 -3.92 -34.92 -22.38
N ASP D 129 -3.16 -35.36 -23.37
CA ASP D 129 -1.86 -35.96 -23.06
C ASP D 129 -0.75 -34.92 -23.06
N GLN D 130 0.43 -35.33 -22.63
CA GLN D 130 1.61 -34.46 -22.54
C GLN D 130 1.83 -33.51 -23.71
N ASN D 131 2.00 -34.06 -24.92
CA ASN D 131 2.26 -33.22 -26.08
C ASN D 131 1.16 -32.19 -26.35
N LEU D 132 -0.08 -32.56 -26.06
CA LEU D 132 -1.17 -31.64 -26.29
C LEU D 132 -1.10 -30.58 -25.21
N LEU D 133 -0.88 -30.99 -23.96
CA LEU D 133 -0.78 -30.06 -22.87
C LEU D 133 0.32 -29.06 -23.18
N PHE D 134 1.43 -29.57 -23.70
CA PHE D 134 2.55 -28.73 -24.07
C PHE D 134 2.21 -27.77 -25.20
N LYS D 135 1.44 -28.23 -26.18
CA LYS D 135 1.08 -27.35 -27.29
C LYS D 135 0.11 -26.27 -26.85
N LEU D 136 -0.83 -26.62 -25.98
CA LEU D 136 -1.80 -25.65 -25.50
C LEU D 136 -1.10 -24.55 -24.71
N THR D 137 -0.23 -24.92 -23.79
CA THR D 137 0.47 -23.90 -22.98
C THR D 137 1.47 -23.09 -23.82
N SER D 138 2.17 -23.74 -24.74
CA SER D 138 3.13 -23.02 -25.58
C SER D 138 2.44 -22.02 -26.49
N ALA D 139 1.28 -22.39 -27.00
CA ALA D 139 0.55 -21.50 -27.91
C ALA D 139 0.26 -20.17 -27.24
N VAL D 140 -0.04 -20.21 -25.94
CA VAL D 140 -0.33 -18.99 -25.21
C VAL D 140 0.83 -18.01 -25.27
N LEU D 141 2.04 -18.48 -24.98
CA LEU D 141 3.19 -17.59 -25.00
C LEU D 141 3.57 -17.22 -26.44
N LEU D 142 3.36 -18.14 -27.38
CA LEU D 142 3.65 -17.87 -28.78
C LEU D 142 2.75 -16.74 -29.29
N LYS D 143 1.45 -16.81 -29.00
CA LYS D 143 0.55 -15.75 -29.45
C LYS D 143 0.87 -14.45 -28.73
N ARG D 144 1.69 -14.55 -27.70
CA ARG D 144 2.06 -13.39 -26.90
C ARG D 144 3.37 -12.75 -27.36
N GLY D 145 4.04 -13.38 -28.30
CA GLY D 145 5.29 -12.84 -28.80
C GLY D 145 6.53 -13.48 -28.21
N ASP D 146 6.36 -14.23 -27.12
CA ASP D 146 7.48 -14.90 -26.48
C ASP D 146 8.25 -15.72 -27.51
N ASN D 147 9.58 -15.65 -27.46
CA ASN D 147 10.39 -16.41 -28.40
C ASN D 147 11.30 -17.38 -27.67
N GLY D 148 11.09 -17.48 -26.35
CA GLY D 148 11.88 -18.39 -25.55
C GLY D 148 11.78 -19.79 -26.12
N SER D 149 12.64 -20.70 -25.65
CA SER D 149 12.66 -22.08 -26.14
C SER D 149 11.43 -22.92 -25.78
N GLY D 151 11.27 -24.68 -23.08
CA GLY D 151 11.75 -25.81 -22.30
C GLY D 151 11.09 -25.95 -20.93
N ASP D 152 10.88 -24.83 -20.25
CA ASP D 152 10.25 -24.85 -18.93
C ASP D 152 8.82 -25.43 -18.96
N LEU D 153 8.06 -25.18 -20.02
CA LEU D 153 6.71 -25.73 -20.11
C LEU D 153 6.76 -27.25 -20.34
N ALA D 154 7.76 -27.71 -21.08
CA ALA D 154 7.92 -29.15 -21.35
C ALA D 154 8.21 -29.88 -20.04
N CYS D 155 9.07 -29.29 -19.23
CA CYS D 155 9.43 -29.87 -17.95
C CYS D 155 8.26 -29.83 -16.95
N ILE D 156 7.64 -28.66 -16.83
CA ILE D 156 6.53 -28.47 -15.91
C ILE D 156 5.32 -29.31 -16.28
N ALA D 157 5.12 -29.50 -17.59
CA ALA D 157 4.00 -30.29 -18.09
C ALA D 157 4.23 -31.76 -17.79
N ALA D 158 5.44 -32.24 -18.05
CA ALA D 158 5.78 -33.64 -17.81
C ALA D 158 6.03 -33.97 -16.35
N GLU D 159 6.48 -32.99 -15.58
CA GLU D 159 6.80 -33.20 -14.16
C GLU D 159 7.78 -34.34 -13.91
N ASP D 160 8.90 -34.29 -14.62
CA ASP D 160 9.98 -35.27 -14.49
C ASP D 160 11.25 -34.62 -15.02
N LEU D 161 12.35 -35.36 -14.94
CA LEU D 161 13.61 -34.88 -15.47
C LEU D 161 13.44 -35.17 -16.96
N VAL D 162 13.62 -34.16 -17.79
CA VAL D 162 13.39 -34.40 -19.20
C VAL D 162 14.45 -33.95 -20.20
N LEU D 163 14.50 -34.66 -21.31
CA LEU D 163 15.41 -34.33 -22.42
C LEU D 163 14.47 -33.63 -23.38
N TYR D 164 14.71 -32.34 -23.60
CA TYR D 164 13.87 -31.54 -24.47
C TYR D 164 14.56 -31.08 -25.76
N GLN D 165 13.91 -31.31 -26.90
CA GLN D 165 14.46 -30.86 -28.17
C GLN D 165 13.58 -29.72 -28.64
N SER D 166 14.13 -28.52 -28.72
CA SER D 166 13.36 -27.34 -29.13
C SER D 166 12.86 -27.41 -30.56
N PHE D 167 11.91 -26.54 -30.87
CA PHE D 167 11.30 -26.45 -32.19
C PHE D 167 11.35 -25.00 -32.67
N ASP D 168 10.96 -24.78 -33.91
CA ASP D 168 10.95 -23.45 -34.49
C ASP D 168 9.67 -22.73 -34.04
N ARG D 169 9.83 -21.81 -33.10
CA ARG D 169 8.70 -21.06 -32.57
C ARG D 169 8.09 -20.02 -33.52
N GLN D 170 8.93 -19.40 -34.33
CA GLN D 170 8.43 -18.40 -35.28
C GLN D 170 7.61 -19.08 -36.37
N LYS D 171 7.98 -20.32 -36.68
CA LYS D 171 7.27 -21.13 -37.67
C LYS D 171 5.88 -21.46 -37.12
N VAL D 172 5.85 -21.85 -35.85
CA VAL D 172 4.60 -22.20 -35.19
C VAL D 172 3.77 -20.95 -34.86
N ALA D 173 4.43 -19.86 -34.47
CA ALA D 173 3.70 -18.63 -34.15
C ALA D 173 3.02 -18.19 -35.44
N ALA D 174 3.77 -18.23 -36.54
CA ALA D 174 3.24 -17.86 -37.84
C ALA D 174 1.96 -18.67 -38.09
N TRP D 175 2.05 -19.98 -37.89
CA TRP D 175 0.90 -20.86 -38.11
C TRP D 175 -0.29 -20.42 -37.27
N LEU D 176 -0.02 -20.09 -36.01
CA LEU D 176 -1.07 -19.66 -35.09
C LEU D 176 -1.77 -18.38 -35.50
N GLU D 177 -1.26 -17.73 -36.54
CA GLU D 177 -1.85 -16.49 -37.02
C GLU D 177 -2.55 -16.62 -38.39
N GLU D 178 -2.27 -17.71 -39.10
CA GLU D 178 -2.85 -17.94 -40.44
C GLU D 178 -3.77 -19.16 -40.47
N GLU D 179 -3.83 -19.90 -39.38
CA GLU D 179 -4.67 -21.10 -39.32
C GLU D 179 -5.39 -21.19 -37.98
N ASN D 180 -6.59 -21.73 -37.98
CA ASN D 180 -7.36 -21.86 -36.74
C ASN D 180 -6.73 -22.86 -35.78
N LEU D 181 -6.75 -22.50 -34.50
CA LEU D 181 -6.19 -23.32 -33.43
C LEU D 181 -6.17 -24.82 -33.69
N ALA D 182 -7.29 -25.40 -34.06
CA ALA D 182 -7.35 -26.84 -34.31
C ALA D 182 -6.31 -27.30 -35.33
N THR D 183 -6.20 -26.57 -36.43
CA THR D 183 -5.24 -26.92 -37.47
C THR D 183 -3.83 -26.94 -36.87
N VAL D 184 -3.45 -25.83 -36.25
CA VAL D 184 -2.13 -25.71 -35.64
C VAL D 184 -1.86 -26.86 -34.67
N LEU D 185 -2.76 -27.09 -33.73
CA LEU D 185 -2.60 -28.15 -32.74
C LEU D 185 -2.36 -29.53 -33.36
N GLU D 186 -2.87 -29.75 -34.57
CA GLU D 186 -2.74 -31.04 -35.26
C GLU D 186 -1.41 -31.31 -35.96
N ARG D 187 -0.79 -30.28 -36.52
CA ARG D 187 0.48 -30.44 -37.23
C ARG D 187 1.61 -30.94 -36.33
N ASP D 188 2.68 -31.42 -36.94
CA ASP D 188 3.85 -31.87 -36.20
C ASP D 188 4.66 -30.59 -35.96
N TRP D 189 4.97 -30.27 -34.71
CA TRP D 189 5.72 -29.06 -34.40
C TRP D 189 7.23 -29.23 -34.51
N GLY D 190 7.70 -30.47 -34.40
CA GLY D 190 9.12 -30.72 -34.49
C GLY D 190 9.85 -30.70 -33.16
N PHE D 191 9.11 -30.88 -32.07
CA PHE D 191 9.71 -30.91 -30.75
C PHE D 191 9.70 -32.32 -30.22
N SER D 192 10.29 -32.51 -29.05
CA SER D 192 10.38 -33.83 -28.47
C SER D 192 10.57 -33.74 -26.97
N ILE D 193 9.78 -34.50 -26.23
CA ILE D 193 9.86 -34.51 -24.78
C ILE D 193 9.90 -35.95 -24.30
N SER D 194 10.96 -36.32 -23.60
CA SER D 194 11.09 -37.68 -23.09
C SER D 194 11.79 -37.64 -21.75
N GLN D 195 11.40 -38.57 -20.87
CA GLN D 195 11.95 -38.66 -19.53
C GLN D 195 13.33 -39.31 -19.48
N VAL D 196 14.14 -38.89 -18.51
CA VAL D 196 15.47 -39.43 -18.31
C VAL D 196 15.52 -39.99 -16.89
N LYS D 197 15.77 -41.29 -16.77
CA LYS D 197 15.82 -41.93 -15.47
C LYS D 197 17.23 -42.27 -15.06
N PRO D 198 17.82 -41.46 -14.18
CA PRO D 198 19.18 -41.77 -13.74
C PRO D 198 19.15 -43.10 -12.96
N THR D 199 20.23 -43.87 -13.03
CA THR D 199 20.27 -45.16 -12.33
C THR D 199 21.10 -45.11 -11.05
N LEU D 200 22.02 -44.17 -10.98
CA LEU D 200 22.87 -44.02 -9.79
C LEU D 200 22.11 -43.19 -8.76
N GLU D 201 22.42 -43.37 -7.48
CA GLU D 201 21.77 -42.58 -6.44
C GLU D 201 22.67 -41.43 -6.04
N CYS D 202 22.11 -40.24 -5.97
CA CYS D 202 22.89 -39.07 -5.60
C CYS D 202 21.97 -38.01 -5.01
N ASP D 203 22.58 -37.01 -4.39
CA ASP D 203 21.81 -35.91 -3.80
C ASP D 203 21.78 -34.75 -4.78
N PHE D 204 20.61 -34.15 -4.95
CA PHE D 204 20.45 -32.99 -5.83
C PHE D 204 20.17 -31.80 -4.94
N LEU D 205 20.98 -30.76 -5.06
CA LEU D 205 20.81 -29.56 -4.24
C LEU D 205 20.60 -28.31 -5.08
N VAL D 206 19.84 -27.37 -4.52
CA VAL D 206 19.58 -26.11 -5.20
C VAL D 206 19.99 -24.96 -4.29
N GLY D 207 20.92 -24.14 -4.75
CA GLY D 207 21.37 -23.02 -3.95
C GLY D 207 20.93 -21.70 -4.53
N TRP D 208 20.24 -20.90 -3.72
CA TRP D 208 19.76 -19.60 -4.15
C TRP D 208 20.76 -18.53 -3.76
N THR D 209 21.13 -17.69 -4.72
CA THR D 209 22.11 -16.64 -4.46
C THR D 209 21.51 -15.30 -4.04
N LYS D 210 20.20 -15.25 -3.89
CA LYS D 210 19.53 -14.02 -3.48
C LYS D 210 19.79 -12.87 -4.47
N GLU D 211 19.94 -13.19 -5.74
CA GLU D 211 20.19 -12.14 -6.72
C GLU D 211 19.22 -12.17 -7.88
N VAL D 212 18.95 -10.99 -8.46
CA VAL D 212 18.06 -10.88 -9.60
C VAL D 212 18.80 -11.44 -10.81
N ALA D 213 18.10 -12.20 -11.65
CA ALA D 213 18.72 -12.78 -12.84
C ALA D 213 19.10 -11.69 -13.84
N VAL D 214 19.78 -12.09 -14.91
CA VAL D 214 20.19 -11.15 -15.95
C VAL D 214 19.01 -10.36 -16.52
N SER D 215 19.23 -9.07 -16.74
CA SER D 215 18.20 -8.18 -17.29
C SER D 215 17.90 -8.55 -18.74
N SER D 216 17.42 -7.57 -19.51
CA SER D 216 17.11 -7.82 -20.91
C SER D 216 18.28 -7.49 -21.85
N HIS D 217 18.89 -6.32 -21.65
CA HIS D 217 20.03 -5.93 -22.49
C HIS D 217 21.21 -6.87 -22.32
N VAL D 219 20.92 -9.97 -21.64
CA VAL D 219 20.51 -11.23 -22.25
C VAL D 219 20.83 -11.23 -23.73
N GLN D 220 20.47 -10.13 -24.39
CA GLN D 220 20.71 -9.98 -25.82
C GLN D 220 22.19 -10.04 -26.17
N GLN D 221 23.03 -9.43 -25.34
CA GLN D 221 24.46 -9.45 -25.60
C GLN D 221 25.02 -10.87 -25.41
N ILE D 222 24.29 -11.70 -24.67
CA ILE D 222 24.71 -13.08 -24.41
C ILE D 222 24.36 -14.03 -25.54
N LYS D 223 23.14 -13.94 -26.04
CA LYS D 223 22.72 -14.84 -27.10
C LYS D 223 23.33 -14.44 -28.43
N GLN D 224 23.91 -13.23 -28.47
CA GLN D 224 24.56 -12.76 -29.69
C GLN D 224 25.99 -13.31 -29.76
N ASN D 225 26.38 -14.08 -28.75
CA ASN D 225 27.70 -14.67 -28.71
C ASN D 225 27.61 -16.15 -29.08
N ILE D 226 26.40 -16.60 -29.40
CA ILE D 226 26.20 -17.99 -29.77
C ILE D 226 26.79 -18.22 -31.15
N ASN D 227 27.23 -19.43 -31.41
CA ASN D 227 27.80 -19.80 -32.70
C ASN D 227 27.78 -21.31 -32.81
N GLN D 228 28.11 -21.82 -33.99
CA GLN D 228 28.11 -23.26 -34.22
C GLN D 228 29.04 -24.02 -33.28
N ASN D 229 30.20 -23.43 -32.98
CA ASN D 229 31.13 -24.09 -32.08
C ASN D 229 30.41 -24.37 -30.76
N PHE D 230 29.75 -23.34 -30.24
CA PHE D 230 29.02 -23.47 -28.98
C PHE D 230 27.85 -24.46 -29.08
N LEU D 231 27.08 -24.37 -30.17
CA LEU D 231 25.95 -25.26 -30.36
C LEU D 231 26.35 -26.73 -30.46
N THR D 232 27.29 -27.04 -31.34
CA THR D 232 27.75 -28.42 -31.52
C THR D 232 28.23 -28.97 -30.18
N SER D 233 29.02 -28.19 -29.46
CA SER D 233 29.56 -28.61 -28.16
C SER D 233 28.45 -28.86 -27.15
N SER D 234 27.49 -27.94 -27.10
CA SER D 234 26.37 -28.03 -26.18
C SER D 234 25.54 -29.29 -26.42
N LYS D 235 25.15 -29.51 -27.67
CA LYS D 235 24.33 -30.67 -28.03
C LYS D 235 24.96 -31.99 -27.58
N GLU D 236 26.28 -32.11 -27.76
CA GLU D 236 27.01 -33.32 -27.38
C GLU D 236 27.13 -33.50 -25.86
N THR D 237 27.36 -32.41 -25.14
CA THR D 237 27.49 -32.46 -23.69
C THR D 237 26.18 -32.93 -23.06
N VAL D 238 25.06 -32.46 -23.60
CA VAL D 238 23.76 -32.88 -23.08
C VAL D 238 23.59 -34.37 -23.36
N VAL D 239 23.90 -34.77 -24.58
CA VAL D 239 23.79 -36.18 -24.96
C VAL D 239 24.67 -37.07 -24.08
N SER D 240 25.91 -36.63 -23.84
CA SER D 240 26.84 -37.39 -23.01
C SER D 240 26.35 -37.43 -21.58
N LEU D 241 25.88 -36.29 -21.09
CA LEU D 241 25.38 -36.18 -19.72
C LEU D 241 24.21 -37.14 -19.52
N VAL D 242 23.27 -37.11 -20.45
CA VAL D 242 22.10 -38.01 -20.35
C VAL D 242 22.61 -39.43 -20.23
N GLU D 243 23.49 -39.84 -21.15
CA GLU D 243 24.04 -41.19 -21.11
C GLU D 243 24.78 -41.47 -19.83
N ALA D 244 25.53 -40.50 -19.32
CA ALA D 244 26.25 -40.72 -18.07
C ALA D 244 25.25 -40.95 -16.95
N LEU D 245 24.08 -40.34 -17.06
CA LEU D 245 23.04 -40.49 -16.04
C LEU D 245 22.33 -41.85 -16.10
N GLU D 246 21.87 -42.23 -17.28
CA GLU D 246 21.19 -43.51 -17.46
C GLU D 246 22.13 -44.68 -17.15
N GLN D 247 23.41 -44.49 -17.39
CA GLN D 247 24.41 -45.52 -17.12
C GLN D 247 24.89 -45.51 -15.67
N GLY D 248 24.68 -44.39 -14.99
CA GLY D 248 25.06 -44.27 -13.59
C GLY D 248 26.54 -44.10 -13.31
N LYS D 249 27.22 -43.32 -14.14
CA LYS D 249 28.66 -43.08 -13.98
C LYS D 249 28.97 -41.73 -13.34
N SER D 250 29.00 -41.71 -12.01
CA SER D 250 29.27 -40.49 -11.25
C SER D 250 30.42 -39.65 -11.82
N GLU D 251 31.55 -40.28 -12.10
CA GLU D 251 32.72 -39.56 -12.62
C GLU D 251 32.45 -38.93 -13.97
N LYS D 252 31.74 -39.66 -14.83
CA LYS D 252 31.43 -39.14 -16.16
C LYS D 252 30.43 -37.98 -16.10
N ILE D 253 29.53 -38.03 -15.12
CA ILE D 253 28.53 -36.99 -14.93
C ILE D 253 29.19 -35.70 -14.48
N ILE D 254 30.16 -35.81 -13.58
CA ILE D 254 30.90 -34.63 -13.10
C ILE D 254 31.58 -34.00 -14.30
N GLU D 255 32.16 -34.84 -15.16
CA GLU D 255 32.85 -34.36 -16.36
C GLU D 255 31.96 -33.54 -17.25
N GLN D 256 30.79 -34.09 -17.59
CA GLN D 256 29.85 -33.40 -18.47
C GLN D 256 29.24 -32.12 -17.89
N VAL D 257 29.04 -32.06 -16.57
CA VAL D 257 28.50 -30.87 -15.93
C VAL D 257 29.58 -29.79 -16.02
N GLU D 258 30.82 -30.20 -15.77
CA GLU D 258 31.95 -29.28 -15.85
C GLU D 258 32.05 -28.71 -17.25
N VAL D 259 31.99 -29.60 -18.25
CA VAL D 259 32.08 -29.17 -19.65
C VAL D 259 30.93 -28.21 -19.94
N ALA D 260 29.75 -28.56 -19.46
CA ALA D 260 28.56 -27.73 -19.65
C ALA D 260 28.81 -26.35 -19.05
N SER D 261 29.34 -26.33 -17.83
CA SER D 261 29.63 -25.07 -17.15
C SER D 261 30.64 -24.22 -17.92
N LYS D 262 31.73 -24.82 -18.38
CA LYS D 262 32.76 -24.08 -19.13
C LYS D 262 32.17 -23.48 -20.41
N LEU D 263 31.32 -24.24 -21.09
CA LEU D 263 30.67 -23.76 -22.31
C LEU D 263 29.90 -22.49 -22.05
N LEU D 264 29.26 -22.42 -20.89
CA LEU D 264 28.49 -21.23 -20.52
C LEU D 264 29.42 -20.06 -20.21
N GLU D 265 30.57 -20.36 -19.62
CA GLU D 265 31.56 -19.33 -19.28
C GLU D 265 32.12 -18.76 -20.58
N GLY D 266 32.50 -19.66 -21.49
CA GLY D 266 33.05 -19.23 -22.77
C GLY D 266 32.10 -18.34 -23.53
N LEU D 267 30.80 -18.57 -23.35
CA LEU D 267 29.78 -17.80 -24.05
C LEU D 267 29.70 -16.36 -23.55
N SER D 268 29.77 -16.18 -22.23
CA SER D 268 29.69 -14.84 -21.65
C SER D 268 30.08 -14.82 -20.18
N THR D 269 30.70 -13.71 -19.76
CA THR D 269 31.12 -13.57 -18.37
C THR D 269 29.91 -13.20 -17.52
N ASP D 270 28.91 -12.62 -18.18
CA ASP D 270 27.67 -12.21 -17.51
C ASP D 270 26.96 -13.36 -16.80
N ILE D 271 27.10 -14.57 -17.32
CA ILE D 271 26.43 -15.71 -16.73
C ILE D 271 26.87 -15.96 -15.28
N TYR D 272 28.16 -16.04 -15.04
CA TYR D 272 28.63 -16.27 -13.69
C TYR D 272 28.94 -15.02 -12.87
N THR D 273 28.06 -14.73 -11.93
CA THR D 273 28.24 -13.59 -11.05
C THR D 273 29.24 -14.01 -9.99
N PRO D 274 29.72 -13.06 -9.17
CA PRO D 274 30.67 -13.43 -8.12
C PRO D 274 30.14 -14.53 -7.18
N LEU D 275 28.88 -14.41 -6.75
CA LEU D 275 28.30 -15.40 -5.83
C LEU D 275 28.03 -16.76 -6.47
N LEU D 276 27.70 -16.80 -7.76
CA LEU D 276 27.49 -18.10 -8.39
C LEU D 276 28.84 -18.81 -8.52
N ARG D 277 29.89 -18.05 -8.82
CA ARG D 277 31.25 -18.59 -8.94
C ARG D 277 31.55 -19.36 -7.67
N GLN D 278 31.33 -18.69 -6.54
CA GLN D 278 31.56 -19.29 -5.22
C GLN D 278 30.75 -20.56 -5.02
N LEU D 279 29.48 -20.52 -5.43
CA LEU D 279 28.59 -21.67 -5.31
C LEU D 279 29.21 -22.85 -6.06
N LYS D 280 29.73 -22.57 -7.24
CA LYS D 280 30.36 -23.59 -8.06
C LYS D 280 31.69 -24.06 -7.46
N GLU D 281 32.48 -23.10 -6.97
CA GLU D 281 33.78 -23.38 -6.36
C GLU D 281 33.67 -24.18 -5.07
N ALA D 282 32.57 -23.99 -4.33
CA ALA D 282 32.39 -24.70 -3.07
C ALA D 282 32.42 -26.21 -3.30
N SER D 283 32.26 -26.59 -4.56
CA SER D 283 32.25 -27.97 -4.98
C SER D 283 33.67 -28.51 -5.22
N GLN D 284 34.66 -27.66 -4.96
CA GLN D 284 36.06 -28.03 -5.15
C GLN D 284 36.61 -29.03 -4.13
N ASP D 285 37.15 -30.14 -4.66
CA ASP D 285 37.73 -31.19 -3.82
C ASP D 285 36.68 -32.05 -3.13
N LEU D 286 35.50 -32.12 -3.73
CA LEU D 286 34.42 -32.91 -3.19
C LEU D 286 33.93 -33.90 -4.25
N GLN D 287 33.20 -34.91 -3.80
CA GLN D 287 32.66 -35.90 -4.72
C GLN D 287 31.29 -35.33 -5.13
N ALA D 288 31.33 -34.22 -5.86
CA ALA D 288 30.14 -33.55 -6.31
C ALA D 288 30.47 -32.55 -7.40
N VAL D 289 29.45 -32.04 -8.06
CA VAL D 289 29.67 -31.07 -9.11
C VAL D 289 28.55 -30.01 -9.03
N ALA D 290 28.93 -28.73 -9.14
CA ALA D 290 27.98 -27.64 -9.06
C ALA D 290 28.03 -26.80 -10.32
N LYS D 291 26.97 -26.05 -10.58
CA LYS D 291 26.90 -25.25 -11.79
C LYS D 291 25.76 -24.24 -11.74
N SER D 292 25.79 -23.27 -12.64
CA SER D 292 24.74 -22.26 -12.71
C SER D 292 23.52 -22.89 -13.36
N SER D 293 22.35 -22.28 -13.18
CA SER D 293 21.14 -22.84 -13.76
C SER D 293 20.26 -21.77 -14.39
N GLY D 294 20.00 -21.91 -15.69
CA GLY D 294 19.16 -20.95 -16.38
C GLY D 294 19.90 -19.80 -17.02
N ALA D 295 19.19 -18.69 -17.19
CA ALA D 295 19.76 -17.49 -17.80
C ALA D 295 21.05 -17.06 -17.15
N GLY D 296 21.18 -17.33 -15.85
CA GLY D 296 22.37 -16.92 -15.14
C GLY D 296 22.26 -15.48 -14.69
N GLY D 297 23.34 -14.93 -14.16
CA GLY D 297 23.32 -13.56 -13.70
C GLY D 297 22.79 -13.44 -12.29
N GLY D 298 22.32 -14.56 -11.74
CA GLY D 298 21.78 -14.59 -10.40
C GLY D 298 20.86 -15.76 -10.21
N ASP D 299 20.04 -15.71 -9.16
CA ASP D 299 19.08 -16.79 -8.84
C ASP D 299 19.70 -18.09 -8.31
N CYS D 300 19.42 -19.20 -8.99
CA CYS D 300 19.88 -20.50 -8.53
C CYS D 300 21.05 -21.20 -9.22
N GLY D 301 21.72 -22.02 -8.41
CA GLY D 301 22.83 -22.83 -8.87
C GLY D 301 22.43 -24.24 -8.43
N ILE D 302 22.86 -25.25 -9.16
CA ILE D 302 22.51 -26.63 -8.86
C ILE D 302 23.73 -27.49 -8.54
N ALA D 303 23.52 -28.55 -7.77
CA ALA D 303 24.61 -29.44 -7.42
C ALA D 303 24.15 -30.89 -7.29
N LEU D 304 25.02 -31.80 -7.73
CA LEU D 304 24.78 -33.24 -7.64
C LEU D 304 25.95 -33.75 -6.80
N SER D 305 25.64 -34.32 -5.65
CA SER D 305 26.65 -34.86 -4.73
C SER D 305 26.56 -36.40 -4.69
N PHE D 306 27.71 -37.08 -4.67
CA PHE D 306 27.71 -38.53 -4.67
C PHE D 306 28.14 -39.32 -3.43
N ASP D 307 28.00 -38.68 -2.27
CA ASP D 307 28.27 -39.31 -0.99
C ASP D 307 27.97 -38.37 0.15
N ALA D 308 27.26 -38.90 1.14
CA ALA D 308 26.83 -38.16 2.32
C ALA D 308 27.83 -37.14 2.87
N GLN D 309 29.12 -37.44 2.79
CA GLN D 309 30.12 -36.52 3.33
C GLN D 309 30.25 -35.29 2.43
N SER D 310 30.34 -35.53 1.13
CA SER D 310 30.45 -34.46 0.16
C SER D 310 29.21 -33.59 0.28
N THR D 311 28.06 -34.25 0.38
CA THR D 311 26.79 -33.54 0.50
C THR D 311 26.76 -32.62 1.70
N LYS D 312 27.27 -33.12 2.83
CA LYS D 312 27.29 -32.36 4.07
C LYS D 312 28.23 -31.14 4.02
N THR D 313 29.44 -31.34 3.49
CA THR D 313 30.41 -30.24 3.40
C THR D 313 29.92 -29.17 2.42
N LEU D 314 29.24 -29.58 1.36
CA LEU D 314 28.73 -28.62 0.37
C LEU D 314 27.69 -27.71 1.03
N LYS D 315 26.78 -28.32 1.78
CA LYS D 315 25.72 -27.56 2.44
C LYS D 315 26.32 -26.60 3.46
N ASN D 316 27.38 -27.05 4.15
CA ASN D 316 28.03 -26.20 5.15
C ASN D 316 28.71 -25.02 4.49
N ARG D 317 29.46 -25.29 3.42
CA ARG D 317 30.16 -24.24 2.69
C ARG D 317 29.19 -23.20 2.13
N TRP D 318 28.11 -23.66 1.51
CA TRP D 318 27.11 -22.79 0.92
C TRP D 318 26.54 -21.87 1.99
N ALA D 319 26.26 -22.43 3.15
CA ALA D 319 25.71 -21.65 4.25
C ALA D 319 26.72 -20.56 4.65
N ASP D 320 28.00 -20.92 4.71
CA ASP D 320 29.03 -19.94 5.06
C ASP D 320 29.13 -18.82 4.02
N LEU D 321 28.88 -19.15 2.74
CA LEU D 321 28.96 -18.17 1.66
C LEU D 321 27.69 -17.33 1.50
N GLY D 322 26.72 -17.55 2.39
CA GLY D 322 25.48 -16.81 2.31
C GLY D 322 24.56 -17.29 1.21
N ILE D 323 24.72 -18.56 0.82
CA ILE D 323 23.89 -19.16 -0.21
C ILE D 323 22.80 -19.97 0.47
N GLU D 324 21.55 -19.66 0.17
CA GLU D 324 20.43 -20.36 0.78
C GLU D 324 20.03 -21.64 0.06
N LEU D 325 19.91 -22.72 0.82
CA LEU D 325 19.51 -24.01 0.29
C LEU D 325 17.99 -23.99 0.08
N LEU D 326 17.56 -23.97 -1.18
CA LEU D 326 16.14 -23.94 -1.52
C LEU D 326 15.46 -25.30 -1.59
N TYR D 327 16.21 -26.31 -2.01
CA TYR D 327 15.61 -27.61 -2.18
C TYR D 327 16.68 -28.69 -2.13
N GLN D 328 16.30 -29.86 -1.65
CA GLN D 328 17.21 -30.99 -1.52
C GLN D 328 16.42 -32.26 -1.90
N GLU D 329 16.94 -33.03 -2.84
CA GLU D 329 16.25 -34.23 -3.29
C GLU D 329 17.18 -35.41 -3.55
N ARG D 330 16.75 -36.59 -3.13
CA ARG D 330 17.50 -37.82 -3.33
C ARG D 330 17.08 -38.45 -4.66
N ILE D 331 17.98 -38.44 -5.64
CA ILE D 331 17.70 -39.01 -6.95
C ILE D 331 18.03 -40.51 -6.96
N HIS E 1 -14.32 33.53 -4.34
CA HIS E 1 -13.36 32.40 -4.09
C HIS E 1 -14.03 31.07 -4.48
N ILE E 4 -13.66 26.36 -10.43
CA ILE E 4 -14.39 26.11 -11.66
C ILE E 4 -14.46 24.62 -11.91
N ALA E 5 -15.65 24.14 -12.23
CA ALA E 5 -15.86 22.73 -12.49
C ALA E 5 -15.97 22.47 -13.99
N VAL E 6 -15.31 21.42 -14.45
CA VAL E 6 -15.40 21.03 -15.85
C VAL E 6 -15.40 19.51 -15.91
N LYS E 7 -15.85 18.94 -17.01
CA LYS E 7 -15.87 17.49 -17.12
C LYS E 7 -15.68 17.01 -18.57
N THR E 8 -15.21 15.78 -18.70
CA THR E 8 -14.98 15.19 -20.01
C THR E 8 -15.57 13.79 -20.06
N CYS E 9 -16.03 13.40 -21.25
CA CYS E 9 -16.63 12.08 -21.44
C CYS E 9 -15.62 11.08 -21.99
N GLY E 10 -16.08 9.84 -22.16
CA GLY E 10 -15.24 8.79 -22.71
C GLY E 10 -15.71 8.55 -24.12
N LYS E 11 -15.25 7.47 -24.73
CA LYS E 11 -15.64 7.20 -26.10
C LYS E 11 -15.49 5.73 -26.48
N LEU E 12 -16.23 5.35 -27.50
CA LEU E 12 -16.19 3.99 -28.04
C LEU E 12 -16.31 4.08 -29.55
N TYR E 13 -15.52 3.30 -30.28
CA TYR E 13 -15.61 3.31 -31.73
C TYR E 13 -16.83 2.50 -32.16
N TRP E 14 -17.54 2.97 -33.17
CA TRP E 14 -18.68 2.24 -33.68
C TRP E 14 -18.20 1.51 -34.93
N ALA E 15 -17.36 2.18 -35.71
CA ALA E 15 -16.82 1.59 -36.93
C ALA E 15 -15.55 2.33 -37.35
N GLY E 16 -14.65 1.63 -38.02
CA GLY E 16 -13.41 2.26 -38.46
C GLY E 16 -12.16 1.90 -37.67
N GLU E 17 -12.28 1.02 -36.68
CA GLU E 17 -11.10 0.65 -35.91
C GLU E 17 -9.99 0.15 -36.83
N TYR E 18 -8.76 0.47 -36.43
CA TYR E 18 -7.55 0.08 -37.16
C TYR E 18 -7.37 0.74 -38.52
N ALA E 19 -8.41 0.73 -39.34
CA ALA E 19 -8.31 1.36 -40.64
C ALA E 19 -7.98 2.84 -40.39
N ILE E 20 -8.61 3.43 -39.37
CA ILE E 20 -8.41 4.85 -39.05
C ILE E 20 -6.95 5.30 -38.82
N LEU E 21 -6.05 4.36 -38.58
CA LEU E 21 -4.63 4.69 -38.37
C LEU E 21 -3.96 5.21 -39.63
N GLU E 22 -4.67 5.15 -40.76
CA GLU E 22 -4.16 5.62 -42.03
C GLU E 22 -4.67 7.02 -42.33
N PRO E 23 -3.78 7.97 -42.63
CA PRO E 23 -4.23 9.34 -42.93
C PRO E 23 -5.26 9.31 -44.06
N GLY E 24 -6.40 9.96 -43.86
CA GLY E 24 -7.41 9.97 -44.89
C GLY E 24 -8.55 8.98 -44.65
N GLN E 25 -8.34 8.02 -43.76
CA GLN E 25 -9.37 7.03 -43.44
C GLN E 25 -10.47 7.66 -42.59
N LEU E 26 -11.59 6.94 -42.44
CA LEU E 26 -12.74 7.42 -41.66
C LEU E 26 -13.11 6.51 -40.49
N ALA E 27 -13.81 7.05 -39.50
CA ALA E 27 -14.23 6.27 -38.34
C ALA E 27 -15.43 6.94 -37.70
N LEU E 28 -16.34 6.12 -37.18
CA LEU E 28 -17.54 6.63 -36.52
C LEU E 28 -17.27 6.42 -35.04
N ILE E 29 -17.18 7.51 -34.27
CA ILE E 29 -16.87 7.40 -32.84
C ILE E 29 -17.94 7.99 -31.95
N LYS E 30 -18.32 7.23 -30.93
CA LYS E 30 -19.38 7.65 -30.03
C LYS E 30 -18.96 8.13 -28.64
N ASP E 31 -19.48 9.29 -28.25
CA ASP E 31 -19.20 9.89 -26.96
C ASP E 31 -20.01 9.13 -25.90
N ILE E 32 -19.35 8.76 -24.80
CA ILE E 32 -20.03 8.02 -23.72
C ILE E 32 -20.07 8.92 -22.48
N PRO E 33 -21.28 9.27 -22.01
CA PRO E 33 -21.56 10.13 -20.85
C PRO E 33 -21.08 9.63 -19.47
N ILE E 34 -19.93 8.97 -19.41
CA ILE E 34 -19.36 8.50 -18.14
C ILE E 34 -18.21 9.49 -18.00
N TYR E 35 -18.31 10.35 -16.97
CA TYR E 35 -17.35 11.43 -16.80
C TYR E 35 -16.08 11.44 -15.97
N ARG E 37 -13.90 14.25 -14.08
CA ARG E 37 -14.21 15.58 -13.55
C ARG E 37 -13.02 16.34 -12.97
N ALA E 38 -13.10 17.67 -13.04
CA ALA E 38 -12.04 18.51 -12.52
C ALA E 38 -12.59 19.79 -11.91
N GLU E 39 -11.82 20.31 -10.96
CA GLU E 39 -12.11 21.55 -10.26
C GLU E 39 -10.76 22.26 -10.37
N ILE E 40 -10.79 23.54 -10.74
CA ILE E 40 -9.56 24.29 -10.88
C ILE E 40 -9.70 25.72 -10.37
N ALA E 41 -8.63 26.24 -9.79
CA ALA E 41 -8.60 27.60 -9.28
C ALA E 41 -7.13 27.99 -9.13
N PHE E 42 -6.86 29.28 -8.99
CA PHE E 42 -5.50 29.75 -8.80
C PHE E 42 -5.18 29.51 -7.33
N SER E 43 -3.90 29.36 -7.02
CA SER E 43 -3.47 29.11 -5.64
C SER E 43 -2.02 29.55 -5.48
N ASP E 44 -1.48 29.36 -4.28
CA ASP E 44 -0.10 29.75 -4.00
C ASP E 44 0.92 28.94 -4.75
N SER E 45 0.69 27.63 -4.88
CA SER E 45 1.65 26.78 -5.59
C SER E 45 0.92 25.87 -6.58
N TYR E 46 1.66 25.23 -7.49
CA TYR E 46 1.04 24.31 -8.43
C TYR E 46 0.75 22.99 -7.71
N ARG E 47 -0.45 22.48 -7.90
CA ARG E 47 -0.82 21.23 -7.27
C ARG E 47 -1.92 20.51 -8.01
N ILE E 48 -1.85 19.18 -7.96
CA ILE E 48 -2.82 18.30 -8.58
C ILE E 48 -3.32 17.47 -7.42
N TYR E 49 -4.62 17.52 -7.16
CA TYR E 49 -5.21 16.80 -6.04
C TYR E 49 -6.08 15.62 -6.43
N SER E 50 -6.44 14.86 -5.42
CA SER E 50 -7.32 13.69 -5.50
C SER E 50 -7.92 13.57 -4.10
N ASP E 51 -9.05 12.87 -3.97
CA ASP E 51 -9.65 12.74 -2.65
C ASP E 51 -8.68 12.18 -1.63
N ASN E 62 -3.01 8.75 -9.19
CA ASN E 62 -3.59 7.67 -9.99
C ASN E 62 -3.44 7.92 -11.50
N PRO E 63 -4.13 8.96 -12.04
CA PRO E 63 -4.01 9.25 -13.48
C PRO E 63 -2.57 9.66 -13.84
N ASP E 64 -2.08 9.21 -15.01
CA ASP E 64 -0.71 9.54 -15.43
C ASP E 64 -0.31 10.99 -15.21
N TYR E 65 0.60 11.16 -14.27
CA TYR E 65 1.13 12.45 -13.86
C TYR E 65 1.94 13.16 -14.94
N SER E 66 2.77 12.41 -15.65
CA SER E 66 3.59 13.04 -16.68
C SER E 66 2.74 13.57 -17.83
N LEU E 67 1.60 12.94 -18.07
CA LEU E 67 0.70 13.36 -19.14
C LEU E 67 0.04 14.69 -18.80
N ILE E 68 -0.42 14.80 -17.56
CA ILE E 68 -1.09 16.00 -17.07
C ILE E 68 -0.11 17.18 -17.10
N GLN E 69 1.10 16.95 -16.58
CA GLN E 69 2.13 17.98 -16.54
C GLN E 69 2.47 18.44 -17.95
N GLU E 70 2.57 17.49 -18.87
CA GLU E 70 2.90 17.83 -20.25
C GLU E 70 1.80 18.65 -20.90
N THR E 71 0.55 18.39 -20.49
CA THR E 71 -0.56 19.15 -21.05
C THR E 71 -0.55 20.57 -20.50
N ILE E 72 -0.22 20.69 -19.22
CA ILE E 72 -0.14 22.00 -18.58
C ILE E 72 0.97 22.79 -19.26
N ALA E 73 2.07 22.11 -19.59
CA ALA E 73 3.19 22.77 -20.25
C ALA E 73 2.76 23.33 -21.60
N LEU E 74 2.17 22.48 -22.46
CA LEU E 74 1.76 22.96 -23.77
C LEU E 74 0.77 24.12 -23.65
N GLY E 76 0.75 26.25 -21.35
CA GLY E 76 1.51 27.41 -20.95
C GLY E 76 1.95 28.14 -22.20
N ASP E 77 2.34 27.38 -23.22
CA ASP E 77 2.79 27.97 -24.48
C ASP E 77 1.65 28.52 -25.31
N PHE E 78 0.42 28.05 -25.04
CA PHE E 78 -0.71 28.54 -25.78
C PHE E 78 -1.19 29.84 -25.14
N LEU E 79 -1.06 29.92 -23.83
CA LEU E 79 -1.47 31.12 -23.10
C LEU E 79 -0.51 32.25 -23.48
N ALA E 80 0.78 31.93 -23.59
CA ALA E 80 1.79 32.92 -23.95
C ALA E 80 1.43 33.49 -25.32
N VAL E 81 1.07 32.60 -26.24
CA VAL E 81 0.68 33.01 -27.58
C VAL E 81 -0.47 34.01 -27.48
N ARG E 82 -1.43 33.71 -26.62
CA ARG E 82 -2.59 34.57 -26.42
C ARG E 82 -2.32 35.72 -25.44
N GLY E 83 -1.05 35.96 -25.14
CA GLY E 83 -0.70 37.05 -24.25
C GLY E 83 -0.92 36.89 -22.75
N GLN E 84 -1.32 35.71 -22.31
CA GLN E 84 -1.52 35.46 -20.88
C GLN E 84 -0.28 34.73 -20.38
N ASN E 85 -0.16 34.57 -19.07
CA ASN E 85 0.97 33.85 -18.50
C ASN E 85 0.49 32.83 -17.49
N LEU E 86 1.15 31.68 -17.46
CA LEU E 86 0.78 30.63 -16.53
C LEU E 86 1.14 31.10 -15.12
N ARG E 87 0.26 30.81 -14.17
CA ARG E 87 0.49 31.18 -12.77
C ARG E 87 0.02 30.02 -11.92
N PRO E 88 0.57 29.89 -10.70
CA PRO E 88 0.17 28.79 -9.81
C PRO E 88 -1.33 28.56 -9.73
N PHE E 89 -1.74 27.32 -9.94
CA PHE E 89 -3.14 26.95 -9.88
C PHE E 89 -3.22 25.51 -9.39
N SER E 90 -4.32 25.17 -8.74
CA SER E 90 -4.54 23.83 -8.22
C SER E 90 -5.61 23.13 -9.06
N LEU E 91 -5.40 21.85 -9.30
CA LEU E 91 -6.32 21.07 -10.11
C LEU E 91 -6.69 19.74 -9.46
N ALA E 92 -7.98 19.56 -9.20
CA ALA E 92 -8.49 18.34 -8.59
C ALA E 92 -9.18 17.51 -9.67
N ILE E 93 -8.85 16.24 -9.74
CA ILE E 93 -9.44 15.34 -10.74
C ILE E 93 -10.10 14.15 -10.06
N TYR E 94 -11.37 13.94 -10.39
CA TYR E 94 -12.14 12.85 -9.82
C TYR E 94 -13.19 12.39 -10.82
N GLY E 95 -14.20 11.65 -10.34
CA GLY E 95 -15.25 11.18 -11.23
C GLY E 95 -15.16 9.70 -11.58
N LYS E 96 -16.28 9.15 -12.04
CA LYS E 96 -16.37 7.74 -12.40
C LYS E 96 -15.24 7.31 -13.36
N GLU E 98 -12.29 8.24 -13.76
CA GLU E 98 -11.05 8.03 -13.02
C GLU E 98 -11.15 7.12 -11.80
N ARG E 99 -12.33 7.02 -11.18
CA ARG E 99 -12.50 6.18 -10.00
C ARG E 99 -12.08 4.72 -10.19
N GLU E 100 -12.13 4.24 -11.42
CA GLU E 100 -11.72 2.86 -11.70
C GLU E 100 -10.74 2.77 -12.86
N GLY E 101 -9.56 3.36 -12.66
CA GLY E 101 -8.50 3.36 -13.65
C GLY E 101 -8.88 3.28 -15.12
N LYS E 102 -8.27 2.34 -15.83
CA LYS E 102 -8.49 2.14 -17.26
C LYS E 102 -9.13 0.77 -17.57
N LYS E 103 -10.01 0.33 -16.68
CA LYS E 103 -10.70 -0.95 -16.82
C LYS E 103 -11.55 -1.06 -18.09
N PHE E 104 -12.49 -0.14 -18.23
CA PHE E 104 -13.43 -0.13 -19.34
C PHE E 104 -12.88 0.07 -20.74
N GLY E 105 -11.88 0.92 -20.88
CA GLY E 105 -11.33 1.18 -22.19
C GLY E 105 -12.16 2.24 -22.87
N LEU E 106 -12.53 3.28 -22.12
CA LEU E 106 -13.33 4.37 -22.66
C LEU E 106 -12.45 5.56 -23.05
N GLY E 107 -11.14 5.34 -23.12
CA GLY E 107 -10.21 6.40 -23.48
C GLY E 107 -9.87 7.34 -22.33
N SER E 108 -9.51 6.76 -21.19
CA SER E 108 -9.19 7.53 -20.00
C SER E 108 -8.05 8.53 -20.21
N SER E 109 -6.98 8.10 -20.86
CA SER E 109 -5.84 8.98 -21.09
C SER E 109 -6.20 10.13 -22.04
N GLY E 110 -7.07 9.88 -23.00
CA GLY E 110 -7.47 10.94 -23.91
C GLY E 110 -8.34 11.95 -23.19
N SER E 111 -9.17 11.46 -22.26
CA SER E 111 -10.04 12.33 -21.48
C SER E 111 -9.24 13.24 -20.57
N VAL E 112 -8.19 12.71 -19.97
CA VAL E 112 -7.38 13.53 -19.08
C VAL E 112 -6.81 14.73 -19.82
N VAL E 113 -6.32 14.52 -21.04
CA VAL E 113 -5.73 15.61 -21.80
C VAL E 113 -6.75 16.68 -22.19
N VAL E 114 -7.94 16.27 -22.61
CA VAL E 114 -8.98 17.23 -22.99
C VAL E 114 -9.48 17.94 -21.72
N LEU E 115 -9.51 17.21 -20.62
CA LEU E 115 -9.97 17.76 -19.36
C LEU E 115 -9.06 18.87 -18.86
N VAL E 116 -7.75 18.61 -18.86
CA VAL E 116 -6.81 19.61 -18.41
C VAL E 116 -6.88 20.86 -19.30
N VAL E 117 -6.89 20.66 -20.62
CA VAL E 117 -6.99 21.78 -21.54
C VAL E 117 -8.27 22.55 -21.25
N LYS E 118 -9.40 21.85 -21.18
CA LYS E 118 -10.65 22.51 -20.89
C LYS E 118 -10.57 23.30 -19.58
N ALA E 119 -9.93 22.71 -18.58
CA ALA E 119 -9.81 23.35 -17.28
C ALA E 119 -9.01 24.66 -17.33
N LEU E 120 -7.89 24.65 -18.05
CA LEU E 120 -7.07 25.86 -18.15
C LEU E 120 -7.77 26.95 -18.97
N LEU E 121 -8.38 26.56 -20.08
CA LEU E 121 -9.09 27.53 -20.92
C LEU E 121 -10.17 28.25 -20.10
N ALA E 122 -10.89 27.50 -19.27
CA ALA E 122 -11.94 28.07 -18.45
C ALA E 122 -11.39 28.96 -17.34
N LEU E 123 -10.28 28.55 -16.75
CA LEU E 123 -9.67 29.31 -15.68
C LEU E 123 -9.18 30.67 -16.19
N TYR E 124 -8.72 30.69 -17.45
CA TYR E 124 -8.20 31.90 -18.06
C TYR E 124 -9.20 32.62 -18.94
N ASN E 125 -10.46 32.17 -18.90
CA ASN E 125 -11.54 32.79 -19.66
C ASN E 125 -11.33 32.80 -21.17
N LEU E 126 -10.68 31.77 -21.69
CA LEU E 126 -10.44 31.67 -23.13
C LEU E 126 -11.37 30.66 -23.77
N SER E 127 -12.00 31.03 -24.88
CA SER E 127 -12.91 30.12 -25.56
C SER E 127 -12.32 29.77 -26.92
N VAL E 128 -12.32 28.49 -27.25
CA VAL E 128 -11.79 28.02 -28.52
C VAL E 128 -12.81 27.12 -29.21
N ASP E 129 -12.72 27.00 -30.53
CA ASP E 129 -13.68 26.18 -31.26
C ASP E 129 -13.21 24.72 -31.37
N GLN E 130 -14.17 23.84 -31.60
CA GLN E 130 -13.93 22.40 -31.71
C GLN E 130 -12.59 21.99 -32.33
N ASN E 131 -12.28 22.52 -33.51
CA ASN E 131 -11.05 22.16 -34.19
C ASN E 131 -9.78 22.52 -33.41
N LEU E 132 -9.72 23.75 -32.93
CA LEU E 132 -8.58 24.23 -32.16
C LEU E 132 -8.40 23.41 -30.87
N LEU E 133 -9.50 22.99 -30.26
CA LEU E 133 -9.41 22.19 -29.04
C LEU E 133 -8.82 20.84 -29.42
N PHE E 134 -9.13 20.39 -30.63
CA PHE E 134 -8.62 19.12 -31.14
C PHE E 134 -7.10 19.20 -31.37
N LYS E 135 -6.64 20.30 -31.95
CA LYS E 135 -5.22 20.47 -32.20
C LYS E 135 -4.43 20.63 -30.91
N LEU E 136 -4.96 21.45 -30.01
CA LEU E 136 -4.29 21.67 -28.73
C LEU E 136 -4.07 20.34 -28.03
N THR E 137 -5.14 19.59 -27.82
CA THR E 137 -5.01 18.31 -27.12
C THR E 137 -4.20 17.30 -27.92
N SER E 138 -4.27 17.37 -29.24
CA SER E 138 -3.49 16.46 -30.06
C SER E 138 -2.01 16.78 -29.95
N ALA E 139 -1.66 18.06 -30.12
CA ALA E 139 -0.26 18.46 -30.04
C ALA E 139 0.45 17.84 -28.84
N VAL E 140 -0.26 17.73 -27.73
CA VAL E 140 0.34 17.16 -26.53
C VAL E 140 0.82 15.75 -26.83
N LEU E 141 -0.07 14.93 -27.39
CA LEU E 141 0.27 13.55 -27.71
C LEU E 141 1.29 13.44 -28.84
N LEU E 142 1.25 14.35 -29.80
CA LEU E 142 2.21 14.30 -30.91
C LEU E 142 3.62 14.58 -30.37
N LYS E 143 3.76 15.62 -29.55
CA LYS E 143 5.07 15.95 -28.98
C LYS E 143 5.58 14.78 -28.14
N ARG E 144 4.65 13.91 -27.75
CA ARG E 144 4.98 12.76 -26.93
C ARG E 144 5.50 11.61 -27.78
N GLY E 145 5.29 11.69 -29.08
CA GLY E 145 5.74 10.62 -29.96
C GLY E 145 4.63 9.63 -30.24
N ASP E 146 3.46 9.88 -29.64
CA ASP E 146 2.27 9.06 -29.80
C ASP E 146 1.93 8.99 -31.30
N ASN E 147 1.61 7.80 -31.79
CA ASN E 147 1.31 7.62 -33.21
C ASN E 147 -0.12 7.14 -33.50
N GLY E 148 -0.98 7.19 -32.49
CA GLY E 148 -2.37 6.77 -32.66
C GLY E 148 -3.14 7.71 -33.57
N SER E 149 -4.33 7.30 -34.00
CA SER E 149 -5.13 8.13 -34.92
C SER E 149 -5.65 9.45 -34.37
N GLY E 151 -8.36 9.71 -32.98
CA GLY E 151 -9.81 9.64 -33.10
C GLY E 151 -10.56 9.82 -31.78
N ASP E 152 -10.00 9.33 -30.68
CA ASP E 152 -10.67 9.45 -29.40
C ASP E 152 -10.79 10.89 -28.92
N LEU E 153 -9.80 11.72 -29.26
CA LEU E 153 -9.80 13.13 -28.87
C LEU E 153 -10.83 13.91 -29.66
N ALA E 154 -11.06 13.50 -30.91
CA ALA E 154 -12.02 14.18 -31.77
C ALA E 154 -13.42 13.98 -31.21
N CYS E 155 -13.68 12.78 -30.72
CA CYS E 155 -14.99 12.44 -30.16
C CYS E 155 -15.18 13.15 -28.81
N ILE E 156 -14.20 13.04 -27.94
CA ILE E 156 -14.25 13.64 -26.61
C ILE E 156 -14.35 15.18 -26.69
N ALA E 157 -13.60 15.79 -27.59
CA ALA E 157 -13.60 17.23 -27.74
C ALA E 157 -14.94 17.73 -28.24
N ALA E 158 -15.59 16.93 -29.08
CA ALA E 158 -16.88 17.31 -29.64
C ALA E 158 -18.08 16.88 -28.80
N GLU E 159 -17.93 15.81 -28.02
CA GLU E 159 -19.02 15.28 -27.19
C GLU E 159 -20.29 14.99 -28.00
N ASP E 160 -20.08 14.33 -29.14
CA ASP E 160 -21.18 13.95 -30.03
C ASP E 160 -20.73 12.72 -30.79
N LEU E 161 -21.68 12.07 -31.47
CA LEU E 161 -21.35 10.93 -32.32
C LEU E 161 -20.67 11.66 -33.47
N VAL E 162 -19.44 11.29 -33.81
CA VAL E 162 -18.75 12.00 -34.87
C VAL E 162 -18.15 11.13 -35.96
N LEU E 163 -17.99 11.75 -37.13
CA LEU E 163 -17.39 11.12 -38.30
C LEU E 163 -16.03 11.79 -38.32
N TYR E 164 -14.99 11.02 -38.03
CA TYR E 164 -13.64 11.55 -38.01
C TYR E 164 -12.83 11.02 -39.17
N GLN E 165 -11.97 11.88 -39.69
CA GLN E 165 -11.11 11.53 -40.78
C GLN E 165 -9.71 11.84 -40.27
N SER E 166 -8.90 10.82 -40.11
CA SER E 166 -7.55 11.02 -39.58
C SER E 166 -6.71 11.87 -40.53
N PHE E 167 -5.57 12.32 -40.00
CA PHE E 167 -4.63 13.16 -40.73
C PHE E 167 -3.23 12.53 -40.58
N ASP E 168 -2.22 13.16 -41.16
CA ASP E 168 -0.87 12.63 -41.04
C ASP E 168 -0.27 13.17 -39.76
N ARG E 169 -0.06 12.30 -38.78
CA ARG E 169 0.50 12.69 -37.50
C ARG E 169 2.00 12.92 -37.54
N GLN E 170 2.71 12.08 -38.29
CA GLN E 170 4.15 12.22 -38.40
C GLN E 170 4.48 13.57 -39.02
N LYS E 171 3.62 14.02 -39.93
CA LYS E 171 3.82 15.31 -40.60
C LYS E 171 3.69 16.46 -39.59
N VAL E 172 2.59 16.46 -38.85
CA VAL E 172 2.31 17.49 -37.87
C VAL E 172 3.29 17.47 -36.70
N ALA E 173 3.74 16.28 -36.31
CA ALA E 173 4.69 16.19 -35.21
C ALA E 173 5.99 16.88 -35.64
N ALA E 174 6.35 16.73 -36.91
CA ALA E 174 7.56 17.36 -37.44
C ALA E 174 7.36 18.87 -37.39
N TRP E 175 6.22 19.33 -37.89
CA TRP E 175 5.90 20.75 -37.87
C TRP E 175 6.10 21.32 -36.46
N LEU E 176 5.50 20.65 -35.47
CA LEU E 176 5.60 21.08 -34.07
C LEU E 176 7.05 21.01 -33.59
N GLU E 177 7.89 20.33 -34.37
CA GLU E 177 9.29 20.17 -34.00
C GLU E 177 10.20 21.07 -34.84
N GLU E 178 9.61 21.94 -35.65
CA GLU E 178 10.39 22.83 -36.49
C GLU E 178 9.86 24.26 -36.47
N GLU E 179 8.65 24.46 -35.94
CA GLU E 179 8.07 25.79 -35.89
C GLU E 179 7.32 26.06 -34.58
N ASN E 180 7.14 27.35 -34.28
CA ASN E 180 6.44 27.73 -33.05
C ASN E 180 4.98 27.29 -33.08
N LEU E 181 4.47 26.92 -31.92
CA LEU E 181 3.09 26.45 -31.76
C LEU E 181 2.06 27.26 -32.54
N ALA E 182 2.17 28.59 -32.46
CA ALA E 182 1.24 29.46 -33.17
C ALA E 182 1.22 29.11 -34.64
N THR E 183 2.41 29.03 -35.24
CA THR E 183 2.50 28.70 -36.67
C THR E 183 1.77 27.41 -36.98
N VAL E 184 2.11 26.35 -36.24
CA VAL E 184 1.49 25.05 -36.43
C VAL E 184 -0.02 25.05 -36.23
N LEU E 185 -0.51 25.75 -35.21
CA LEU E 185 -1.95 25.79 -34.95
C LEU E 185 -2.74 26.46 -36.08
N GLU E 186 -2.12 27.35 -36.83
CA GLU E 186 -2.80 28.03 -37.93
C GLU E 186 -2.84 27.22 -39.22
N ARG E 187 -1.95 26.25 -39.38
CA ARG E 187 -1.93 25.43 -40.59
C ARG E 187 -3.11 24.46 -40.71
N ASP E 188 -3.18 23.82 -41.86
CA ASP E 188 -4.23 22.85 -42.15
C ASP E 188 -3.62 21.48 -41.87
N TRP E 189 -4.22 20.73 -40.95
CA TRP E 189 -3.70 19.41 -40.61
C TRP E 189 -4.26 18.32 -41.52
N GLY E 190 -5.37 18.60 -42.18
CA GLY E 190 -5.95 17.63 -43.06
C GLY E 190 -6.92 16.66 -42.42
N PHE E 191 -7.43 17.01 -41.24
CA PHE E 191 -8.38 16.14 -40.56
C PHE E 191 -9.78 16.71 -40.69
N SER E 192 -10.79 15.96 -40.28
CA SER E 192 -12.15 16.46 -40.36
C SER E 192 -12.96 15.83 -39.24
N ILE E 193 -13.86 16.62 -38.66
CA ILE E 193 -14.71 16.15 -37.56
C ILE E 193 -16.10 16.72 -37.75
N SER E 194 -17.07 15.86 -38.03
CA SER E 194 -18.44 16.32 -38.21
C SER E 194 -19.43 15.46 -37.44
N GLN E 195 -20.50 16.09 -36.97
CA GLN E 195 -21.52 15.40 -36.19
C GLN E 195 -22.47 14.59 -37.05
N VAL E 196 -22.79 13.38 -36.60
CA VAL E 196 -23.72 12.50 -37.30
C VAL E 196 -24.95 12.43 -36.42
N LYS E 197 -26.12 12.78 -36.98
CA LYS E 197 -27.35 12.73 -36.19
C LYS E 197 -28.28 11.61 -36.64
N PRO E 198 -28.40 10.53 -35.85
CA PRO E 198 -29.28 9.44 -36.24
C PRO E 198 -30.74 9.94 -36.24
N THR E 199 -31.46 9.67 -37.32
CA THR E 199 -32.86 10.09 -37.41
C THR E 199 -33.78 8.91 -37.16
N LEU E 200 -33.36 8.05 -36.25
CA LEU E 200 -34.11 6.85 -35.88
C LEU E 200 -33.88 6.64 -34.40
N GLU E 201 -34.92 6.24 -33.67
CA GLU E 201 -34.75 6.01 -32.24
C GLU E 201 -34.34 4.56 -32.00
N CYS E 202 -33.43 4.35 -31.05
CA CYS E 202 -32.94 3.01 -30.74
C CYS E 202 -32.22 2.95 -29.42
N ASP E 203 -32.08 1.73 -28.90
CA ASP E 203 -31.39 1.51 -27.65
C ASP E 203 -29.92 1.20 -27.97
N PHE E 204 -29.03 1.91 -27.29
CA PHE E 204 -27.60 1.69 -27.48
C PHE E 204 -27.09 1.07 -26.20
N LEU E 205 -26.43 -0.08 -26.31
CA LEU E 205 -25.93 -0.78 -25.13
C LEU E 205 -24.42 -1.00 -25.17
N VAL E 206 -23.80 -0.89 -24.01
CA VAL E 206 -22.37 -1.11 -23.89
C VAL E 206 -22.21 -2.23 -22.87
N GLY E 207 -21.41 -3.23 -23.24
CA GLY E 207 -21.17 -4.36 -22.36
C GLY E 207 -19.68 -4.55 -22.15
N TRP E 208 -19.28 -4.66 -20.89
CA TRP E 208 -17.88 -4.82 -20.53
C TRP E 208 -17.57 -6.28 -20.25
N THR E 209 -16.51 -6.79 -20.87
CA THR E 209 -16.13 -8.18 -20.69
C THR E 209 -15.20 -8.38 -19.51
N LYS E 210 -14.91 -7.31 -18.78
CA LYS E 210 -14.01 -7.37 -17.62
C LYS E 210 -12.66 -7.96 -17.99
N GLU E 211 -12.43 -8.14 -19.28
CA GLU E 211 -11.17 -8.70 -19.75
C GLU E 211 -10.15 -7.64 -20.17
N VAL E 212 -8.87 -7.90 -19.88
CA VAL E 212 -7.81 -6.98 -20.23
C VAL E 212 -7.64 -6.94 -21.74
N ALA E 213 -7.70 -5.74 -22.31
CA ALA E 213 -7.57 -5.54 -23.75
C ALA E 213 -6.27 -6.09 -24.31
N VAL E 214 -6.11 -5.92 -25.62
CA VAL E 214 -4.92 -6.39 -26.33
C VAL E 214 -3.64 -5.62 -25.98
N SER E 215 -2.54 -6.36 -25.85
CA SER E 215 -1.24 -5.80 -25.50
C SER E 215 -0.44 -5.23 -26.69
N SER E 216 0.86 -5.05 -26.48
CA SER E 216 1.77 -4.51 -27.50
C SER E 216 1.98 -5.38 -28.73
N HIS E 217 2.67 -6.51 -28.56
CA HIS E 217 2.95 -7.40 -29.68
C HIS E 217 1.68 -7.71 -30.46
N VAL E 219 -1.07 -5.69 -30.70
CA VAL E 219 -1.45 -4.51 -31.48
C VAL E 219 -0.56 -4.43 -32.71
N GLN E 220 0.74 -4.62 -32.50
CA GLN E 220 1.72 -4.58 -33.58
C GLN E 220 1.39 -5.63 -34.62
N GLN E 221 1.30 -6.89 -34.18
CA GLN E 221 1.00 -7.99 -35.09
C GLN E 221 -0.30 -7.74 -35.85
N ILE E 222 -1.24 -7.05 -35.21
CA ILE E 222 -2.54 -6.75 -35.84
C ILE E 222 -2.50 -5.70 -36.94
N LYS E 223 -1.79 -4.60 -36.72
CA LYS E 223 -1.76 -3.55 -37.74
C LYS E 223 -0.91 -3.91 -38.95
N GLN E 224 -0.10 -4.95 -38.83
CA GLN E 224 0.72 -5.39 -39.96
C GLN E 224 -0.13 -6.24 -40.90
N ASN E 225 -1.32 -6.61 -40.45
CA ASN E 225 -2.25 -7.40 -41.26
C ASN E 225 -3.14 -6.49 -42.08
N ILE E 226 -3.02 -5.19 -41.85
CA ILE E 226 -3.81 -4.22 -42.59
C ILE E 226 -3.35 -4.27 -44.04
N ASN E 227 -4.31 -4.20 -44.97
CA ASN E 227 -4.00 -4.24 -46.39
C ASN E 227 -5.12 -3.49 -47.11
N GLN E 228 -4.82 -2.92 -48.28
CA GLN E 228 -5.81 -2.14 -49.03
C GLN E 228 -7.23 -2.70 -49.14
N ASN E 229 -7.37 -4.02 -49.13
CA ASN E 229 -8.72 -4.57 -49.22
C ASN E 229 -9.46 -4.17 -47.96
N PHE E 230 -8.75 -4.20 -46.84
CA PHE E 230 -9.34 -3.83 -45.56
C PHE E 230 -9.67 -2.33 -45.52
N LEU E 231 -8.66 -1.50 -45.74
CA LEU E 231 -8.81 -0.05 -45.71
C LEU E 231 -9.94 0.41 -46.61
N THR E 232 -9.98 -0.13 -47.82
CA THR E 232 -11.01 0.22 -48.79
C THR E 232 -12.40 -0.19 -48.36
N SER E 233 -12.52 -1.38 -47.79
CA SER E 233 -13.82 -1.87 -47.37
C SER E 233 -14.33 -1.17 -46.10
N SER E 234 -13.41 -0.94 -45.17
CA SER E 234 -13.76 -0.26 -43.93
C SER E 234 -14.30 1.13 -44.24
N LYS E 235 -13.61 1.83 -45.13
CA LYS E 235 -13.99 3.18 -45.51
C LYS E 235 -15.40 3.27 -46.09
N GLU E 236 -15.78 2.31 -46.92
CA GLU E 236 -17.10 2.29 -47.54
C GLU E 236 -18.18 1.95 -46.52
N THR E 237 -17.83 1.04 -45.61
CA THR E 237 -18.73 0.62 -44.56
C THR E 237 -19.09 1.80 -43.68
N VAL E 238 -18.07 2.55 -43.26
CA VAL E 238 -18.27 3.71 -42.42
C VAL E 238 -19.17 4.73 -43.11
N VAL E 239 -18.90 5.00 -44.39
CA VAL E 239 -19.72 5.96 -45.14
C VAL E 239 -21.17 5.49 -45.24
N SER E 240 -21.37 4.22 -45.56
CA SER E 240 -22.74 3.69 -45.67
C SER E 240 -23.40 3.65 -44.29
N LEU E 241 -22.61 3.32 -43.27
CA LEU E 241 -23.20 3.27 -41.94
C LEU E 241 -23.72 4.65 -41.59
N VAL E 242 -22.93 5.68 -41.89
CA VAL E 242 -23.37 7.04 -41.61
C VAL E 242 -24.62 7.39 -42.40
N GLU E 243 -24.67 7.01 -43.68
CA GLU E 243 -25.85 7.31 -44.49
C GLU E 243 -27.06 6.61 -43.89
N ALA E 244 -26.88 5.36 -43.51
CA ALA E 244 -27.96 4.58 -42.92
C ALA E 244 -28.50 5.25 -41.66
N LEU E 245 -27.60 5.74 -40.83
CA LEU E 245 -28.00 6.39 -39.58
C LEU E 245 -28.78 7.68 -39.82
N GLU E 246 -28.29 8.48 -40.77
CA GLU E 246 -28.93 9.75 -41.10
C GLU E 246 -30.29 9.55 -41.79
N GLN E 247 -30.38 8.55 -42.65
CA GLN E 247 -31.63 8.26 -43.36
C GLN E 247 -32.59 7.47 -42.47
N GLY E 248 -32.12 7.09 -41.29
CA GLY E 248 -32.96 6.35 -40.36
C GLY E 248 -33.44 4.98 -40.80
N LYS E 249 -32.62 4.27 -41.56
CA LYS E 249 -32.98 2.94 -42.04
C LYS E 249 -32.29 1.85 -41.21
N SER E 250 -33.00 1.30 -40.22
CA SER E 250 -32.41 0.28 -39.37
C SER E 250 -31.95 -0.94 -40.16
N GLU E 251 -32.67 -1.28 -41.22
CA GLU E 251 -32.30 -2.43 -42.04
C GLU E 251 -30.86 -2.21 -42.52
N LYS E 252 -30.56 -0.97 -42.90
CA LYS E 252 -29.23 -0.65 -43.42
C LYS E 252 -28.14 -0.56 -42.31
N ILE E 253 -28.53 -0.14 -41.12
CA ILE E 253 -27.58 -0.02 -40.03
C ILE E 253 -27.11 -1.42 -39.65
N ILE E 254 -28.05 -2.33 -39.47
CA ILE E 254 -27.70 -3.70 -39.13
C ILE E 254 -26.72 -4.31 -40.14
N GLU E 255 -27.04 -4.16 -41.43
CA GLU E 255 -26.18 -4.67 -42.50
C GLU E 255 -24.74 -4.21 -42.32
N GLN E 256 -24.56 -2.89 -42.22
CA GLN E 256 -23.24 -2.29 -42.10
C GLN E 256 -22.48 -2.65 -40.83
N VAL E 257 -23.15 -2.62 -39.68
CA VAL E 257 -22.46 -2.97 -38.44
C VAL E 257 -22.00 -4.41 -38.64
N GLU E 258 -22.82 -5.18 -39.35
CA GLU E 258 -22.53 -6.58 -39.62
C GLU E 258 -21.30 -6.69 -40.52
N VAL E 259 -21.16 -5.79 -41.48
CA VAL E 259 -19.98 -5.81 -42.34
C VAL E 259 -18.76 -5.39 -41.51
N ALA E 260 -18.91 -4.32 -40.73
CA ALA E 260 -17.79 -3.85 -39.91
C ALA E 260 -17.22 -4.97 -39.03
N SER E 261 -18.11 -5.70 -38.36
CA SER E 261 -17.69 -6.80 -37.50
C SER E 261 -16.91 -7.84 -38.30
N LYS E 262 -17.44 -8.25 -39.45
CA LYS E 262 -16.75 -9.24 -40.30
C LYS E 262 -15.36 -8.75 -40.70
N LEU E 263 -15.25 -7.49 -41.10
CA LEU E 263 -13.96 -6.94 -41.48
C LEU E 263 -12.93 -7.08 -40.36
N LEU E 264 -13.36 -6.89 -39.12
CA LEU E 264 -12.44 -7.03 -37.99
C LEU E 264 -12.06 -8.48 -37.76
N GLU E 265 -13.03 -9.39 -37.93
CA GLU E 265 -12.78 -10.82 -37.75
C GLU E 265 -11.71 -11.25 -38.75
N GLY E 266 -11.76 -10.69 -39.96
CA GLY E 266 -10.79 -11.04 -40.98
C GLY E 266 -9.41 -10.47 -40.70
N LEU E 267 -9.38 -9.27 -40.12
CA LEU E 267 -8.14 -8.57 -39.82
C LEU E 267 -7.23 -9.36 -38.88
N SER E 268 -7.81 -9.97 -37.87
CA SER E 268 -7.05 -10.76 -36.88
C SER E 268 -8.04 -11.55 -36.02
N THR E 269 -7.57 -12.64 -35.44
CA THR E 269 -8.44 -13.47 -34.61
C THR E 269 -8.27 -13.13 -33.14
N ASP E 270 -7.31 -12.25 -32.86
CA ASP E 270 -7.02 -11.82 -31.50
C ASP E 270 -7.95 -10.72 -31.06
N ILE E 271 -8.81 -10.26 -31.97
CA ILE E 271 -9.73 -9.19 -31.63
C ILE E 271 -10.99 -9.73 -30.97
N TYR E 272 -11.50 -10.86 -31.45
CA TYR E 272 -12.69 -11.47 -30.86
C TYR E 272 -12.37 -12.62 -29.95
N THR E 273 -12.16 -12.30 -28.67
CA THR E 273 -11.87 -13.30 -27.66
C THR E 273 -13.19 -13.99 -27.34
N PRO E 274 -13.14 -15.12 -26.62
CA PRO E 274 -14.33 -15.90 -26.25
C PRO E 274 -15.52 -15.10 -25.70
N LEU E 275 -15.29 -14.21 -24.75
CA LEU E 275 -16.38 -13.46 -24.16
C LEU E 275 -16.98 -12.42 -25.10
N LEU E 276 -16.17 -11.84 -25.99
CA LEU E 276 -16.71 -10.88 -26.94
C LEU E 276 -17.57 -11.63 -27.96
N ARG E 277 -17.15 -12.82 -28.35
CA ARG E 277 -17.93 -13.64 -29.29
C ARG E 277 -19.29 -13.91 -28.63
N GLN E 278 -19.27 -14.21 -27.33
CA GLN E 278 -20.52 -14.50 -26.62
C GLN E 278 -21.34 -13.23 -26.46
N LEU E 279 -20.68 -12.10 -26.28
CA LEU E 279 -21.39 -10.83 -26.16
C LEU E 279 -22.20 -10.64 -27.45
N LYS E 280 -21.60 -11.03 -28.57
CA LYS E 280 -22.29 -10.88 -29.84
C LYS E 280 -23.32 -11.99 -30.06
N GLU E 281 -22.98 -13.22 -29.72
CA GLU E 281 -23.90 -14.35 -29.87
C GLU E 281 -25.23 -14.12 -29.17
N ALA E 282 -25.18 -13.48 -28.01
CA ALA E 282 -26.40 -13.22 -27.25
C ALA E 282 -27.37 -12.43 -28.10
N SER E 283 -26.88 -11.89 -29.20
CA SER E 283 -27.71 -11.07 -30.08
C SER E 283 -28.35 -11.81 -31.25
N GLN E 284 -28.09 -13.11 -31.42
CA GLN E 284 -28.72 -13.86 -32.52
C GLN E 284 -30.21 -13.66 -32.33
N ASP E 285 -31.00 -14.48 -32.99
CA ASP E 285 -32.44 -14.47 -32.85
C ASP E 285 -33.09 -13.19 -32.27
N LEU E 286 -32.51 -12.02 -32.51
CA LEU E 286 -33.06 -10.78 -31.96
C LEU E 286 -33.00 -9.63 -32.93
N GLN E 287 -33.87 -8.64 -32.73
CA GLN E 287 -33.86 -7.47 -33.61
C GLN E 287 -32.75 -6.51 -33.11
N ALA E 288 -31.50 -6.97 -33.18
CA ALA E 288 -30.36 -6.17 -32.75
C ALA E 288 -29.07 -6.71 -33.33
N VAL E 289 -28.05 -5.86 -33.37
CA VAL E 289 -26.77 -6.25 -33.88
C VAL E 289 -25.72 -5.81 -32.85
N ALA E 290 -24.56 -6.46 -32.86
CA ALA E 290 -23.53 -6.15 -31.89
C ALA E 290 -22.16 -6.38 -32.47
N LYS E 291 -21.17 -5.69 -31.91
CA LYS E 291 -19.80 -5.87 -32.35
C LYS E 291 -18.82 -5.46 -31.27
N SER E 292 -17.55 -5.78 -31.49
CA SER E 292 -16.48 -5.43 -30.58
C SER E 292 -16.24 -3.95 -30.79
N SER E 293 -15.58 -3.28 -29.85
CA SER E 293 -15.30 -1.87 -30.02
C SER E 293 -13.91 -1.50 -29.54
N GLY E 294 -13.11 -0.90 -30.41
CA GLY E 294 -11.77 -0.51 -30.02
C GLY E 294 -10.69 -1.49 -30.43
N ALA E 295 -9.63 -1.55 -29.64
CA ALA E 295 -8.49 -2.42 -29.92
C ALA E 295 -8.90 -3.89 -30.08
N GLY E 296 -9.90 -4.30 -29.31
CA GLY E 296 -10.35 -5.69 -29.37
C GLY E 296 -9.60 -6.56 -28.37
N GLY E 297 -9.85 -7.86 -28.42
CA GLY E 297 -9.18 -8.77 -27.50
C GLY E 297 -9.66 -8.61 -26.07
N GLY E 298 -10.69 -7.78 -25.86
CA GLY E 298 -11.21 -7.56 -24.53
C GLY E 298 -12.02 -6.27 -24.41
N ASP E 299 -12.08 -5.74 -23.19
CA ASP E 299 -12.83 -4.51 -22.93
C ASP E 299 -14.30 -4.57 -23.32
N CYS E 300 -14.78 -3.52 -23.98
CA CYS E 300 -16.18 -3.42 -24.36
C CYS E 300 -16.65 -3.86 -25.73
N GLY E 301 -17.91 -4.28 -25.75
CA GLY E 301 -18.58 -4.69 -26.96
C GLY E 301 -19.81 -3.80 -26.96
N ILE E 302 -20.26 -3.39 -28.13
CA ILE E 302 -21.42 -2.51 -28.21
C ILE E 302 -22.56 -3.17 -28.95
N ALA E 303 -23.76 -2.61 -28.80
CA ALA E 303 -24.92 -3.15 -29.46
C ALA E 303 -26.00 -2.10 -29.71
N LEU E 304 -26.69 -2.24 -30.84
CA LEU E 304 -27.81 -1.37 -31.18
C LEU E 304 -29.00 -2.32 -31.23
N SER E 305 -30.09 -1.97 -30.54
CA SER E 305 -31.29 -2.79 -30.52
C SER E 305 -32.48 -1.96 -31.02
N PHE E 306 -33.37 -2.61 -31.76
CA PHE E 306 -34.51 -1.90 -32.35
C PHE E 306 -35.92 -2.15 -31.83
N ASP E 307 -36.05 -2.78 -30.67
CA ASP E 307 -37.35 -2.97 -30.05
C ASP E 307 -37.14 -3.36 -28.60
N ALA E 308 -38.06 -2.92 -27.76
CA ALA E 308 -37.96 -3.17 -26.33
C ALA E 308 -37.74 -4.62 -25.90
N GLN E 309 -38.30 -5.56 -26.64
CA GLN E 309 -38.15 -6.96 -26.24
C GLN E 309 -36.73 -7.50 -26.42
N SER E 310 -36.06 -7.07 -27.48
CA SER E 310 -34.69 -7.51 -27.76
C SER E 310 -33.71 -6.85 -26.78
N THR E 311 -33.99 -5.60 -26.46
CA THR E 311 -33.15 -4.85 -25.54
C THR E 311 -33.13 -5.57 -24.19
N LYS E 312 -34.32 -5.94 -23.71
CA LYS E 312 -34.46 -6.63 -22.42
C LYS E 312 -33.89 -8.04 -22.44
N THR E 313 -34.03 -8.75 -23.56
CA THR E 313 -33.52 -10.11 -23.65
C THR E 313 -32.00 -10.03 -23.73
N LEU E 314 -31.49 -9.04 -24.44
CA LEU E 314 -30.04 -8.84 -24.58
C LEU E 314 -29.43 -8.62 -23.19
N LYS E 315 -30.05 -7.75 -22.40
CA LYS E 315 -29.56 -7.46 -21.05
C LYS E 315 -29.49 -8.68 -20.15
N ASN E 316 -30.55 -9.48 -20.11
CA ASN E 316 -30.58 -10.68 -19.27
C ASN E 316 -29.54 -11.70 -19.70
N ARG E 317 -29.34 -11.83 -21.01
CA ARG E 317 -28.35 -12.78 -21.50
C ARG E 317 -26.92 -12.31 -21.16
N TRP E 318 -26.67 -11.01 -21.28
CA TRP E 318 -25.35 -10.50 -20.96
C TRP E 318 -25.06 -10.74 -19.50
N ALA E 319 -26.03 -10.45 -18.63
CA ALA E 319 -25.84 -10.65 -17.20
C ALA E 319 -25.52 -12.12 -16.90
N ASP E 320 -26.24 -13.06 -17.53
CA ASP E 320 -26.01 -14.50 -17.33
C ASP E 320 -24.66 -14.98 -17.86
N LEU E 321 -24.14 -14.29 -18.89
CA LEU E 321 -22.86 -14.67 -19.48
C LEU E 321 -21.69 -14.05 -18.71
N GLY E 322 -22.00 -13.21 -17.73
CA GLY E 322 -20.93 -12.57 -16.96
C GLY E 322 -20.48 -11.26 -17.58
N ILE E 323 -21.28 -10.73 -18.52
CA ILE E 323 -20.96 -9.47 -19.14
C ILE E 323 -21.66 -8.34 -18.37
N GLU E 324 -20.93 -7.26 -18.10
CA GLU E 324 -21.48 -6.15 -17.35
C GLU E 324 -22.01 -5.03 -18.23
N LEU E 325 -23.22 -4.59 -17.94
CA LEU E 325 -23.82 -3.50 -18.68
C LEU E 325 -23.27 -2.19 -18.09
N LEU E 326 -22.43 -1.50 -18.85
CA LEU E 326 -21.83 -0.24 -18.40
C LEU E 326 -22.66 0.99 -18.71
N TYR E 327 -23.33 0.99 -19.86
CA TYR E 327 -24.09 2.15 -20.29
C TYR E 327 -25.23 1.77 -21.22
N GLN E 328 -26.27 2.59 -21.20
CA GLN E 328 -27.43 2.36 -22.05
C GLN E 328 -28.02 3.72 -22.36
N GLU E 329 -28.26 3.98 -23.64
CA GLU E 329 -28.80 5.26 -24.07
C GLU E 329 -29.81 5.10 -25.19
N ARG E 330 -30.76 6.03 -25.23
CA ARG E 330 -31.79 6.04 -26.26
C ARG E 330 -31.27 6.97 -27.37
N ILE E 331 -30.94 6.39 -28.51
CA ILE E 331 -30.41 7.15 -29.64
C ILE E 331 -31.47 7.70 -30.59
N HIS F 1 32.26 -4.30 16.00
CA HIS F 1 30.78 -4.39 15.91
C HIS F 1 30.21 -3.00 15.65
N ILE F 4 30.06 0.85 9.09
CA ILE F 4 30.68 2.00 8.47
C ILE F 4 29.64 2.84 7.76
N ALA F 5 29.83 4.16 7.83
CA ALA F 5 28.91 5.10 7.23
C ALA F 5 29.58 5.82 6.07
N VAL F 6 28.84 6.02 4.99
CA VAL F 6 29.37 6.74 3.84
C VAL F 6 28.25 7.57 3.23
N LYS F 7 28.61 8.72 2.67
CA LYS F 7 27.65 9.64 2.03
C LYS F 7 28.02 9.79 0.57
N THR F 8 27.05 10.21 -0.23
CA THR F 8 27.24 10.44 -1.64
C THR F 8 26.29 11.57 -2.01
N CYS F 9 26.78 12.57 -2.71
CA CYS F 9 25.99 13.75 -3.08
C CYS F 9 25.32 13.57 -4.44
N GLY F 10 24.66 14.64 -4.89
CA GLY F 10 23.99 14.63 -6.19
C GLY F 10 24.67 15.59 -7.15
N LYS F 11 24.02 15.95 -8.24
CA LYS F 11 24.65 16.84 -9.21
C LYS F 11 23.68 17.67 -10.05
N LEU F 12 24.20 18.77 -10.62
CA LEU F 12 23.43 19.64 -11.49
C LEU F 12 24.37 20.25 -12.53
N TYR F 13 23.98 20.20 -13.79
CA TYR F 13 24.81 20.80 -14.83
C TYR F 13 24.68 22.31 -14.77
N TRP F 14 25.81 22.99 -15.00
CA TRP F 14 25.86 24.44 -15.03
C TRP F 14 26.00 24.85 -16.49
N ALA F 15 26.69 24.00 -17.27
CA ALA F 15 26.92 24.26 -18.69
C ALA F 15 27.47 23.02 -19.39
N GLY F 16 27.11 22.84 -20.66
CA GLY F 16 27.60 21.70 -21.43
C GLY F 16 26.56 20.66 -21.83
N GLU F 17 25.33 20.84 -21.34
CA GLU F 17 24.26 19.91 -21.65
C GLU F 17 24.15 19.55 -23.13
N TYR F 18 23.90 18.26 -23.39
CA TYR F 18 23.77 17.70 -24.73
C TYR F 18 25.05 17.69 -25.56
N ALA F 19 25.73 18.82 -25.65
CA ALA F 19 26.97 18.85 -26.40
C ALA F 19 27.90 17.83 -25.75
N ILE F 20 27.75 17.66 -24.44
CA ILE F 20 28.58 16.74 -23.68
C ILE F 20 28.45 15.29 -24.16
N LEU F 21 27.38 14.98 -24.88
CA LEU F 21 27.16 13.63 -25.38
C LEU F 21 28.16 13.22 -26.46
N GLU F 22 28.94 14.18 -26.95
CA GLU F 22 29.92 13.92 -27.98
C GLU F 22 31.29 13.73 -27.35
N PRO F 23 31.94 12.60 -27.61
CA PRO F 23 33.27 12.32 -27.04
C PRO F 23 34.19 13.52 -27.21
N GLY F 24 34.80 13.99 -26.12
CA GLY F 24 35.70 15.13 -26.22
C GLY F 24 35.08 16.47 -25.86
N GLN F 25 33.75 16.55 -25.86
CA GLN F 25 33.08 17.81 -25.52
C GLN F 25 33.32 18.18 -24.04
N LEU F 26 32.93 19.38 -23.64
CA LEU F 26 33.14 19.86 -22.27
C LEU F 26 31.86 20.20 -21.52
N ALA F 27 31.93 20.09 -20.18
CA ALA F 27 30.78 20.38 -19.33
C ALA F 27 31.22 20.79 -17.93
N LEU F 28 30.47 21.69 -17.32
CA LEU F 28 30.74 22.16 -15.96
C LEU F 28 29.60 21.56 -15.13
N ILE F 29 29.94 20.81 -14.10
CA ILE F 29 28.90 20.16 -13.29
C ILE F 29 29.15 20.42 -11.83
N LYS F 30 28.10 20.84 -11.13
CA LYS F 30 28.17 21.18 -9.71
C LYS F 30 27.59 20.11 -8.80
N ASP F 31 28.30 19.82 -7.71
CA ASP F 31 27.89 18.83 -6.73
C ASP F 31 26.92 19.45 -5.73
N ILE F 32 25.82 18.76 -5.45
CA ILE F 32 24.84 19.26 -4.50
C ILE F 32 24.86 18.45 -3.19
N PRO F 33 25.12 19.12 -2.06
CA PRO F 33 25.20 18.59 -0.69
C PRO F 33 23.90 18.00 -0.11
N ILE F 34 23.10 17.34 -0.93
CA ILE F 34 21.89 16.69 -0.43
C ILE F 34 22.30 15.23 -0.63
N TYR F 35 22.51 14.54 0.48
CA TYR F 35 23.03 13.17 0.44
C TYR F 35 22.16 11.93 0.48
N ARG F 37 22.66 8.16 1.93
CA ARG F 37 23.54 7.61 2.94
C ARG F 37 23.48 6.10 3.04
N ALA F 38 24.55 5.50 3.55
CA ALA F 38 24.61 4.06 3.70
C ALA F 38 25.42 3.66 4.91
N GLU F 39 25.04 2.53 5.48
CA GLU F 39 25.73 1.94 6.62
C GLU F 39 26.01 0.54 6.10
N ILE F 40 27.20 0.01 6.36
CA ILE F 40 27.54 -1.31 5.85
C ILE F 40 28.39 -2.05 6.85
N ALA F 41 28.25 -3.37 6.83
CA ALA F 41 29.01 -4.23 7.73
C ALA F 41 28.87 -5.69 7.30
N PHE F 42 29.78 -6.52 7.76
CA PHE F 42 29.72 -7.94 7.45
C PHE F 42 28.61 -8.54 8.29
N SER F 43 27.96 -9.58 7.78
CA SER F 43 26.87 -10.22 8.51
C SER F 43 26.78 -11.71 8.17
N ASP F 44 25.84 -12.41 8.80
CA ASP F 44 25.65 -13.83 8.55
C ASP F 44 25.27 -14.08 7.09
N SER F 45 24.51 -13.16 6.50
CA SER F 45 24.10 -13.33 5.11
C SER F 45 24.01 -12.00 4.39
N TYR F 46 23.75 -12.01 3.09
CA TYR F 46 23.64 -10.76 2.32
C TYR F 46 22.28 -10.10 2.49
N ARG F 47 22.28 -8.84 2.89
CA ARG F 47 21.03 -8.12 3.09
C ARG F 47 21.10 -6.64 2.73
N ILE F 48 19.99 -6.14 2.19
CA ILE F 48 19.90 -4.74 1.81
C ILE F 48 18.75 -4.24 2.67
N TYR F 49 19.03 -3.18 3.44
CA TYR F 49 18.04 -2.63 4.35
C TYR F 49 17.46 -1.26 4.01
N SER F 50 16.39 -0.95 4.73
CA SER F 50 15.65 0.31 4.65
C SER F 50 15.06 0.49 6.04
N ASP F 51 14.68 1.72 6.38
CA ASP F 51 14.09 1.95 7.70
C ASP F 51 12.75 1.21 7.79
N ASN F 62 13.47 1.03 -1.81
CA ASN F 62 12.80 1.93 -2.74
C ASN F 62 13.66 2.13 -3.99
N PRO F 63 14.92 2.60 -3.82
CA PRO F 63 15.82 2.83 -4.96
C PRO F 63 15.96 1.57 -5.85
N ASP F 64 16.37 1.76 -7.09
CA ASP F 64 16.53 0.67 -8.05
C ASP F 64 17.28 -0.52 -7.42
N TYR F 65 16.61 -1.67 -7.37
CA TYR F 65 17.19 -2.88 -6.77
C TYR F 65 18.25 -3.50 -7.66
N SER F 66 17.88 -3.79 -8.90
CA SER F 66 18.81 -4.40 -9.84
C SER F 66 20.07 -3.55 -9.96
N LEU F 67 19.91 -2.23 -9.90
CA LEU F 67 21.04 -1.32 -10.00
C LEU F 67 22.04 -1.56 -8.88
N ILE F 68 21.53 -1.79 -7.68
CA ILE F 68 22.36 -2.07 -6.51
C ILE F 68 23.03 -3.44 -6.61
N GLN F 69 22.31 -4.41 -7.17
CA GLN F 69 22.86 -5.76 -7.31
C GLN F 69 23.93 -5.81 -8.39
N GLU F 70 23.73 -5.06 -9.47
CA GLU F 70 24.71 -5.07 -10.55
C GLU F 70 26.00 -4.39 -10.08
N THR F 71 25.87 -3.43 -9.19
CA THR F 71 27.02 -2.69 -8.65
C THR F 71 27.79 -3.61 -7.72
N ILE F 72 27.05 -4.40 -6.94
CA ILE F 72 27.66 -5.33 -6.02
C ILE F 72 28.35 -6.42 -6.84
N ALA F 73 27.73 -6.82 -7.95
CA ALA F 73 28.32 -7.85 -8.78
C ALA F 73 29.61 -7.33 -9.41
N LEU F 74 29.61 -6.07 -9.83
CA LEU F 74 30.81 -5.52 -10.43
C LEU F 74 31.90 -5.37 -9.39
N GLY F 76 32.30 -7.24 -6.87
CA GLY F 76 32.78 -8.56 -6.51
C GLY F 76 33.92 -8.92 -7.46
N ASP F 77 33.85 -8.42 -8.69
CA ASP F 77 34.91 -8.69 -9.68
C ASP F 77 36.12 -7.82 -9.40
N PHE F 78 35.90 -6.57 -9.01
CA PHE F 78 36.99 -5.67 -8.70
C PHE F 78 37.71 -6.19 -7.48
N LEU F 79 36.95 -6.67 -6.49
CA LEU F 79 37.56 -7.22 -5.28
C LEU F 79 38.49 -8.36 -5.67
N ALA F 80 38.02 -9.23 -6.58
CA ALA F 80 38.85 -10.35 -7.03
C ALA F 80 40.12 -9.80 -7.67
N VAL F 81 39.96 -8.84 -8.59
CA VAL F 81 41.10 -8.22 -9.25
C VAL F 81 42.09 -7.76 -8.18
N ARG F 82 41.55 -7.31 -7.05
CA ARG F 82 42.36 -6.81 -5.94
C ARG F 82 42.84 -7.89 -4.99
N GLY F 83 42.52 -9.14 -5.30
CA GLY F 83 42.94 -10.25 -4.46
C GLY F 83 42.12 -10.44 -3.19
N GLN F 84 40.85 -10.03 -3.22
CA GLN F 84 39.96 -10.14 -2.07
C GLN F 84 38.71 -10.97 -2.37
N ASN F 85 38.05 -11.45 -1.33
CA ASN F 85 36.83 -12.24 -1.51
C ASN F 85 35.60 -11.56 -0.97
N LEU F 86 34.54 -11.54 -1.76
CA LEU F 86 33.27 -10.95 -1.34
C LEU F 86 32.66 -11.94 -0.34
N ARG F 87 32.16 -11.43 0.78
CA ARG F 87 31.55 -12.27 1.81
C ARG F 87 30.22 -11.65 2.19
N PRO F 88 29.35 -12.42 2.86
CA PRO F 88 28.05 -11.92 3.29
C PRO F 88 28.19 -10.57 3.97
N PHE F 89 27.39 -9.60 3.55
CA PHE F 89 27.44 -8.28 4.16
C PHE F 89 26.08 -7.63 4.09
N SER F 90 25.86 -6.66 4.98
CA SER F 90 24.60 -5.95 5.00
C SER F 90 24.81 -4.49 4.63
N LEU F 91 23.89 -3.97 3.82
CA LEU F 91 23.98 -2.59 3.37
C LEU F 91 22.62 -1.95 3.61
N ALA F 92 22.62 -0.78 4.25
CA ALA F 92 21.39 -0.06 4.55
C ALA F 92 21.49 1.30 3.88
N ILE F 93 20.51 1.62 3.04
CA ILE F 93 20.51 2.89 2.33
C ILE F 93 19.41 3.81 2.85
N TYR F 94 19.72 5.09 2.99
CA TYR F 94 18.76 6.06 3.48
C TYR F 94 19.28 7.47 3.22
N GLY F 95 18.59 8.47 3.78
CA GLY F 95 19.00 9.84 3.56
C GLY F 95 18.03 10.57 2.64
N LYS F 96 17.99 11.90 2.75
CA LYS F 96 17.10 12.74 1.94
C LYS F 96 16.92 12.29 0.50
N GLU F 98 17.19 9.55 -0.86
CA GLU F 98 16.41 8.33 -0.97
C GLU F 98 15.01 8.55 -0.43
N ARG F 99 14.93 9.26 0.70
CA ARG F 99 13.65 9.54 1.38
C ARG F 99 12.58 10.19 0.51
N GLU F 100 12.85 10.32 -0.78
CA GLU F 100 11.87 10.89 -1.70
C GLU F 100 11.98 10.38 -3.13
N GLY F 101 13.13 9.80 -3.49
CA GLY F 101 13.28 9.25 -4.83
C GLY F 101 14.14 9.95 -5.86
N LYS F 102 13.55 10.22 -7.02
CA LYS F 102 14.22 10.88 -8.14
C LYS F 102 13.50 12.11 -8.62
N LYS F 103 12.55 12.60 -7.85
CA LYS F 103 11.76 13.75 -8.28
C LYS F 103 12.56 15.05 -8.51
N PHE F 104 13.72 15.19 -7.86
CA PHE F 104 14.54 16.40 -7.99
C PHE F 104 15.38 16.50 -9.28
N GLY F 105 15.82 15.35 -9.79
CA GLY F 105 16.63 15.37 -11.01
C GLY F 105 18.10 15.63 -10.68
N LEU F 106 18.51 15.19 -9.49
CA LEU F 106 19.90 15.37 -9.04
C LEU F 106 20.80 14.14 -9.26
N GLY F 107 20.43 13.25 -10.17
CA GLY F 107 21.24 12.08 -10.45
C GLY F 107 21.12 11.01 -9.37
N SER F 108 19.89 10.66 -9.03
CA SER F 108 19.63 9.68 -8.00
C SER F 108 20.27 8.30 -8.23
N SER F 109 20.23 7.81 -9.47
CA SER F 109 20.80 6.51 -9.77
C SER F 109 22.33 6.47 -9.87
N GLY F 110 22.94 7.55 -10.34
CA GLY F 110 24.39 7.57 -10.43
C GLY F 110 24.87 7.67 -9.00
N SER F 111 24.08 8.35 -8.20
CA SER F 111 24.41 8.57 -6.81
C SER F 111 24.40 7.24 -6.03
N VAL F 112 23.45 6.35 -6.34
CA VAL F 112 23.36 5.07 -5.66
C VAL F 112 24.57 4.20 -6.03
N VAL F 113 24.92 4.18 -7.31
CA VAL F 113 26.04 3.40 -7.80
C VAL F 113 27.30 3.76 -7.03
N VAL F 114 27.66 5.04 -7.05
CA VAL F 114 28.83 5.54 -6.34
C VAL F 114 28.79 5.23 -4.84
N LEU F 115 27.61 5.26 -4.26
CA LEU F 115 27.44 4.98 -2.83
C LEU F 115 27.78 3.52 -2.52
N VAL F 116 27.26 2.62 -3.33
CA VAL F 116 27.50 1.20 -3.13
C VAL F 116 28.97 0.89 -3.32
N VAL F 117 29.59 1.49 -4.33
CA VAL F 117 31.01 1.26 -4.56
C VAL F 117 31.83 1.81 -3.40
N LYS F 118 31.50 3.01 -2.92
CA LYS F 118 32.23 3.59 -1.79
C LYS F 118 32.04 2.76 -0.53
N ALA F 119 30.84 2.23 -0.38
CA ALA F 119 30.53 1.43 0.80
C ALA F 119 31.34 0.14 0.85
N LEU F 120 31.42 -0.56 -0.28
CA LEU F 120 32.19 -1.80 -0.31
C LEU F 120 33.70 -1.57 -0.19
N LEU F 121 34.23 -0.58 -0.88
CA LEU F 121 35.68 -0.30 -0.79
C LEU F 121 36.02 -0.07 0.66
N ALA F 122 35.27 0.83 1.29
CA ALA F 122 35.52 1.17 2.67
C ALA F 122 35.41 -0.06 3.56
N LEU F 123 34.48 -0.94 3.23
CA LEU F 123 34.28 -2.17 4.03
C LEU F 123 35.52 -3.05 3.95
N TYR F 124 36.19 -3.00 2.80
CA TYR F 124 37.37 -3.81 2.57
C TYR F 124 38.69 -3.08 2.75
N ASN F 125 38.63 -1.88 3.32
CA ASN F 125 39.84 -1.10 3.55
C ASN F 125 40.62 -0.84 2.29
N LEU F 126 39.92 -0.78 1.16
CA LEU F 126 40.58 -0.51 -0.12
C LEU F 126 40.38 0.96 -0.46
N SER F 127 41.31 1.51 -1.21
CA SER F 127 41.21 2.92 -1.58
C SER F 127 41.55 3.09 -3.04
N VAL F 128 40.81 3.97 -3.72
CA VAL F 128 41.04 4.23 -5.13
C VAL F 128 41.06 5.72 -5.38
N ASP F 129 41.72 6.15 -6.46
CA ASP F 129 41.73 7.57 -6.75
C ASP F 129 40.45 7.91 -7.50
N GLN F 130 40.21 9.21 -7.64
CA GLN F 130 39.05 9.76 -8.30
C GLN F 130 38.80 9.21 -9.71
N ASN F 131 39.85 9.02 -10.50
CA ASN F 131 39.64 8.50 -11.85
C ASN F 131 39.18 7.04 -11.85
N LEU F 132 39.67 6.26 -10.90
CA LEU F 132 39.30 4.87 -10.81
C LEU F 132 37.88 4.76 -10.25
N LEU F 133 37.55 5.61 -9.29
CA LEU F 133 36.21 5.57 -8.72
C LEU F 133 35.22 5.81 -9.87
N PHE F 134 35.58 6.74 -10.74
CA PHE F 134 34.75 7.08 -11.89
C PHE F 134 34.64 5.89 -12.84
N LYS F 135 35.74 5.20 -13.06
CA LYS F 135 35.70 4.05 -13.97
C LYS F 135 34.88 2.92 -13.39
N LEU F 136 35.03 2.68 -12.10
CA LEU F 136 34.27 1.60 -11.48
C LEU F 136 32.78 1.82 -11.65
N THR F 137 32.34 3.02 -11.33
CA THR F 137 30.92 3.35 -11.40
C THR F 137 30.38 3.45 -12.83
N SER F 138 31.11 4.08 -13.74
CA SER F 138 30.66 4.17 -15.13
C SER F 138 30.52 2.77 -15.70
N ALA F 139 31.44 1.88 -15.32
CA ALA F 139 31.44 0.52 -15.82
C ALA F 139 30.08 -0.15 -15.59
N VAL F 140 29.54 0.02 -14.38
CA VAL F 140 28.26 -0.58 -14.03
C VAL F 140 27.17 -0.14 -15.00
N LEU F 141 27.12 1.16 -15.25
CA LEU F 141 26.12 1.72 -16.16
C LEU F 141 26.46 1.34 -17.58
N LEU F 142 27.74 1.34 -17.93
CA LEU F 142 28.13 0.96 -19.28
C LEU F 142 27.73 -0.48 -19.58
N LYS F 143 27.74 -1.34 -18.57
CA LYS F 143 27.38 -2.74 -18.81
C LYS F 143 25.89 -2.96 -18.99
N ARG F 144 25.07 -1.97 -18.60
CA ARG F 144 23.62 -2.07 -18.75
C ARG F 144 23.19 -1.61 -20.13
N GLY F 145 24.06 -0.87 -20.81
CA GLY F 145 23.73 -0.37 -22.13
C GLY F 145 23.65 1.14 -22.18
N ASP F 146 23.61 1.78 -21.02
CA ASP F 146 23.53 3.23 -20.92
C ASP F 146 24.58 3.88 -21.83
N ASN F 147 24.19 4.93 -22.54
CA ASN F 147 25.10 5.65 -23.45
C ASN F 147 25.27 7.13 -23.09
N GLY F 148 24.61 7.56 -22.01
CA GLY F 148 24.71 8.93 -21.56
C GLY F 148 26.15 9.35 -21.36
N SER F 149 26.40 10.66 -21.35
CA SER F 149 27.75 11.20 -21.20
C SER F 149 28.56 10.73 -19.99
N GLY F 151 28.74 12.33 -17.20
CA GLY F 151 29.17 13.50 -16.46
C GLY F 151 28.63 13.60 -15.04
N ASP F 152 27.47 13.01 -14.79
CA ASP F 152 26.91 13.06 -13.44
C ASP F 152 27.79 12.27 -12.47
N LEU F 153 28.27 11.11 -12.90
CA LEU F 153 29.15 10.32 -12.04
C LEU F 153 30.49 11.04 -11.84
N ALA F 154 30.95 11.72 -12.88
CA ALA F 154 32.21 12.46 -12.78
C ALA F 154 32.11 13.45 -11.62
N CYS F 155 30.95 14.10 -11.53
CA CYS F 155 30.73 15.08 -10.49
C CYS F 155 30.53 14.46 -9.11
N ILE F 156 29.68 13.43 -9.03
CA ILE F 156 29.39 12.78 -7.75
C ILE F 156 30.63 12.12 -7.16
N ALA F 157 31.48 11.58 -8.02
CA ALA F 157 32.72 10.93 -7.57
C ALA F 157 33.73 11.94 -7.04
N ALA F 158 33.75 13.13 -7.63
CA ALA F 158 34.70 14.16 -7.21
C ALA F 158 34.21 15.01 -6.02
N GLU F 159 32.91 15.26 -5.96
CA GLU F 159 32.32 16.06 -4.88
C GLU F 159 32.74 17.53 -4.92
N ASP F 160 32.82 18.09 -6.12
CA ASP F 160 33.17 19.49 -6.29
C ASP F 160 32.69 19.96 -7.65
N LEU F 161 32.90 21.23 -7.92
CA LEU F 161 32.53 21.79 -9.21
C LEU F 161 33.64 21.24 -10.09
N VAL F 162 33.28 20.48 -11.11
CA VAL F 162 34.30 19.89 -11.98
C VAL F 162 34.11 20.23 -13.44
N LEU F 163 35.21 20.18 -14.18
CA LEU F 163 35.18 20.41 -15.63
C LEU F 163 35.32 18.99 -16.16
N TYR F 164 34.33 18.53 -16.92
CA TYR F 164 34.35 17.18 -17.46
C TYR F 164 34.50 17.14 -18.96
N GLN F 165 35.31 16.20 -19.44
CA GLN F 165 35.53 16.00 -20.85
C GLN F 165 35.13 14.56 -21.11
N SER F 166 34.02 14.37 -21.81
CA SER F 166 33.49 13.05 -22.10
C SER F 166 34.37 12.17 -22.97
N PHE F 167 34.17 10.86 -22.85
CA PHE F 167 34.92 9.87 -23.62
C PHE F 167 33.94 9.09 -24.47
N ASP F 168 34.45 8.13 -25.23
CA ASP F 168 33.60 7.33 -26.09
C ASP F 168 33.07 6.14 -25.31
N ARG F 169 31.80 6.19 -24.92
CA ARG F 169 31.19 5.11 -24.15
C ARG F 169 31.03 3.80 -24.90
N GLN F 170 30.73 3.85 -26.19
CA GLN F 170 30.57 2.63 -26.98
C GLN F 170 31.91 1.91 -27.02
N LYS F 171 32.97 2.69 -27.19
CA LYS F 171 34.34 2.17 -27.24
C LYS F 171 34.64 1.37 -25.98
N VAL F 172 34.40 1.98 -24.82
CA VAL F 172 34.64 1.30 -23.55
C VAL F 172 33.63 0.19 -23.25
N ALA F 173 32.39 0.38 -23.66
CA ALA F 173 31.35 -0.63 -23.43
C ALA F 173 31.77 -1.91 -24.15
N ALA F 174 32.46 -1.76 -25.28
CA ALA F 174 32.91 -2.90 -26.06
C ALA F 174 34.06 -3.61 -25.33
N TRP F 175 34.99 -2.83 -24.81
CA TRP F 175 36.12 -3.39 -24.08
C TRP F 175 35.63 -4.20 -22.88
N LEU F 176 34.66 -3.66 -22.14
CA LEU F 176 34.10 -4.32 -20.97
C LEU F 176 33.41 -5.62 -21.35
N GLU F 177 33.06 -5.73 -22.63
CA GLU F 177 32.38 -6.91 -23.12
C GLU F 177 33.40 -7.99 -23.51
N GLU F 178 34.50 -7.55 -24.12
CA GLU F 178 35.56 -8.44 -24.58
C GLU F 178 36.66 -8.77 -23.55
N GLU F 179 37.42 -7.76 -23.18
CA GLU F 179 38.54 -7.90 -22.23
C GLU F 179 38.06 -8.10 -20.78
N ASN F 180 39.00 -8.43 -19.88
CA ASN F 180 38.63 -8.59 -18.49
C ASN F 180 38.76 -7.28 -17.74
N LEU F 181 38.04 -7.17 -16.63
CA LEU F 181 38.01 -5.95 -15.85
C LEU F 181 39.39 -5.29 -15.60
N ALA F 182 40.37 -6.05 -15.12
CA ALA F 182 41.70 -5.50 -14.87
C ALA F 182 42.25 -4.78 -16.08
N THR F 183 42.21 -5.44 -17.23
CA THR F 183 42.71 -4.83 -18.44
C THR F 183 41.99 -3.49 -18.72
N VAL F 184 40.67 -3.51 -18.75
CA VAL F 184 39.87 -2.31 -19.04
C VAL F 184 40.08 -1.16 -18.05
N LEU F 185 40.19 -1.47 -16.77
CA LEU F 185 40.39 -0.42 -15.79
C LEU F 185 41.76 0.24 -15.99
N GLU F 186 42.69 -0.51 -16.57
CA GLU F 186 44.05 -0.02 -16.80
C GLU F 186 44.26 0.77 -18.08
N ARG F 187 43.35 0.63 -19.04
CA ARG F 187 43.47 1.36 -20.29
C ARG F 187 43.21 2.86 -20.08
N ASP F 188 43.40 3.61 -21.16
CA ASP F 188 43.18 5.05 -21.14
C ASP F 188 41.84 5.29 -21.80
N TRP F 189 40.84 5.64 -21.01
CA TRP F 189 39.49 5.87 -21.52
C TRP F 189 39.35 7.13 -22.37
N GLY F 190 40.13 8.16 -22.04
CA GLY F 190 40.08 9.39 -22.82
C GLY F 190 39.12 10.42 -22.28
N PHE F 191 38.97 10.45 -20.96
CA PHE F 191 38.09 11.40 -20.31
C PHE F 191 38.94 12.22 -19.36
N SER F 192 38.40 13.34 -18.88
CA SER F 192 39.15 14.17 -17.96
C SER F 192 38.24 14.78 -16.89
N ILE F 193 38.78 14.96 -15.68
CA ILE F 193 38.01 15.55 -14.59
C ILE F 193 38.92 16.43 -13.77
N SER F 194 38.59 17.71 -13.63
CA SER F 194 39.40 18.62 -12.85
C SER F 194 38.54 19.64 -12.12
N GLN F 195 38.89 19.93 -10.87
CA GLN F 195 38.12 20.89 -10.08
C GLN F 195 38.25 22.32 -10.56
N VAL F 196 37.16 23.06 -10.43
CA VAL F 196 37.11 24.46 -10.81
C VAL F 196 36.83 25.20 -9.51
N LYS F 197 37.74 26.11 -9.14
CA LYS F 197 37.59 26.88 -7.92
C LYS F 197 37.26 28.34 -8.19
N PRO F 198 36.00 28.74 -8.00
CA PRO F 198 35.67 30.15 -8.26
C PRO F 198 36.43 31.05 -7.29
N THR F 199 36.95 32.17 -7.80
CA THR F 199 37.71 33.09 -6.96
C THR F 199 36.83 34.30 -6.61
N LEU F 200 35.59 34.04 -6.26
CA LEU F 200 34.69 35.14 -5.93
C LEU F 200 33.57 34.66 -5.02
N GLU F 201 33.33 35.37 -3.93
CA GLU F 201 32.25 35.00 -3.02
C GLU F 201 31.03 35.05 -3.94
N CYS F 202 29.98 34.29 -3.61
CA CYS F 202 28.83 34.25 -4.49
C CYS F 202 27.76 33.30 -3.97
N ASP F 203 26.50 33.54 -4.32
CA ASP F 203 25.41 32.68 -3.87
C ASP F 203 24.93 31.75 -4.97
N PHE F 204 24.73 30.48 -4.62
CA PHE F 204 24.27 29.47 -5.58
C PHE F 204 22.90 28.98 -5.14
N LEU F 205 21.92 29.04 -6.04
CA LEU F 205 20.54 28.63 -5.73
C LEU F 205 19.95 27.61 -6.72
N VAL F 206 19.24 26.63 -6.17
CA VAL F 206 18.61 25.59 -6.97
C VAL F 206 17.10 25.71 -6.80
N GLY F 207 16.40 25.90 -7.91
CA GLY F 207 14.96 26.03 -7.87
C GLY F 207 14.32 24.85 -8.55
N TRP F 208 13.43 24.20 -7.82
CA TRP F 208 12.76 23.03 -8.34
C TRP F 208 11.41 23.45 -8.90
N THR F 209 11.15 23.08 -10.15
CA THR F 209 9.91 23.44 -10.82
C THR F 209 8.81 22.42 -10.52
N LYS F 210 9.20 21.29 -9.92
CA LYS F 210 8.26 20.22 -9.58
C LYS F 210 7.63 19.59 -10.83
N GLU F 211 8.30 19.72 -11.96
CA GLU F 211 7.78 19.16 -13.21
C GLU F 211 8.66 17.99 -13.70
N VAL F 212 8.00 16.98 -14.26
CA VAL F 212 8.71 15.81 -14.78
C VAL F 212 9.53 16.28 -15.99
N ALA F 213 10.80 15.90 -16.02
CA ALA F 213 11.67 16.32 -17.12
C ALA F 213 11.40 15.58 -18.43
N VAL F 214 12.09 16.03 -19.47
CA VAL F 214 12.01 15.46 -20.81
C VAL F 214 12.06 13.93 -20.81
N SER F 215 11.12 13.31 -21.53
CA SER F 215 11.09 11.85 -21.61
C SER F 215 12.13 11.40 -22.63
N SER F 216 12.29 10.09 -22.75
CA SER F 216 13.25 9.51 -23.68
C SER F 216 13.01 9.95 -25.12
N HIS F 217 11.78 9.79 -25.61
CA HIS F 217 11.45 10.17 -26.98
C HIS F 217 11.83 11.61 -27.28
N VAL F 219 13.98 13.45 -25.56
CA VAL F 219 15.43 13.55 -25.45
C VAL F 219 16.02 13.23 -26.81
N GLN F 220 15.58 12.11 -27.37
CA GLN F 220 16.06 11.65 -28.68
C GLN F 220 15.81 12.68 -29.78
N GLN F 221 14.66 13.33 -29.76
CA GLN F 221 14.32 14.34 -30.77
C GLN F 221 15.30 15.51 -30.61
N ILE F 222 15.69 15.79 -29.37
CA ILE F 222 16.62 16.87 -29.09
C ILE F 222 18.02 16.56 -29.60
N LYS F 223 18.59 15.45 -29.15
CA LYS F 223 19.95 15.09 -29.58
C LYS F 223 20.09 14.97 -31.08
N GLN F 224 18.96 14.99 -31.79
CA GLN F 224 18.97 14.89 -33.24
C GLN F 224 19.05 16.28 -33.85
N ASN F 225 19.00 17.31 -33.01
CA ASN F 225 19.10 18.69 -33.48
C ASN F 225 20.51 19.19 -33.23
N ILE F 226 21.37 18.32 -32.71
CA ILE F 226 22.75 18.67 -32.42
C ILE F 226 23.59 18.80 -33.68
N ASN F 227 24.30 19.92 -33.80
CA ASN F 227 25.13 20.18 -34.96
C ASN F 227 26.46 20.80 -34.56
N GLN F 228 27.36 20.93 -35.54
CA GLN F 228 28.68 21.49 -35.28
C GLN F 228 28.67 22.90 -34.70
N ASN F 229 27.79 23.76 -35.21
CA ASN F 229 27.73 25.13 -34.70
C ASN F 229 27.40 25.08 -33.21
N PHE F 230 26.54 24.15 -32.84
CA PHE F 230 26.16 23.99 -31.44
C PHE F 230 27.36 23.52 -30.63
N LEU F 231 28.00 22.44 -31.07
CA LEU F 231 29.17 21.89 -30.37
C LEU F 231 30.29 22.89 -30.20
N THR F 232 30.65 23.58 -31.28
CA THR F 232 31.71 24.59 -31.24
C THR F 232 31.38 25.67 -30.23
N SER F 233 30.20 26.26 -30.35
CA SER F 233 29.77 27.33 -29.45
C SER F 233 29.67 26.89 -28.00
N SER F 234 29.16 25.68 -27.78
CA SER F 234 29.02 25.14 -26.44
C SER F 234 30.38 25.02 -25.77
N LYS F 235 31.29 24.32 -26.43
CA LYS F 235 32.63 24.09 -25.92
C LYS F 235 33.30 25.43 -25.60
N GLU F 236 33.17 26.38 -26.52
CA GLU F 236 33.74 27.71 -26.34
C GLU F 236 33.14 28.33 -25.07
N THR F 237 31.83 28.25 -24.97
CA THR F 237 31.12 28.80 -23.82
C THR F 237 31.61 28.23 -22.49
N VAL F 238 31.79 26.92 -22.43
CA VAL F 238 32.22 26.31 -21.17
C VAL F 238 33.59 26.82 -20.73
N VAL F 239 34.51 26.95 -21.69
CA VAL F 239 35.84 27.43 -21.38
C VAL F 239 35.76 28.86 -20.88
N SER F 240 35.05 29.72 -21.61
CA SER F 240 34.91 31.12 -21.20
C SER F 240 34.37 31.19 -19.78
N LEU F 241 33.32 30.41 -19.52
CA LEU F 241 32.69 30.38 -18.20
C LEU F 241 33.68 29.94 -17.11
N VAL F 242 34.46 28.91 -17.37
CA VAL F 242 35.44 28.44 -16.38
C VAL F 242 36.44 29.55 -16.08
N GLU F 243 36.88 30.25 -17.11
CA GLU F 243 37.83 31.36 -16.96
C GLU F 243 37.22 32.45 -16.08
N ALA F 244 36.01 32.85 -16.44
CA ALA F 244 35.29 33.89 -15.70
C ALA F 244 35.15 33.51 -14.22
N LEU F 245 34.97 32.22 -13.97
CA LEU F 245 34.84 31.75 -12.60
C LEU F 245 36.19 31.84 -11.90
N GLU F 246 37.25 31.46 -12.61
CA GLU F 246 38.60 31.50 -12.05
C GLU F 246 39.11 32.92 -11.90
N GLN F 247 38.80 33.76 -12.89
CA GLN F 247 39.23 35.16 -12.84
C GLN F 247 38.31 35.95 -11.91
N GLY F 248 37.27 35.31 -11.39
CA GLY F 248 36.35 35.96 -10.48
C GLY F 248 35.71 37.25 -11.02
N LYS F 249 35.27 37.22 -12.28
CA LYS F 249 34.65 38.37 -12.92
C LYS F 249 33.13 38.21 -13.03
N SER F 250 32.37 38.77 -12.09
CA SER F 250 30.91 38.65 -12.11
C SER F 250 30.20 38.92 -13.43
N GLU F 251 30.51 40.05 -14.06
CA GLU F 251 29.85 40.36 -15.33
C GLU F 251 30.10 39.33 -16.41
N LYS F 252 31.31 38.76 -16.44
CA LYS F 252 31.65 37.76 -17.44
C LYS F 252 30.90 36.45 -17.21
N ILE F 253 30.79 36.05 -15.95
CA ILE F 253 30.10 34.84 -15.60
C ILE F 253 28.64 34.95 -16.06
N ILE F 254 27.99 36.07 -15.73
CA ILE F 254 26.62 36.30 -16.11
C ILE F 254 26.47 36.26 -17.63
N GLU F 255 27.39 36.92 -18.34
CA GLU F 255 27.34 36.92 -19.80
C GLU F 255 27.45 35.52 -20.38
N GLN F 256 28.37 34.71 -19.83
CA GLN F 256 28.56 33.34 -20.32
C GLN F 256 27.38 32.43 -19.98
N VAL F 257 26.85 32.55 -18.76
CA VAL F 257 25.71 31.71 -18.40
C VAL F 257 24.56 32.06 -19.34
N GLU F 258 24.43 33.34 -19.69
CA GLU F 258 23.40 33.81 -20.60
C GLU F 258 23.56 33.19 -22.00
N VAL F 259 24.79 33.06 -22.46
CA VAL F 259 25.03 32.48 -23.77
C VAL F 259 24.74 30.99 -23.73
N ALA F 260 25.14 30.36 -22.64
CA ALA F 260 24.93 28.93 -22.47
C ALA F 260 23.44 28.66 -22.58
N SER F 261 22.64 29.55 -22.00
CA SER F 261 21.19 29.40 -22.05
C SER F 261 20.62 29.62 -23.45
N LYS F 262 21.17 30.59 -24.18
CA LYS F 262 20.68 30.85 -25.53
C LYS F 262 20.93 29.68 -26.46
N LEU F 263 22.10 29.05 -26.33
CA LEU F 263 22.43 27.90 -27.18
C LEU F 263 21.46 26.73 -26.97
N LEU F 264 21.06 26.50 -25.72
CA LEU F 264 20.12 25.41 -25.44
C LEU F 264 18.76 25.72 -26.08
N GLU F 265 18.31 26.96 -25.94
CA GLU F 265 17.03 27.37 -26.52
C GLU F 265 17.09 27.15 -28.03
N GLY F 266 18.21 27.54 -28.63
CA GLY F 266 18.37 27.36 -30.06
C GLY F 266 18.39 25.90 -30.49
N LEU F 267 18.86 25.05 -29.59
CA LEU F 267 18.92 23.62 -29.85
C LEU F 267 17.54 22.99 -29.91
N SER F 268 16.73 23.26 -28.89
CA SER F 268 15.39 22.71 -28.83
C SER F 268 14.44 23.54 -27.97
N THR F 269 13.25 23.77 -28.50
CA THR F 269 12.23 24.54 -27.79
C THR F 269 11.68 23.72 -26.62
N ASP F 270 11.98 22.42 -26.62
CA ASP F 270 11.52 21.51 -25.57
C ASP F 270 12.27 21.65 -24.25
N ILE F 271 13.46 22.23 -24.29
CA ILE F 271 14.26 22.38 -23.08
C ILE F 271 13.66 23.37 -22.08
N TYR F 272 13.24 24.54 -22.55
CA TYR F 272 12.66 25.55 -21.67
C TYR F 272 11.14 25.54 -21.63
N THR F 273 10.59 24.91 -20.61
CA THR F 273 9.14 24.85 -20.43
C THR F 273 8.70 26.18 -19.81
N PRO F 274 7.38 26.42 -19.76
CA PRO F 274 6.84 27.66 -19.20
C PRO F 274 7.42 28.05 -17.84
N LEU F 275 7.42 27.12 -16.89
CA LEU F 275 7.94 27.42 -15.56
C LEU F 275 9.47 27.61 -15.53
N LEU F 276 10.20 26.88 -16.36
CA LEU F 276 11.64 27.05 -16.43
C LEU F 276 11.93 28.44 -17.02
N ARG F 277 11.13 28.85 -18.01
CA ARG F 277 11.29 30.16 -18.62
C ARG F 277 11.13 31.21 -17.51
N GLN F 278 10.14 31.00 -16.65
CA GLN F 278 9.86 31.91 -15.56
C GLN F 278 10.95 31.91 -14.49
N LEU F 279 11.55 30.75 -14.26
CA LEU F 279 12.62 30.64 -13.27
C LEU F 279 13.77 31.51 -13.73
N LYS F 280 14.05 31.45 -15.03
CA LYS F 280 15.11 32.24 -15.63
C LYS F 280 14.78 33.74 -15.58
N GLU F 281 13.59 34.09 -16.06
CA GLU F 281 13.13 35.48 -16.10
C GLU F 281 13.20 36.21 -14.76
N ALA F 282 12.99 35.48 -13.67
CA ALA F 282 13.03 36.04 -12.33
C ALA F 282 14.42 36.59 -12.02
N SER F 283 15.34 36.37 -12.95
CA SER F 283 16.70 36.82 -12.77
C SER F 283 16.92 38.26 -13.27
N GLN F 284 15.99 38.73 -14.11
CA GLN F 284 16.05 40.07 -14.69
C GLN F 284 16.04 41.21 -13.69
N ASP F 285 16.90 42.19 -13.95
CA ASP F 285 17.06 43.39 -13.13
C ASP F 285 17.75 43.11 -11.81
N LEU F 286 18.37 41.94 -11.69
CA LEU F 286 19.08 41.61 -10.48
C LEU F 286 20.53 41.34 -10.87
N GLN F 287 21.46 41.45 -9.92
CA GLN F 287 22.84 41.13 -10.29
C GLN F 287 22.92 39.63 -10.07
N ALA F 288 22.30 38.88 -10.97
CA ALA F 288 22.29 37.44 -10.87
C ALA F 288 21.96 36.88 -12.24
N VAL F 289 22.00 35.57 -12.39
CA VAL F 289 21.71 34.92 -13.66
C VAL F 289 21.14 33.53 -13.32
N ALA F 290 20.18 33.06 -14.10
CA ALA F 290 19.56 31.76 -13.87
C ALA F 290 19.46 31.02 -15.18
N LYS F 291 19.24 29.71 -15.13
CA LYS F 291 19.18 28.93 -16.36
C LYS F 291 18.75 27.51 -15.99
N SER F 292 18.16 26.80 -16.95
CA SER F 292 17.73 25.43 -16.68
C SER F 292 18.94 24.54 -16.49
N SER F 293 18.81 23.50 -15.67
CA SER F 293 19.92 22.59 -15.45
C SER F 293 19.62 21.17 -15.89
N GLY F 294 20.43 20.63 -16.79
CA GLY F 294 20.23 19.26 -17.21
C GLY F 294 19.46 19.03 -18.50
N ALA F 295 18.94 17.82 -18.64
CA ALA F 295 18.19 17.43 -19.83
C ALA F 295 17.08 18.41 -20.15
N GLY F 296 16.48 19.01 -19.13
CA GLY F 296 15.43 19.99 -19.35
C GLY F 296 14.00 19.46 -19.29
N GLY F 297 13.08 20.25 -19.84
CA GLY F 297 11.68 19.85 -19.84
C GLY F 297 11.08 19.94 -18.46
N GLY F 298 11.93 20.11 -17.44
CA GLY F 298 11.41 20.20 -16.10
C GLY F 298 12.51 20.14 -15.06
N ASP F 299 12.18 19.54 -13.91
CA ASP F 299 13.13 19.41 -12.80
C ASP F 299 13.69 20.75 -12.37
N CYS F 300 15.00 20.81 -12.15
CA CYS F 300 15.65 22.02 -11.66
C CYS F 300 16.23 23.06 -12.59
N GLY F 301 16.37 24.25 -12.00
CA GLY F 301 16.95 25.39 -12.66
C GLY F 301 17.95 25.88 -11.62
N ILE F 302 19.00 26.55 -12.07
CA ILE F 302 20.03 27.03 -11.15
C ILE F 302 20.23 28.52 -11.31
N ALA F 303 20.86 29.13 -10.31
CA ALA F 303 21.11 30.56 -10.34
C ALA F 303 22.31 30.97 -9.51
N LEU F 304 22.94 32.05 -9.93
CA LEU F 304 24.08 32.60 -9.22
C LEU F 304 23.78 34.06 -8.94
N SER F 305 23.73 34.41 -7.67
CA SER F 305 23.45 35.76 -7.24
C SER F 305 24.74 36.40 -6.73
N PHE F 306 24.94 37.68 -7.04
CA PHE F 306 26.16 38.38 -6.62
C PHE F 306 26.10 39.45 -5.54
N ASP F 307 24.97 39.54 -4.84
CA ASP F 307 24.81 40.46 -3.72
C ASP F 307 23.59 40.00 -2.95
N ALA F 308 23.59 40.27 -1.65
CA ALA F 308 22.50 39.84 -0.80
C ALA F 308 21.08 40.17 -1.22
N GLN F 309 20.83 41.39 -1.70
CA GLN F 309 19.47 41.76 -2.07
C GLN F 309 19.01 40.98 -3.28
N SER F 310 19.90 40.79 -4.25
CA SER F 310 19.53 40.03 -5.43
C SER F 310 19.14 38.63 -5.01
N THR F 311 19.87 38.07 -4.05
CA THR F 311 19.57 36.73 -3.58
C THR F 311 18.20 36.70 -2.92
N LYS F 312 17.92 37.68 -2.07
CA LYS F 312 16.62 37.74 -1.40
C LYS F 312 15.47 37.94 -2.40
N THR F 313 15.68 38.76 -3.42
CA THR F 313 14.61 38.99 -4.38
C THR F 313 14.36 37.78 -5.27
N LEU F 314 15.43 37.11 -5.68
CA LEU F 314 15.29 35.94 -6.52
C LEU F 314 14.49 34.87 -5.78
N LYS F 315 14.78 34.67 -4.49
CA LYS F 315 14.04 33.68 -3.71
C LYS F 315 12.56 34.04 -3.64
N ASN F 316 12.27 35.31 -3.35
CA ASN F 316 10.89 35.79 -3.25
C ASN F 316 10.14 35.60 -4.56
N ARG F 317 10.78 35.92 -5.67
CA ARG F 317 10.12 35.77 -6.97
C ARG F 317 9.85 34.29 -7.25
N TRP F 318 10.86 33.44 -7.07
CA TRP F 318 10.71 32.01 -7.30
C TRP F 318 9.52 31.50 -6.47
N ALA F 319 9.45 31.91 -5.22
CA ALA F 319 8.35 31.47 -4.35
C ALA F 319 7.01 31.93 -4.92
N ASP F 320 6.91 33.19 -5.35
CA ASP F 320 5.64 33.67 -5.89
C ASP F 320 5.25 32.94 -7.16
N LEU F 321 6.26 32.48 -7.89
CA LEU F 321 6.05 31.77 -9.15
C LEU F 321 5.70 30.29 -8.94
N GLY F 322 5.79 29.86 -7.68
CA GLY F 322 5.49 28.47 -7.38
C GLY F 322 6.71 27.58 -7.58
N ILE F 323 7.89 28.17 -7.62
CA ILE F 323 9.14 27.41 -7.76
C ILE F 323 9.69 27.18 -6.36
N GLU F 324 10.04 25.94 -6.03
CA GLU F 324 10.56 25.67 -4.70
C GLU F 324 12.09 25.68 -4.65
N LEU F 325 12.62 26.33 -3.62
CA LEU F 325 14.06 26.41 -3.41
C LEU F 325 14.53 25.11 -2.76
N LEU F 326 15.32 24.31 -3.48
CA LEU F 326 15.80 23.06 -2.94
C LEU F 326 17.11 23.21 -2.18
N TYR F 327 17.95 24.10 -2.66
CA TYR F 327 19.25 24.27 -2.06
C TYR F 327 19.79 25.68 -2.26
N GLN F 328 20.54 26.15 -1.28
CA GLN F 328 21.16 27.48 -1.31
C GLN F 328 22.56 27.30 -0.76
N GLU F 329 23.56 27.76 -1.52
CA GLU F 329 24.94 27.60 -1.08
C GLU F 329 25.79 28.81 -1.37
N ARG F 330 26.66 29.14 -0.43
CA ARG F 330 27.58 30.27 -0.55
C ARG F 330 28.86 29.75 -1.25
N ILE F 331 28.92 29.91 -2.57
CA ILE F 331 30.07 29.46 -3.35
C ILE F 331 31.36 30.19 -3.00
#